data_7DYC
# 
_entry.id   7DYC 
# 
_audit_conform.dict_name       mmcif_pdbx.dic 
_audit_conform.dict_version    5.380 
_audit_conform.dict_location   http://mmcif.pdb.org/dictionaries/ascii/mmcif_pdbx.dic 
# 
loop_
_database_2.database_id 
_database_2.database_code 
_database_2.pdbx_database_accession 
_database_2.pdbx_DOI 
PDB   7DYC         pdb_00007dyc 10.2210/pdb7dyc/pdb 
WWPDB D_1300020410 ?            ?                   
# 
_pdbx_database_status.status_code                     REL 
_pdbx_database_status.status_code_sf                  REL 
_pdbx_database_status.status_code_mr                  ? 
_pdbx_database_status.entry_id                        7DYC 
_pdbx_database_status.recvd_initial_deposition_date   2021-01-21 
_pdbx_database_status.SG_entry                        N 
_pdbx_database_status.deposit_site                    PDBJ 
_pdbx_database_status.process_site                    PDBJ 
_pdbx_database_status.status_code_cs                  ? 
_pdbx_database_status.status_code_nmr_data            ? 
_pdbx_database_status.methods_development_category    ? 
_pdbx_database_status.pdb_format_compatible           Y 
# 
loop_
_audit_author.name 
_audit_author.pdbx_ordinal 
_audit_author.identifier_ORCID 
'Yagi, S.'   1 ? 
'Tagami, S.' 2 ? 
# 
loop_
_citation.abstract 
_citation.abstract_id_CAS 
_citation.book_id_ISBN 
_citation.book_publisher 
_citation.book_publisher_city 
_citation.book_title 
_citation.coordinate_linkage 
_citation.country 
_citation.database_id_Medline 
_citation.details 
_citation.id 
_citation.journal_abbrev 
_citation.journal_id_ASTM 
_citation.journal_id_CSD 
_citation.journal_id_ISSN 
_citation.journal_full 
_citation.journal_issue 
_citation.journal_volume 
_citation.language 
_citation.page_first 
_citation.page_last 
_citation.title 
_citation.year 
_citation.database_id_CSD 
_citation.pdbx_database_id_DOI 
_citation.pdbx_database_id_PubMed 
_citation.unpublished_flag 
? ? ? ? ? ? ? US ? ? primary J.Am.Chem.Soc. JACSAT ? 1520-5126 ? ? 143 ? 15998 16006 
'Seven Amino Acid Types Suffice to Create the Core Fold of RNA Polymerase.'      2021 ? 10.1021/jacs.1c05367      34559526 ? 
? ? ? ? ? ? ? US ? ? 1       Biorxiv        ?      ? 2692-8205 ? ? ?   ? ?     ?     
'Seven amino acid types suffice to reconstruct the core fold of RNA polymerase.' 2021 ? 10.1101/2021.02.22.432383 ?        ? 
# 
loop_
_citation_author.citation_id 
_citation_author.name 
_citation_author.ordinal 
_citation_author.identifier_ORCID 
primary 'Yagi, S.'      1  ?                   
primary 'Padhi, A.K.'   2  ?                   
primary 'Vucinic, J.'   3  ?                   
primary 'Barbe, S.'     4  ?                   
primary 'Schiex, T.'    5  ?                   
primary 'Nakagawa, R.'  6  0000-0002-6178-2945 
primary 'Simoncini, D.' 7  ?                   
primary 'Zhang, K.Y.J.' 8  0000-0002-9282-8045 
primary 'Tagami, S.'    9  0000-0002-1720-3627 
1       'Yagi, S.'      10 ?                   
1       'Padhi, A.K.'   11 ?                   
1       'Vucinic, J.'   12 ?                   
1       'Barbe, S.'     13 ?                   
1       'Schiex, T.'    14 ?                   
1       'Nakagawa, R.'  15 ?                   
1       'Simoncini, D.' 16 ?                   
1       'Zhang, K.Y.J.' 17 ?                   
1       'Tagami, S.'    18 ?                   
# 
_cell.angle_alpha                  90.000 
_cell.angle_alpha_esd              ? 
_cell.angle_beta                   90.000 
_cell.angle_beta_esd               ? 
_cell.angle_gamma                  120.000 
_cell.angle_gamma_esd              ? 
_cell.entry_id                     7DYC 
_cell.details                      ? 
_cell.formula_units_Z              ? 
_cell.length_a                     52.278 
_cell.length_a_esd                 ? 
_cell.length_b                     52.278 
_cell.length_b_esd                 ? 
_cell.length_c                     146.731 
_cell.length_c_esd                 ? 
_cell.volume                       ? 
_cell.volume_esd                   ? 
_cell.Z_PDB                        24 
_cell.reciprocal_angle_alpha       ? 
_cell.reciprocal_angle_beta        ? 
_cell.reciprocal_angle_gamma       ? 
_cell.reciprocal_angle_alpha_esd   ? 
_cell.reciprocal_angle_beta_esd    ? 
_cell.reciprocal_angle_gamma_esd   ? 
_cell.reciprocal_length_a          ? 
_cell.reciprocal_length_b          ? 
_cell.reciprocal_length_c          ? 
_cell.reciprocal_length_a_esd      ? 
_cell.reciprocal_length_b_esd      ? 
_cell.reciprocal_length_c_esd      ? 
_cell.pdbx_unique_axis             ? 
# 
_symmetry.entry_id                         7DYC 
_symmetry.cell_setting                     ? 
_symmetry.Int_Tables_number                152 
_symmetry.space_group_name_Hall            ? 
_symmetry.space_group_name_H-M             'P 31 2 1' 
_symmetry.pdbx_full_space_group_name_H-M   ? 
# 
loop_
_entity.id 
_entity.type 
_entity.src_method 
_entity.pdbx_description 
_entity.formula_weight 
_entity.pdbx_number_of_molecules 
_entity.pdbx_ec 
_entity.pdbx_mutation 
_entity.pdbx_fragment 
_entity.details 
1 polymer     syn 'mk2h_deltaMILPYS protein'       5124.123 4  ? ? ? ? 
2 non-polymer syn D-MALATE                         134.087  1  ? ? ? ? 
3 non-polymer syn '(2S)-2-hydroxybutanedioic acid' 134.087  1  ? ? ? ? 
4 water       nat water                            18.015   95 ? ? ? ? 
# 
_entity_poly.entity_id                      1 
_entity_poly.type                           'polypeptide(L)' 
_entity_poly.nstd_linkage                   no 
_entity_poly.nstd_monomer                   no 
_entity_poly.pdbx_seq_one_letter_code       GPMPGKKVVARVAEARAEDVGKRVVRVDKAERAKVGVKVGDVVEVKKV 
_entity_poly.pdbx_seq_one_letter_code_can   GPMPGKKVVARVAEARAEDVGKRVVRVDKAERAKVGVKVGDVVEVKKV 
_entity_poly.pdbx_strand_id                 A,B,C,D 
_entity_poly.pdbx_target_identifier         ? 
# 
loop_
_entity_poly_seq.entity_id 
_entity_poly_seq.num 
_entity_poly_seq.mon_id 
_entity_poly_seq.hetero 
1 1  GLY n 
1 2  PRO n 
1 3  MET n 
1 4  PRO n 
1 5  GLY n 
1 6  LYS n 
1 7  LYS n 
1 8  VAL n 
1 9  VAL n 
1 10 ALA n 
1 11 ARG n 
1 12 VAL n 
1 13 ALA n 
1 14 GLU n 
1 15 ALA n 
1 16 ARG n 
1 17 ALA n 
1 18 GLU n 
1 19 ASP n 
1 20 VAL n 
1 21 GLY n 
1 22 LYS n 
1 23 ARG n 
1 24 VAL n 
1 25 VAL n 
1 26 ARG n 
1 27 VAL n 
1 28 ASP n 
1 29 LYS n 
1 30 ALA n 
1 31 GLU n 
1 32 ARG n 
1 33 ALA n 
1 34 LYS n 
1 35 VAL n 
1 36 GLY n 
1 37 VAL n 
1 38 LYS n 
1 39 VAL n 
1 40 GLY n 
1 41 ASP n 
1 42 VAL n 
1 43 VAL n 
1 44 GLU n 
1 45 VAL n 
1 46 LYS n 
1 47 LYS n 
1 48 VAL n 
# 
_pdbx_entity_src_syn.entity_id              1 
_pdbx_entity_src_syn.pdbx_src_id            1 
_pdbx_entity_src_syn.pdbx_alt_source_flag   sample 
_pdbx_entity_src_syn.pdbx_beg_seq_num       1 
_pdbx_entity_src_syn.pdbx_end_seq_num       48 
_pdbx_entity_src_syn.organism_scientific    'synthetic construct' 
_pdbx_entity_src_syn.organism_common_name   ? 
_pdbx_entity_src_syn.ncbi_taxonomy_id       32630 
_pdbx_entity_src_syn.details                ? 
# 
_struct_ref.id                         1 
_struct_ref.db_name                    PDB 
_struct_ref.db_code                    7DYC 
_struct_ref.pdbx_db_accession          7DYC 
_struct_ref.pdbx_db_isoform            ? 
_struct_ref.entity_id                  1 
_struct_ref.pdbx_seq_one_letter_code   ? 
_struct_ref.pdbx_align_begin           1 
# 
loop_
_struct_ref_seq.align_id 
_struct_ref_seq.ref_id 
_struct_ref_seq.pdbx_PDB_id_code 
_struct_ref_seq.pdbx_strand_id 
_struct_ref_seq.seq_align_beg 
_struct_ref_seq.pdbx_seq_align_beg_ins_code 
_struct_ref_seq.seq_align_end 
_struct_ref_seq.pdbx_seq_align_end_ins_code 
_struct_ref_seq.pdbx_db_accession 
_struct_ref_seq.db_align_beg 
_struct_ref_seq.pdbx_db_align_beg_ins_code 
_struct_ref_seq.db_align_end 
_struct_ref_seq.pdbx_db_align_end_ins_code 
_struct_ref_seq.pdbx_auth_seq_align_beg 
_struct_ref_seq.pdbx_auth_seq_align_end 
1 1 7DYC A 1 ? 48 ? 7DYC -1 ? 46 ? -1 46 
2 1 7DYC B 1 ? 48 ? 7DYC -1 ? 46 ? -1 46 
3 1 7DYC C 1 ? 48 ? 7DYC -1 ? 46 ? -1 46 
4 1 7DYC D 1 ? 48 ? 7DYC -1 ? 46 ? -1 46 
# 
loop_
_chem_comp.id 
_chem_comp.type 
_chem_comp.mon_nstd_flag 
_chem_comp.name 
_chem_comp.pdbx_synonyms 
_chem_comp.formula 
_chem_comp.formula_weight 
ALA 'L-peptide linking' y ALANINE                          ?                                                         'C3 H7 N O2' 
89.093  
ARG 'L-peptide linking' y ARGININE                         ?                                                         
'C6 H15 N4 O2 1' 175.209 
ASP 'L-peptide linking' y 'ASPARTIC ACID'                  ?                                                         'C4 H7 N O4' 
133.103 
GLU 'L-peptide linking' y 'GLUTAMIC ACID'                  ?                                                         'C5 H9 N O4' 
147.129 
GLY 'peptide linking'   y GLYCINE                          ?                                                         'C2 H5 N O2' 
75.067  
HOH non-polymer         . WATER                            ?                                                         'H2 O' 18.015 
LMR non-polymer         . '(2S)-2-hydroxybutanedioic acid' L-Malate                                                  'C4 H6 O5' 
134.087 
LYS 'L-peptide linking' y LYSINE                           ?                                                         
'C6 H15 N2 O2 1' 147.195 
MET 'L-peptide linking' y METHIONINE                       ?                                                         
'C5 H11 N O2 S'  149.211 
MLT non-polymer         . D-MALATE                         '(2R)-2-HYDROXYBUTANEDIOIC ACID; 2-HYDROXY-SUCCINIC ACID' 'C4 H6 O5' 
134.087 
PRO 'L-peptide linking' y PROLINE                          ?                                                         'C5 H9 N O2' 
115.130 
VAL 'L-peptide linking' y VALINE                           ?                                                         'C5 H11 N O2' 
117.146 
# 
_exptl.absorpt_coefficient_mu     ? 
_exptl.absorpt_correction_T_max   ? 
_exptl.absorpt_correction_T_min   ? 
_exptl.absorpt_correction_type    ? 
_exptl.absorpt_process_details    ? 
_exptl.entry_id                   7DYC 
_exptl.crystals_number            1 
_exptl.details                    ? 
_exptl.method                     'X-RAY DIFFRACTION' 
_exptl.method_details             ? 
# 
_exptl_crystal.colour                      ? 
_exptl_crystal.density_diffrn              ? 
_exptl_crystal.density_Matthews            3.09 
_exptl_crystal.density_method              ? 
_exptl_crystal.density_percent_sol         60.18 
_exptl_crystal.description                 ? 
_exptl_crystal.F_000                       ? 
_exptl_crystal.id                          1 
_exptl_crystal.preparation                 ? 
_exptl_crystal.size_max                    ? 
_exptl_crystal.size_mid                    ? 
_exptl_crystal.size_min                    ? 
_exptl_crystal.size_rad                    ? 
_exptl_crystal.colour_lustre               ? 
_exptl_crystal.colour_modifier             ? 
_exptl_crystal.colour_primary              ? 
_exptl_crystal.density_meas                ? 
_exptl_crystal.density_meas_esd            ? 
_exptl_crystal.density_meas_gt             ? 
_exptl_crystal.density_meas_lt             ? 
_exptl_crystal.density_meas_temp           ? 
_exptl_crystal.density_meas_temp_esd       ? 
_exptl_crystal.density_meas_temp_gt        ? 
_exptl_crystal.density_meas_temp_lt        ? 
_exptl_crystal.pdbx_crystal_image_url      ? 
_exptl_crystal.pdbx_crystal_image_format   ? 
_exptl_crystal.pdbx_mosaicity              ? 
_exptl_crystal.pdbx_mosaicity_esd          ? 
# 
_exptl_crystal_grow.apparatus       ? 
_exptl_crystal_grow.atmosphere      ? 
_exptl_crystal_grow.crystal_id      1 
_exptl_crystal_grow.details         ? 
_exptl_crystal_grow.method          'VAPOR DIFFUSION, SITTING DROP' 
_exptl_crystal_grow.method_ref      ? 
_exptl_crystal_grow.pH              ? 
_exptl_crystal_grow.pressure        ? 
_exptl_crystal_grow.pressure_esd    ? 
_exptl_crystal_grow.seeding         ? 
_exptl_crystal_grow.seeding_ref     ? 
_exptl_crystal_grow.temp            293 
_exptl_crystal_grow.temp_details    ? 
_exptl_crystal_grow.temp_esd        ? 
_exptl_crystal_grow.time            ? 
_exptl_crystal_grow.pdbx_details    '2100 mM DL Malic acid pH 7.0' 
_exptl_crystal_grow.pdbx_pH_range   ? 
# 
_diffrn.ambient_environment              ? 
_diffrn.ambient_temp                     100 
_diffrn.ambient_temp_details             ? 
_diffrn.ambient_temp_esd                 ? 
_diffrn.crystal_id                       1 
_diffrn.crystal_support                  ? 
_diffrn.crystal_treatment                ? 
_diffrn.details                          ? 
_diffrn.id                               1 
_diffrn.ambient_pressure                 ? 
_diffrn.ambient_pressure_esd             ? 
_diffrn.ambient_pressure_gt              ? 
_diffrn.ambient_pressure_lt              ? 
_diffrn.ambient_temp_gt                  ? 
_diffrn.ambient_temp_lt                  ? 
_diffrn.pdbx_serial_crystal_experiment   N 
# 
_diffrn_detector.details                      ? 
_diffrn_detector.detector                     CCD 
_diffrn_detector.diffrn_id                    1 
_diffrn_detector.type                         'RAYONIX MX225HE' 
_diffrn_detector.area_resol_mean              ? 
_diffrn_detector.dtime                        ? 
_diffrn_detector.pdbx_frames_total            ? 
_diffrn_detector.pdbx_collection_time_total   ? 
_diffrn_detector.pdbx_collection_date         2020-12-10 
_diffrn_detector.pdbx_frequency               ? 
# 
_diffrn_radiation.collimation                      ? 
_diffrn_radiation.diffrn_id                        1 
_diffrn_radiation.filter_edge                      ? 
_diffrn_radiation.inhomogeneity                    ? 
_diffrn_radiation.monochromator                    ? 
_diffrn_radiation.polarisn_norm                    ? 
_diffrn_radiation.polarisn_ratio                   ? 
_diffrn_radiation.probe                            ? 
_diffrn_radiation.type                             ? 
_diffrn_radiation.xray_symbol                      ? 
_diffrn_radiation.wavelength_id                    1 
_diffrn_radiation.pdbx_monochromatic_or_laue_m_l   M 
_diffrn_radiation.pdbx_wavelength_list             ? 
_diffrn_radiation.pdbx_wavelength                  ? 
_diffrn_radiation.pdbx_diffrn_protocol             'SINGLE WAVELENGTH' 
_diffrn_radiation.pdbx_analyzer                    ? 
_diffrn_radiation.pdbx_scattering_type             x-ray 
# 
_diffrn_radiation_wavelength.id           1 
_diffrn_radiation_wavelength.wavelength   1 
_diffrn_radiation_wavelength.wt           1.0 
# 
_diffrn_source.current                     ? 
_diffrn_source.details                     ? 
_diffrn_source.diffrn_id                   1 
_diffrn_source.power                       ? 
_diffrn_source.size                        ? 
_diffrn_source.source                      SYNCHROTRON 
_diffrn_source.target                      ? 
_diffrn_source.type                        'SPRING-8 BEAMLINE BL26B2' 
_diffrn_source.voltage                     ? 
_diffrn_source.take-off_angle              ? 
_diffrn_source.pdbx_wavelength_list        1 
_diffrn_source.pdbx_wavelength             ? 
_diffrn_source.pdbx_synchrotron_beamline   BL26B2 
_diffrn_source.pdbx_synchrotron_site       SPring-8 
# 
_reflns.B_iso_Wilson_estimate            ? 
_reflns.entry_id                         7DYC 
_reflns.data_reduction_details           ? 
_reflns.data_reduction_method            ? 
_reflns.d_resolution_high                2.3 
_reflns.d_resolution_low                 50 
_reflns.details                          ? 
_reflns.limit_h_max                      ? 
_reflns.limit_h_min                      ? 
_reflns.limit_k_max                      ? 
_reflns.limit_k_min                      ? 
_reflns.limit_l_max                      ? 
_reflns.limit_l_min                      ? 
_reflns.number_all                       ? 
_reflns.number_obs                       10931 
_reflns.observed_criterion               ? 
_reflns.observed_criterion_F_max         ? 
_reflns.observed_criterion_F_min         ? 
_reflns.observed_criterion_I_max         ? 
_reflns.observed_criterion_I_min         ? 
_reflns.observed_criterion_sigma_F       ? 
_reflns.observed_criterion_sigma_I       ? 
_reflns.percent_possible_obs             99.7 
_reflns.R_free_details                   ? 
_reflns.Rmerge_F_all                     ? 
_reflns.Rmerge_F_obs                     ? 
_reflns.Friedel_coverage                 ? 
_reflns.number_gt                        ? 
_reflns.threshold_expression             ? 
_reflns.pdbx_redundancy                  21.19 
_reflns.pdbx_Rmerge_I_obs                ? 
_reflns.pdbx_Rmerge_I_all                ? 
_reflns.pdbx_Rsym_value                  ? 
_reflns.pdbx_netI_over_av_sigmaI         ? 
_reflns.pdbx_netI_over_sigmaI            17.17 
_reflns.pdbx_res_netI_over_av_sigmaI_2   ? 
_reflns.pdbx_res_netI_over_sigmaI_2      ? 
_reflns.pdbx_chi_squared                 ? 
_reflns.pdbx_scaling_rejects             ? 
_reflns.pdbx_d_res_high_opt              ? 
_reflns.pdbx_d_res_low_opt               ? 
_reflns.pdbx_d_res_opt_method            ? 
_reflns.phase_calculation_details        ? 
_reflns.pdbx_Rrim_I_all                  ? 
_reflns.pdbx_Rpim_I_all                  ? 
_reflns.pdbx_d_opt                       ? 
_reflns.pdbx_number_measured_all         ? 
_reflns.pdbx_diffrn_id                   1 
_reflns.pdbx_ordinal                     1 
_reflns.pdbx_CC_half                     0.998 
_reflns.pdbx_CC_star                     ? 
_reflns.pdbx_R_split                     ? 
# 
_reflns_shell.d_res_high                  2.3 
_reflns_shell.d_res_low                   2.44 
_reflns_shell.meanI_over_sigI_all         ? 
_reflns_shell.meanI_over_sigI_obs         ? 
_reflns_shell.number_measured_all         ? 
_reflns_shell.number_measured_obs         ? 
_reflns_shell.number_possible             ? 
_reflns_shell.number_unique_all           ? 
_reflns_shell.number_unique_obs           1638 
_reflns_shell.percent_possible_all        ? 
_reflns_shell.percent_possible_obs        ? 
_reflns_shell.Rmerge_F_all                ? 
_reflns_shell.Rmerge_F_obs                ? 
_reflns_shell.Rmerge_I_all                ? 
_reflns_shell.Rmerge_I_obs                ? 
_reflns_shell.meanI_over_sigI_gt          ? 
_reflns_shell.meanI_over_uI_all           ? 
_reflns_shell.meanI_over_uI_gt            ? 
_reflns_shell.number_measured_gt          ? 
_reflns_shell.number_unique_gt            ? 
_reflns_shell.percent_possible_gt         ? 
_reflns_shell.Rmerge_F_gt                 ? 
_reflns_shell.Rmerge_I_gt                 ? 
_reflns_shell.pdbx_redundancy             ? 
_reflns_shell.pdbx_Rsym_value             ? 
_reflns_shell.pdbx_chi_squared            ? 
_reflns_shell.pdbx_netI_over_sigmaI_all   ? 
_reflns_shell.pdbx_netI_over_sigmaI_obs   ? 
_reflns_shell.pdbx_Rrim_I_all             ? 
_reflns_shell.pdbx_Rpim_I_all             ? 
_reflns_shell.pdbx_rejects                ? 
_reflns_shell.pdbx_ordinal                1 
_reflns_shell.pdbx_diffrn_id              1 
_reflns_shell.pdbx_CC_half                0.857 
_reflns_shell.pdbx_CC_star                ? 
_reflns_shell.pdbx_R_split                ? 
# 
_refine.aniso_B[1][1]                            ? 
_refine.aniso_B[1][2]                            ? 
_refine.aniso_B[1][3]                            ? 
_refine.aniso_B[2][2]                            ? 
_refine.aniso_B[2][3]                            ? 
_refine.aniso_B[3][3]                            ? 
_refine.B_iso_max                                89.190 
_refine.B_iso_mean                               38.7176 
_refine.B_iso_min                                17.250 
_refine.correlation_coeff_Fo_to_Fc               ? 
_refine.correlation_coeff_Fo_to_Fc_free          ? 
_refine.details                                  ? 
_refine.diff_density_max                         ? 
_refine.diff_density_max_esd                     ? 
_refine.diff_density_min                         ? 
_refine.diff_density_min_esd                     ? 
_refine.diff_density_rms                         ? 
_refine.diff_density_rms_esd                     ? 
_refine.entry_id                                 7DYC 
_refine.pdbx_refine_id                           'X-RAY DIFFRACTION' 
_refine.ls_abs_structure_details                 ? 
_refine.ls_abs_structure_Flack                   ? 
_refine.ls_abs_structure_Flack_esd               ? 
_refine.ls_abs_structure_Rogers                  ? 
_refine.ls_abs_structure_Rogers_esd              ? 
_refine.ls_d_res_high                            2.3000 
_refine.ls_d_res_low                             33.2250 
_refine.ls_extinction_coef                       ? 
_refine.ls_extinction_coef_esd                   ? 
_refine.ls_extinction_expression                 ? 
_refine.ls_extinction_method                     ? 
_refine.ls_goodness_of_fit_all                   ? 
_refine.ls_goodness_of_fit_all_esd               ? 
_refine.ls_goodness_of_fit_obs                   ? 
_refine.ls_goodness_of_fit_obs_esd               ? 
_refine.ls_hydrogen_treatment                    ? 
_refine.ls_matrix_type                           ? 
_refine.ls_number_constraints                    ? 
_refine.ls_number_parameters                     ? 
_refine.ls_number_reflns_all                     ? 
_refine.ls_number_reflns_obs                     10923 
_refine.ls_number_reflns_R_free                  1092 
_refine.ls_number_reflns_R_work                  9831 
_refine.ls_number_restraints                     ? 
_refine.ls_percent_reflns_obs                    99.9700 
_refine.ls_percent_reflns_R_free                 10.0000 
_refine.ls_R_factor_all                          ? 
_refine.ls_R_factor_obs                          0.2291 
_refine.ls_R_factor_R_free                       0.2617 
_refine.ls_R_factor_R_free_error                 ? 
_refine.ls_R_factor_R_free_error_details         ? 
_refine.ls_R_factor_R_work                       0.2255 
_refine.ls_R_Fsqd_factor_obs                     ? 
_refine.ls_R_I_factor_obs                        ? 
_refine.ls_redundancy_reflns_all                 ? 
_refine.ls_redundancy_reflns_obs                 ? 
_refine.ls_restrained_S_all                      ? 
_refine.ls_restrained_S_obs                      ? 
_refine.ls_shift_over_esd_max                    ? 
_refine.ls_shift_over_esd_mean                   ? 
_refine.ls_structure_factor_coef                 ? 
_refine.ls_weighting_details                     ? 
_refine.ls_weighting_scheme                      ? 
_refine.ls_wR_factor_all                         ? 
_refine.ls_wR_factor_obs                         ? 
_refine.ls_wR_factor_R_free                      ? 
_refine.ls_wR_factor_R_work                      ? 
_refine.occupancy_max                            ? 
_refine.occupancy_min                            ? 
_refine.solvent_model_details                    'FLAT BULK SOLVENT MODEL' 
_refine.solvent_model_param_bsol                 ? 
_refine.solvent_model_param_ksol                 ? 
_refine.pdbx_R_complete                          ? 
_refine.ls_R_factor_gt                           ? 
_refine.ls_goodness_of_fit_gt                    ? 
_refine.ls_goodness_of_fit_ref                   ? 
_refine.ls_shift_over_su_max                     ? 
_refine.ls_shift_over_su_max_lt                  ? 
_refine.ls_shift_over_su_mean                    ? 
_refine.ls_shift_over_su_mean_lt                 ? 
_refine.pdbx_ls_sigma_I                          ? 
_refine.pdbx_ls_sigma_F                          1.460 
_refine.pdbx_ls_sigma_Fsqd                       ? 
_refine.pdbx_data_cutoff_high_absF               ? 
_refine.pdbx_data_cutoff_high_rms_absF           ? 
_refine.pdbx_data_cutoff_low_absF                ? 
_refine.pdbx_isotropic_thermal_model             ? 
_refine.pdbx_ls_cross_valid_method               THROUGHOUT 
_refine.pdbx_method_to_determine_struct          'MOLECULAR REPLACEMENT' 
_refine.pdbx_starting_model                      7DXZ 
_refine.pdbx_stereochemistry_target_values       ML 
_refine.pdbx_R_Free_selection_details            ? 
_refine.pdbx_stereochem_target_val_spec_case     ? 
_refine.pdbx_overall_ESU_R                       ? 
_refine.pdbx_overall_ESU_R_Free                  ? 
_refine.pdbx_solvent_vdw_probe_radii             1.1100 
_refine.pdbx_solvent_ion_probe_radii             ? 
_refine.pdbx_solvent_shrinkage_radii             0.9000 
_refine.pdbx_real_space_R                        ? 
_refine.pdbx_density_correlation                 ? 
_refine.pdbx_pd_number_of_powder_patterns        ? 
_refine.pdbx_pd_number_of_points                 ? 
_refine.pdbx_pd_meas_number_of_points            ? 
_refine.pdbx_pd_proc_ls_prof_R_factor            ? 
_refine.pdbx_pd_proc_ls_prof_wR_factor           ? 
_refine.pdbx_pd_Marquardt_correlation_coeff      ? 
_refine.pdbx_pd_Fsqrd_R_factor                   ? 
_refine.pdbx_pd_ls_matrix_band_width             ? 
_refine.pdbx_overall_phase_error                 25.3200 
_refine.pdbx_overall_SU_R_free_Cruickshank_DPI   ? 
_refine.pdbx_overall_SU_R_free_Blow_DPI          ? 
_refine.pdbx_overall_SU_R_Blow_DPI               ? 
_refine.pdbx_TLS_residual_ADP_flag               ? 
_refine.pdbx_diffrn_id                           1 
_refine.overall_SU_B                             ? 
_refine.overall_SU_ML                            0.2900 
_refine.overall_SU_R_Cruickshank_DPI             ? 
_refine.overall_SU_R_free                        ? 
_refine.overall_FOM_free_R_set                   ? 
_refine.overall_FOM_work_R_set                   ? 
_refine.pdbx_average_fsc_overall                 ? 
_refine.pdbx_average_fsc_work                    ? 
_refine.pdbx_average_fsc_free                    ? 
# 
_refine_hist.pdbx_refine_id                   'X-RAY DIFFRACTION' 
_refine_hist.cycle_id                         final 
_refine_hist.details                          ? 
_refine_hist.d_res_high                       2.3000 
_refine_hist.d_res_low                        33.2250 
_refine_hist.number_atoms_solvent             95 
_refine_hist.number_atoms_total               1389 
_refine_hist.number_reflns_all                ? 
_refine_hist.number_reflns_obs                ? 
_refine_hist.number_reflns_R_free             ? 
_refine_hist.number_reflns_R_work             ? 
_refine_hist.R_factor_all                     ? 
_refine_hist.R_factor_obs                     ? 
_refine_hist.R_factor_R_free                  ? 
_refine_hist.R_factor_R_work                  ? 
_refine_hist.pdbx_number_residues_total       168 
_refine_hist.pdbx_B_iso_mean_ligand           45.96 
_refine_hist.pdbx_B_iso_mean_solvent          46.22 
_refine_hist.pdbx_number_atoms_protein        1276 
_refine_hist.pdbx_number_atoms_nucleic_acid   0 
_refine_hist.pdbx_number_atoms_ligand         18 
_refine_hist.pdbx_number_atoms_lipid          ? 
_refine_hist.pdbx_number_atoms_carb           ? 
_refine_hist.pdbx_pseudo_atom_details         ? 
# 
loop_
_refine_ls_shell.pdbx_refine_id 
_refine_ls_shell.d_res_high 
_refine_ls_shell.d_res_low 
_refine_ls_shell.number_reflns_all 
_refine_ls_shell.number_reflns_obs 
_refine_ls_shell.number_reflns_R_free 
_refine_ls_shell.number_reflns_R_work 
_refine_ls_shell.percent_reflns_obs 
_refine_ls_shell.percent_reflns_R_free 
_refine_ls_shell.R_factor_all 
_refine_ls_shell.R_factor_obs 
_refine_ls_shell.R_factor_R_free 
_refine_ls_shell.R_factor_R_free_error 
_refine_ls_shell.R_factor_R_work 
_refine_ls_shell.redundancy_reflns_all 
_refine_ls_shell.redundancy_reflns_obs 
_refine_ls_shell.wR_factor_all 
_refine_ls_shell.wR_factor_obs 
_refine_ls_shell.wR_factor_R_free 
_refine_ls_shell.wR_factor_R_work 
_refine_ls_shell.pdbx_R_complete 
_refine_ls_shell.pdbx_total_number_of_bins_used 
_refine_ls_shell.pdbx_phase_error 
_refine_ls_shell.pdbx_fsc_work 
_refine_ls_shell.pdbx_fsc_free 
'X-RAY DIFFRACTION' 2.3003 2.4049  . . 136 1200 100.0000 . . . 0.3084 0.0000 0.2676 . . . . . . . . . . . 
'X-RAY DIFFRACTION' 2.4049 2.5317  . . 131 1186 100.0000 . . . 0.2739 0.0000 0.2534 . . . . . . . . . . . 
'X-RAY DIFFRACTION' 2.5317 2.6902  . . 136 1212 100.0000 . . . 0.2852 0.0000 0.2488 . . . . . . . . . . . 
'X-RAY DIFFRACTION' 2.6902 2.8978  . . 134 1216 100.0000 . . . 0.3244 0.0000 0.2444 . . . . . . . . . . . 
'X-RAY DIFFRACTION' 2.8978 3.1893  . . 132 1204 100.0000 . . . 0.2569 0.0000 0.2345 . . . . . . . . . . . 
'X-RAY DIFFRACTION' 3.1893 3.6503  . . 138 1226 100.0000 . . . 0.2430 0.0000 0.2031 . . . . . . . . . . . 
'X-RAY DIFFRACTION' 3.6503 4.5970  . . 140 1262 100.0000 . . . 0.2106 0.0000 0.1856 . . . . . . . . . . . 
'X-RAY DIFFRACTION' 4.5970 33.2250 . . 145 1325 100.0000 . . . 0.2871 0.0000 0.2433 . . . . . . . . . . . 
# 
_struct.entry_id                     7DYC 
_struct.title                        
'Crystal structure of the chemically synthesized mk2h_deltaMILPYS peptide homodimer in complex with malate' 
_struct.pdbx_model_details           ? 
_struct.pdbx_formula_weight          ? 
_struct.pdbx_formula_weight_method   ? 
_struct.pdbx_model_type_details      ? 
_struct.pdbx_CASP_flag               N 
# 
_struct_keywords.entry_id        7DYC 
_struct_keywords.text            'Double psi beta barrel, CHAPERONE' 
_struct_keywords.pdbx_keywords   CHAPERONE 
# 
loop_
_struct_asym.id 
_struct_asym.pdbx_blank_PDB_chainid_flag 
_struct_asym.pdbx_modified 
_struct_asym.entity_id 
_struct_asym.details 
A N N 1 ? 
B N N 1 ? 
C N N 1 ? 
D N N 1 ? 
E N N 2 ? 
F N N 3 ? 
G N N 4 ? 
H N N 4 ? 
I N N 4 ? 
J N N 4 ? 
# 
loop_
_struct_conf.conf_type_id 
_struct_conf.id 
_struct_conf.pdbx_PDB_helix_id 
_struct_conf.beg_label_comp_id 
_struct_conf.beg_label_asym_id 
_struct_conf.beg_label_seq_id 
_struct_conf.pdbx_beg_PDB_ins_code 
_struct_conf.end_label_comp_id 
_struct_conf.end_label_asym_id 
_struct_conf.end_label_seq_id 
_struct_conf.pdbx_end_PDB_ins_code 
_struct_conf.beg_auth_comp_id 
_struct_conf.beg_auth_asym_id 
_struct_conf.beg_auth_seq_id 
_struct_conf.end_auth_comp_id 
_struct_conf.end_auth_asym_id 
_struct_conf.end_auth_seq_id 
_struct_conf.pdbx_PDB_helix_class 
_struct_conf.details 
_struct_conf.pdbx_PDB_helix_length 
HELX_P HELX_P1 AA1 ARG A 16 ? VAL A 20 ? ARG A 14 VAL A 18 5 ? 5 
HELX_P HELX_P2 AA2 ASP A 28 ? GLY A 36 ? ASP A 26 GLY A 34 1 ? 9 
HELX_P HELX_P3 AA3 ARG B 16 ? VAL B 20 ? ARG B 14 VAL B 18 5 ? 5 
HELX_P HELX_P4 AA4 ASP B 28 ? GLY B 36 ? ASP B 26 GLY B 34 1 ? 9 
HELX_P HELX_P5 AA5 ARG C 16 ? VAL C 20 ? ARG C 14 VAL C 18 5 ? 5 
HELX_P HELX_P6 AA6 ASP C 28 ? GLY C 36 ? ASP C 26 GLY C 34 1 ? 9 
HELX_P HELX_P7 AA7 ARG D 16 ? VAL D 20 ? ARG D 14 VAL D 18 5 ? 5 
HELX_P HELX_P8 AA8 ASP D 28 ? GLY D 36 ? ASP D 26 GLY D 34 1 ? 9 
# 
_struct_conf_type.id          HELX_P 
_struct_conf_type.criteria    ? 
_struct_conf_type.reference   ? 
# 
_struct_sheet.id               AA1 
_struct_sheet.type             ? 
_struct_sheet.number_strands   7 
_struct_sheet.details          ? 
# 
loop_
_struct_sheet_order.sheet_id 
_struct_sheet_order.range_id_1 
_struct_sheet_order.range_id_2 
_struct_sheet_order.offset 
_struct_sheet_order.sense 
AA1 1 2 ? parallel      
AA1 2 3 ? anti-parallel 
AA1 3 4 ? parallel      
AA1 4 5 ? anti-parallel 
AA1 5 6 ? anti-parallel 
AA1 6 7 ? anti-parallel 
# 
loop_
_struct_sheet_range.sheet_id 
_struct_sheet_range.id 
_struct_sheet_range.beg_label_comp_id 
_struct_sheet_range.beg_label_asym_id 
_struct_sheet_range.beg_label_seq_id 
_struct_sheet_range.pdbx_beg_PDB_ins_code 
_struct_sheet_range.end_label_comp_id 
_struct_sheet_range.end_label_asym_id 
_struct_sheet_range.end_label_seq_id 
_struct_sheet_range.pdbx_end_PDB_ins_code 
_struct_sheet_range.beg_auth_comp_id 
_struct_sheet_range.beg_auth_asym_id 
_struct_sheet_range.beg_auth_seq_id 
_struct_sheet_range.end_auth_comp_id 
_struct_sheet_range.end_auth_asym_id 
_struct_sheet_range.end_auth_seq_id 
AA1 1 VAL B 9  ? GLU B 14 ? VAL B 7  GLU B 12 
AA1 2 VAL D 24 ? VAL D 27 ? VAL D 22 VAL D 25 
AA1 3 VAL B 24 ? VAL B 27 ? VAL B 22 VAL B 25 
AA1 4 VAL D 9  ? GLU D 14 ? VAL D 7  GLU D 12 
AA1 5 VAL B 42 ? LYS B 47 ? VAL B 40 LYS B 45 
AA1 6 VAL D 42 ? LYS D 47 ? VAL D 40 LYS D 45 
AA1 7 VAL B 9  ? GLU B 14 ? VAL B 7  GLU B 12 
# 
loop_
_pdbx_struct_sheet_hbond.sheet_id 
_pdbx_struct_sheet_hbond.range_id_1 
_pdbx_struct_sheet_hbond.range_id_2 
_pdbx_struct_sheet_hbond.range_1_label_atom_id 
_pdbx_struct_sheet_hbond.range_1_label_comp_id 
_pdbx_struct_sheet_hbond.range_1_label_asym_id 
_pdbx_struct_sheet_hbond.range_1_label_seq_id 
_pdbx_struct_sheet_hbond.range_1_PDB_ins_code 
_pdbx_struct_sheet_hbond.range_1_auth_atom_id 
_pdbx_struct_sheet_hbond.range_1_auth_comp_id 
_pdbx_struct_sheet_hbond.range_1_auth_asym_id 
_pdbx_struct_sheet_hbond.range_1_auth_seq_id 
_pdbx_struct_sheet_hbond.range_2_label_atom_id 
_pdbx_struct_sheet_hbond.range_2_label_comp_id 
_pdbx_struct_sheet_hbond.range_2_label_asym_id 
_pdbx_struct_sheet_hbond.range_2_label_seq_id 
_pdbx_struct_sheet_hbond.range_2_PDB_ins_code 
_pdbx_struct_sheet_hbond.range_2_auth_atom_id 
_pdbx_struct_sheet_hbond.range_2_auth_comp_id 
_pdbx_struct_sheet_hbond.range_2_auth_asym_id 
_pdbx_struct_sheet_hbond.range_2_auth_seq_id 
AA1 1 2 N ARG B 11 ? N ARG B 9  O VAL D 25 ? O VAL D 23 
AA1 2 3 O ARG D 26 ? O ARG D 24 N ARG B 26 ? N ARG B 24 
AA1 3 4 N VAL B 25 ? N VAL B 23 O ARG D 11 ? O ARG D 9  
AA1 4 5 O ALA D 10 ? O ALA D 8  N VAL B 43 ? N VAL B 41 
AA1 5 6 N LYS B 46 ? N LYS B 44 O GLU D 44 ? O GLU D 42 
AA1 6 7 O VAL D 43 ? O VAL D 41 N ALA B 10 ? N ALA B 8  
# 
loop_
_struct_site.id 
_struct_site.pdbx_evidence_code 
_struct_site.pdbx_auth_asym_id 
_struct_site.pdbx_auth_comp_id 
_struct_site.pdbx_auth_seq_id 
_struct_site.pdbx_auth_ins_code 
_struct_site.pdbx_num_residues 
_struct_site.details 
AC1 Software A MLT 101 ? 10 'binding site for residue MLT A 101' 
AC2 Software C LMR 101 ? 6  'binding site for residue LMR C 101' 
# 
loop_
_struct_site_gen.id 
_struct_site_gen.site_id 
_struct_site_gen.pdbx_num_res 
_struct_site_gen.label_comp_id 
_struct_site_gen.label_asym_id 
_struct_site_gen.label_seq_id 
_struct_site_gen.pdbx_auth_ins_code 
_struct_site_gen.auth_comp_id 
_struct_site_gen.auth_asym_id 
_struct_site_gen.auth_seq_id 
_struct_site_gen.label_atom_id 
_struct_site_gen.label_alt_id 
_struct_site_gen.symmetry 
_struct_site_gen.details 
1  AC1 10 GLU A 14 ? GLU A 12  . ? 4_555 ? 
2  AC1 10 ALA A 15 ? ALA A 13  . ? 4_555 ? 
3  AC1 10 VAL A 20 ? VAL A 18  . ? 4_555 ? 
4  AC1 10 VAL A 27 ? VAL A 25  . ? 1_555 ? 
5  AC1 10 ASP A 28 ? ASP A 26  . ? 1_555 ? 
6  AC1 10 LYS A 29 ? LYS A 27  . ? 1_555 ? 
7  AC1 10 ARG A 32 ? ARG A 30  . ? 1_555 ? 
8  AC1 10 HOH G .  ? HOH A 207 . ? 1_555 ? 
9  AC1 10 ARG C 11 ? ARG C 9   . ? 3_554 ? 
10 AC1 10 HOH I .  ? HOH C 206 . ? 4_555 ? 
11 AC2 6  ARG B 11 ? ARG B 9   . ? 2_445 ? 
12 AC2 6  GLU C 14 ? GLU C 12  . ? 6_555 ? 
13 AC2 6  ALA C 15 ? ALA C 13  . ? 6_555 ? 
14 AC2 6  LYS C 29 ? LYS C 27  . ? 1_555 ? 
15 AC2 6  ARG C 32 ? ARG C 30  . ? 1_555 ? 
16 AC2 6  HOH I .  ? HOH C 201 . ? 1_555 ? 
# 
_atom_sites.entry_id                    7DYC 
_atom_sites.Cartn_transf_matrix[1][1]   ? 
_atom_sites.Cartn_transf_matrix[1][2]   ? 
_atom_sites.Cartn_transf_matrix[1][3]   ? 
_atom_sites.Cartn_transf_matrix[2][1]   ? 
_atom_sites.Cartn_transf_matrix[2][2]   ? 
_atom_sites.Cartn_transf_matrix[2][3]   ? 
_atom_sites.Cartn_transf_matrix[3][1]   ? 
_atom_sites.Cartn_transf_matrix[3][2]   ? 
_atom_sites.Cartn_transf_matrix[3][3]   ? 
_atom_sites.Cartn_transf_vector[1]      ? 
_atom_sites.Cartn_transf_vector[2]      ? 
_atom_sites.Cartn_transf_vector[3]      ? 
_atom_sites.fract_transf_matrix[1][1]   0.00775264 
_atom_sites.fract_transf_matrix[1][2]   -0.00022804 
_atom_sites.fract_transf_matrix[1][3]   0.02068171 
_atom_sites.fract_transf_matrix[2][1]   -0.01293527 
_atom_sites.fract_transf_matrix[2][2]   0.00641731 
_atom_sites.fract_transf_matrix[2][3]   0.01671456 
_atom_sites.fract_transf_matrix[3][1]   -0.00220218 
_atom_sites.fract_transf_matrix[3][2]   -0.00640506 
_atom_sites.fract_transf_matrix[3][3]   0.00075487 
_atom_sites.fract_transf_vector[1]      -0.079992 
_atom_sites.fract_transf_vector[2]      -0.387660 
_atom_sites.fract_transf_vector[3]      0.017483 
_atom_sites.solution_primary            ? 
_atom_sites.solution_secondary          ? 
_atom_sites.solution_hydrogens          ? 
_atom_sites.special_details             ? 
# 
loop_
_atom_type.symbol 
C 
N 
O 
# 
loop_
_atom_site.group_PDB 
_atom_site.id 
_atom_site.type_symbol 
_atom_site.label_atom_id 
_atom_site.label_alt_id 
_atom_site.label_comp_id 
_atom_site.label_asym_id 
_atom_site.label_entity_id 
_atom_site.label_seq_id 
_atom_site.pdbx_PDB_ins_code 
_atom_site.Cartn_x 
_atom_site.Cartn_y 
_atom_site.Cartn_z 
_atom_site.occupancy 
_atom_site.B_iso_or_equiv 
_atom_site.pdbx_formal_charge 
_atom_site.auth_seq_id 
_atom_site.auth_comp_id 
_atom_site.auth_asym_id 
_atom_site.auth_atom_id 
_atom_site.pdbx_PDB_model_num 
ATOM   1    N N   . LYS A 1 7  ? -18.164 17.835  13.748  1.00 45.29 ? 5   LYS A N   1 
ATOM   2    C CA  . LYS A 1 7  ? -18.076 16.495  13.128  1.00 44.00 ? 5   LYS A CA  1 
ATOM   3    C C   . LYS A 1 7  ? -18.004 16.602  11.597  1.00 43.64 ? 5   LYS A C   1 
ATOM   4    O O   . LYS A 1 7  ? -18.852 17.240  11.024  1.00 41.81 ? 5   LYS A O   1 
ATOM   5    C CB  . LYS A 1 7  ? -19.276 15.649  13.548  1.00 37.28 ? 5   LYS A CB  1 
ATOM   6    C CG  . LYS A 1 7  ? -19.022 14.737  14.724  1.00 40.12 ? 5   LYS A CG  1 
ATOM   7    C CD  . LYS A 1 7  ? -19.910 13.545  14.792  1.00 40.25 ? 5   LYS A CD  1 
ATOM   8    C CE  . LYS A 1 7  ? -20.080 13.061  16.211  1.00 46.06 ? 5   LYS A CE  1 
ATOM   9    N NZ  . LYS A 1 7  ? -21.084 11.987  16.338  1.00 46.61 ? 5   LYS A NZ  1 
ATOM   10   N N   . VAL A 1 8  ? -16.984 16.020  10.979  1.00 35.29 ? 6   VAL A N   1 
ATOM   11   C CA  . VAL A 1 8  ? -16.965 15.993  9.492   1.00 27.30 ? 6   VAL A CA  1 
ATOM   12   C C   . VAL A 1 8  ? -17.635 14.695  9.077   1.00 28.51 ? 6   VAL A C   1 
ATOM   13   O O   . VAL A 1 8  ? -17.207 13.672  9.472   1.00 28.43 ? 6   VAL A O   1 
ATOM   14   C CB  . VAL A 1 8  ? -15.584 16.151  8.865   1.00 36.79 ? 6   VAL A CB  1 
ATOM   15   C CG1 . VAL A 1 8  ? -15.678 16.061  7.358   1.00 20.45 ? 6   VAL A CG1 1 
ATOM   16   C CG2 . VAL A 1 8  ? -14.934 17.440  9.299   1.00 33.31 ? 6   VAL A CG2 1 
ATOM   17   N N   . VAL A 1 9  ? -18.706 14.777  8.306   1.00 24.97 ? 7   VAL A N   1 
ATOM   18   C CA  . VAL A 1 9  ? -19.464 13.552  7.959   1.00 27.71 ? 7   VAL A CA  1 
ATOM   19   C C   . VAL A 1 9  ? -19.612 13.410  6.462   1.00 24.51 ? 7   VAL A C   1 
ATOM   20   O O   . VAL A 1 9  ? -19.724 14.375  5.803   1.00 27.29 ? 7   VAL A O   1 
ATOM   21   C CB  . VAL A 1 9  ? -20.821 13.457  8.668   1.00 29.19 ? 7   VAL A CB  1 
ATOM   22   C CG1 . VAL A 1 9  ? -20.666 13.505  10.155  1.00 24.81 ? 7   VAL A CG1 1 
ATOM   23   C CG2 . VAL A 1 9  ? -21.812 14.483  8.179   1.00 36.48 ? 7   VAL A CG2 1 
ATOM   24   N N   . ALA A 1 10 ? -19.651 12.178  5.983   1.00 26.30 ? 8   ALA A N   1 
ATOM   25   C CA  . ALA A 1 10 ? -19.735 11.899  4.541   1.00 27.33 ? 8   ALA A CA  1 
ATOM   26   C C   . ALA A 1 10 ? -20.480 10.603  4.261   1.00 24.49 ? 8   ALA A C   1 
ATOM   27   O O   . ALA A 1 10 ? -20.530 9.755   5.086   1.00 24.71 ? 8   ALA A O   1 
ATOM   28   C CB  . ALA A 1 10 ? -18.357 11.836  3.953   1.00 24.57 ? 8   ALA A CB  1 
ATOM   29   N N   . ARG A 1 11 ? -21.010 10.503  3.053   1.00 24.92 ? 9   ARG A N   1 
ATOM   30   C CA  . ARG A 1 11 ? -21.716 9.290   2.616   1.00 25.01 ? 9   ARG A CA  1 
ATOM   31   C C   . ARG A 1 11 ? -20.669 8.294   2.134   1.00 24.47 ? 9   ARG A C   1 
ATOM   32   O O   . ARG A 1 11 ? -19.775 8.682   1.464   1.00 22.30 ? 9   ARG A O   1 
ATOM   33   C CB  . ARG A 1 11 ? -22.833 9.603   1.615   1.00 23.62 ? 9   ARG A CB  1 
ATOM   34   C CG  . ARG A 1 11 ? -23.482 8.354   1.039   1.00 36.95 ? 9   ARG A CG  1 
ATOM   35   C CD  . ARG A 1 11 ? -24.798 8.468   0.298   1.00 41.11 ? 9   ARG A CD  1 
ATOM   36   N NE  . ARG A 1 11 ? -24.830 7.930   -1.051  1.00 37.48 ? 9   ARG A NE  1 
ATOM   37   C CZ  . ARG A 1 11 ? -25.943 7.648   -1.703  1.00 43.41 ? 9   ARG A CZ  1 
ATOM   38   N NH1 . ARG A 1 11 ? -25.909 7.195   -2.944  1.00 32.78 ? 9   ARG A NH1 1 
ATOM   39   N NH2 . ARG A 1 11 ? -27.092 7.854   -1.101  1.00 39.31 ? 9   ARG A NH2 1 
ATOM   40   N N   . VAL A 1 12 ? -20.813 7.045   2.534   1.00 21.42 ? 10  VAL A N   1 
ATOM   41   C CA  . VAL A 1 12 ? -19.875 5.962   2.169   1.00 22.27 ? 10  VAL A CA  1 
ATOM   42   C C   . VAL A 1 12 ? -20.207 5.440   0.776   1.00 23.84 ? 10  VAL A C   1 
ATOM   43   O O   . VAL A 1 12 ? -21.332 5.254   0.471   1.00 26.94 ? 10  VAL A O   1 
ATOM   44   C CB  . VAL A 1 12 ? -19.906 4.821   3.194   1.00 26.13 ? 10  VAL A CB  1 
ATOM   45   C CG1 . VAL A 1 12 ? -19.105 3.655   2.696   1.00 22.08 ? 10  VAL A CG1 1 
ATOM   46   C CG2 . VAL A 1 12 ? -19.432 5.259   4.557   1.00 22.49 ? 10  VAL A CG2 1 
ATOM   47   N N   . ALA A 1 13 ? -19.200 5.314   -0.046  1.00 24.16 ? 11  ALA A N   1 
ATOM   48   C CA  . ALA A 1 13 ? -19.316 4.717   -1.365  1.00 23.22 ? 11  ALA A CA  1 
ATOM   49   C C   . ALA A 1 13 ? -18.298 3.585   -1.477  1.00 26.26 ? 11  ALA A C   1 
ATOM   50   O O   . ALA A 1 13 ? -17.293 3.548   -0.753  1.00 22.02 ? 11  ALA A O   1 
ATOM   51   C CB  . ALA A 1 13 ? -19.090 5.761   -2.473  1.00 23.82 ? 11  ALA A CB  1 
ATOM   52   N N   . GLU A 1 14 ? -18.573 2.671   -2.386  1.00 25.30 ? 12  GLU A N   1 
ATOM   53   C CA  . GLU A 1 14 ? -17.730 1.484   -2.613  1.00 21.28 ? 12  GLU A CA  1 
ATOM   54   C C   . GLU A 1 14 ? -16.351 1.877   -3.155  1.00 23.21 ? 12  GLU A C   1 
ATOM   55   O O   . GLU A 1 14 ? -16.235 2.857   -3.836  1.00 23.77 ? 12  GLU A O   1 
ATOM   56   C CB  . GLU A 1 14 ? -18.489 0.533   -3.534  1.00 25.66 ? 12  GLU A CB  1 
ATOM   57   C CG  . GLU A 1 14 ? -18.767 1.088   -4.917  1.00 34.51 ? 12  GLU A CG  1 
ATOM   58   C CD  . GLU A 1 14 ? -20.014 1.915   -5.211  1.00 43.76 ? 12  GLU A CD  1 
ATOM   59   O OE1 . GLU A 1 14 ? -20.611 2.491   -4.314  1.00 32.00 ? 12  GLU A OE1 1 
ATOM   60   O OE2 . GLU A 1 14 ? -20.396 1.951   -6.369  1.00 41.62 ? 12  GLU A OE2 1 
ATOM   61   N N   . ALA A 1 15 ? -15.327 1.131   -2.792  1.00 19.23 ? 13  ALA A N   1 
ATOM   62   C CA  . ALA A 1 15 ? -14.010 1.345   -3.380  1.00 25.35 ? 13  ALA A CA  1 
ATOM   63   C C   . ALA A 1 15 ? -14.008 1.017   -4.873  1.00 24.98 ? 13  ALA A C   1 
ATOM   64   O O   . ALA A 1 15 ? -14.660 0.069   -5.323  1.00 24.75 ? 13  ALA A O   1 
ATOM   65   C CB  . ALA A 1 15 ? -12.962 0.486   -2.675  1.00 19.15 ? 13  ALA A CB  1 
ATOM   66   N N   . ARG A 1 16 ? -13.255 1.802   -5.639  1.00 23.39 ? 14  ARG A N   1 
ATOM   67   C CA  . ARG A 1 16 ? -12.916 1.408   -7.001  1.00 26.21 ? 14  ARG A CA  1 
ATOM   68   C C   . ARG A 1 16 ? -12.084 0.132   -6.985  1.00 24.05 ? 14  ARG A C   1 
ATOM   69   O O   . ARG A 1 16 ? -11.445 -0.206  -5.983  1.00 21.13 ? 14  ARG A O   1 
ATOM   70   C CB  . ARG A 1 16 ? -12.117 2.499   -7.715  1.00 27.96 ? 14  ARG A CB  1 
ATOM   71   C CG  . ARG A 1 16 ? -12.816 3.848   -7.870  1.00 41.25 ? 14  ARG A CG  1 
ATOM   72   C CD  . ARG A 1 16 ? -14.193 3.730   -8.498  1.00 50.97 ? 14  ARG A CD  1 
ATOM   73   N NE  . ARG A 1 16 ? -14.153 3.593   -9.958  1.00 57.18 ? 14  ARG A NE  1 
ATOM   74   C CZ  . ARG A 1 16 ? -13.956 4.600   -10.809 1.00 69.58 ? 14  ARG A CZ  1 
ATOM   75   N NH1 . ARG A 1 16 ? -13.761 5.851   -10.365 1.00 56.14 ? 14  ARG A NH1 1 
ATOM   76   N NH2 . ARG A 1 16 ? -13.949 4.353   -12.114 1.00 68.44 ? 14  ARG A NH2 1 
ATOM   77   N N   . ALA A 1 17 ? -12.053 -0.549  -8.136  1.00 28.70 ? 15  ALA A N   1 
ATOM   78   C CA  . ALA A 1 17 ? -11.394 -1.851  -8.240  1.00 26.98 ? 15  ALA A CA  1 
ATOM   79   C C   . ALA A 1 17 ? -9.944  -1.797  -7.765  1.00 25.89 ? 15  ALA A C   1 
ATOM   80   O O   . ALA A 1 17 ? -9.503  -2.640  -6.963  1.00 23.25 ? 15  ALA A O   1 
ATOM   81   C CB  . ALA A 1 17 ? -11.464 -2.355  -9.682  1.00 25.92 ? 15  ALA A CB  1 
ATOM   82   N N   . GLU A 1 18 ? -9.195  -0.795  -8.233  1.00 26.76 ? 16  GLU A N   1 
ATOM   83   C CA  . GLU A 1 18 ? -7.767  -0.712  -7.958  1.00 27.27 ? 16  GLU A CA  1 
ATOM   84   C C   . GLU A 1 18 ? -7.444  -0.406  -6.507  1.00 24.48 ? 16  GLU A C   1 
ATOM   85   O O   . GLU A 1 18 ? -6.273  -0.478  -6.128  1.00 25.74 ? 16  GLU A O   1 
ATOM   86   C CB  . GLU A 1 18 ? -7.112  0.348   -8.846  1.00 31.43 ? 16  GLU A CB  1 
ATOM   87   C CG  . GLU A 1 18 ? -7.348  0.146   -10.332 1.00 44.74 ? 16  GLU A CG  1 
ATOM   88   C CD  . GLU A 1 18 ? -8.299  1.173   -10.904 1.00 52.13 ? 16  GLU A CD  1 
ATOM   89   O OE1 . GLU A 1 18 ? -9.529  0.988   -10.764 1.00 51.34 ? 16  GLU A OE1 1 
ATOM   90   O OE2 . GLU A 1 18 ? -7.810  2.175   -11.473 1.00 60.21 ? 16  GLU A OE2 1 
ATOM   91   N N   . ASP A 1 19 ? -8.428  -0.070  -5.687  1.00 20.17 ? 17  ASP A N   1 
ATOM   92   C CA  . ASP A 1 19 ? -8.185  0.220   -4.282  1.00 19.01 ? 17  ASP A CA  1 
ATOM   93   C C   . ASP A 1 19 ? -8.626  -0.909  -3.354  1.00 24.52 ? 17  ASP A C   1 
ATOM   94   O O   . ASP A 1 19 ? -8.388  -0.832  -2.140  1.00 21.43 ? 17  ASP A O   1 
ATOM   95   C CB  . ASP A 1 19 ? -8.891  1.534   -3.899  1.00 18.53 ? 17  ASP A CB  1 
ATOM   96   C CG  . ASP A 1 19 ? -8.292  2.755   -4.630  1.00 28.04 ? 17  ASP A CG  1 
ATOM   97   O OD1 . ASP A 1 19 ? -7.055  2.794   -4.869  1.00 22.99 ? 17  ASP A OD1 1 
ATOM   98   O OD2 . ASP A 1 19 ? -9.066  3.672   -4.987  1.00 29.06 ? 17  ASP A OD2 1 
ATOM   99   N N   . VAL A 1 20 ? -9.253  -1.955  -3.897  1.00 23.41 ? 18  VAL A N   1 
ATOM   100  C CA  . VAL A 1 20 ? -9.741  -3.058  -3.075  1.00 24.18 ? 18  VAL A CA  1 
ATOM   101  C C   . VAL A 1 20 ? -8.591  -3.739  -2.386  1.00 22.00 ? 18  VAL A C   1 
ATOM   102  O O   . VAL A 1 20 ? -7.562  -4.073  -3.010  1.00 25.91 ? 18  VAL A O   1 
ATOM   103  C CB  . VAL A 1 20 ? -10.553 -4.043  -3.934  1.00 26.94 ? 18  VAL A CB  1 
ATOM   104  C CG1 . VAL A 1 20 ? -10.854 -5.301  -3.142  1.00 21.17 ? 18  VAL A CG1 1 
ATOM   105  C CG2 . VAL A 1 20 ? -11.853 -3.383  -4.441  1.00 21.45 ? 18  VAL A CG2 1 
ATOM   106  N N   . GLY A 1 21 ? -8.716  -3.972  -1.090  1.00 21.07 ? 19  GLY A N   1 
ATOM   107  C CA  . GLY A 1 21 ? -7.678  -4.601  -0.323  1.00 18.94 ? 19  GLY A CA  1 
ATOM   108  C C   . GLY A 1 21 ? -6.780  -3.629  0.393   1.00 24.65 ? 19  GLY A C   1 
ATOM   109  O O   . GLY A 1 21 ? -6.014  -4.046  1.271   1.00 28.69 ? 19  GLY A O   1 
ATOM   110  N N   . LYS A 1 22 ? -6.868  -2.348  0.065   1.00 22.76 ? 20  LYS A N   1 
ATOM   111  C CA  . LYS A 1 22 ? -6.085  -1.335  0.739   1.00 26.02 ? 20  LYS A CA  1 
ATOM   112  C C   . LYS A 1 22 ? -6.775  -0.868  2.006   1.00 29.54 ? 20  LYS A C   1 
ATOM   113  O O   . LYS A 1 22 ? -8.004  -0.833  2.108   1.00 27.04 ? 20  LYS A O   1 
ATOM   114  C CB  . LYS A 1 22 ? -5.849  -0.101  -0.135  1.00 23.18 ? 20  LYS A CB  1 
ATOM   115  C CG  . LYS A 1 22 ? -5.108  -0.331  -1.412  1.00 27.92 ? 20  LYS A CG  1 
ATOM   116  C CD  . LYS A 1 22 ? -5.067  0.969   -2.192  1.00 20.84 ? 20  LYS A CD  1 
ATOM   117  C CE  . LYS A 1 22 ? -4.505  0.746   -3.581  1.00 28.39 ? 20  LYS A CE  1 
ATOM   118  N NZ  . LYS A 1 22 ? -4.735  1.940   -4.489  1.00 23.63 ? 20  LYS A NZ  1 
ATOM   119  N N   . ARG A 1 23 ? -6.005  -0.519  3.019   1.00 31.03 ? 21  ARG A N   1 
ATOM   120  C CA  . ARG A 1 23 ? -6.543  0.039   4.280   1.00 30.39 ? 21  ARG A CA  1 
ATOM   121  C C   . ARG A 1 23 ? -6.503  1.553   4.087   1.00 29.05 ? 21  ARG A C   1 
ATOM   122  O O   . ARG A 1 23 ? -5.813  2.227   4.778   1.00 22.82 ? 21  ARG A O   1 
ATOM   123  C CB  . ARG A 1 23 ? -5.692  -0.469  5.441   1.00 34.59 ? 21  ARG A CB  1 
ATOM   124  C CG  . ARG A 1 23 ? -6.205  -0.030  6.794   1.00 37.57 ? 21  ARG A CG  1 
ATOM   125  C CD  . ARG A 1 23 ? -5.910  -1.056  7.829   1.00 50.75 ? 21  ARG A CD  1 
ATOM   126  N NE  . ARG A 1 23 ? -4.880  -0.493  8.664   1.00 65.59 ? 21  ARG A NE  1 
ATOM   127  C CZ  . ARG A 1 23 ? -3.638  -0.928  8.695   1.00 72.01 ? 21  ARG A CZ  1 
ATOM   128  N NH1 . ARG A 1 23 ? -2.771  -0.341  9.496   1.00 73.15 ? 21  ARG A NH1 1 
ATOM   129  N NH2 . ARG A 1 23 ? -3.270  -1.953  7.953   1.00 69.92 ? 21  ARG A NH2 1 
ATOM   130  N N   . VAL A 1 24 ? -7.384  2.020   3.233   1.00 29.19 ? 22  VAL A N   1 
ATOM   131  C CA  . VAL A 1 24 ? -7.316  3.347   2.628   1.00 19.15 ? 22  VAL A CA  1 
ATOM   132  C C   . VAL A 1 24 ? -8.718  3.905   2.439   1.00 24.71 ? 22  VAL A C   1 
ATOM   133  O O   . VAL A 1 24 ? -9.645  3.171   2.073   1.00 24.85 ? 22  VAL A O   1 
ATOM   134  C CB  . VAL A 1 24 ? -6.572  3.290   1.272   1.00 26.87 ? 22  VAL A CB  1 
ATOM   135  C CG1 . VAL A 1 24 ? -6.854  4.527   0.424   1.00 25.79 ? 22  VAL A CG1 1 
ATOM   136  C CG2 . VAL A 1 24 ? -5.068  3.087   1.491   1.00 21.47 ? 22  VAL A CG2 1 
ATOM   137  N N   . VAL A 1 25 ? -8.878  5.210   2.659   1.00 23.29 ? 23  VAL A N   1 
ATOM   138  C CA  . VAL A 1 25 ? -10.113 5.907   2.341   1.00 22.93 ? 23  VAL A CA  1 
ATOM   139  C C   . VAL A 1 25 ? -9.799  7.059   1.390   1.00 23.51 ? 23  VAL A C   1 
ATOM   140  O O   . VAL A 1 25 ? -8.810  7.777   1.578   1.00 19.32 ? 23  VAL A O   1 
ATOM   141  C CB  . VAL A 1 25 ? -10.833 6.396   3.614   1.00 21.44 ? 23  VAL A CB  1 
ATOM   142  C CG1 . VAL A 1 25 ? -11.280 5.193   4.418   1.00 28.36 ? 23  VAL A CG1 1 
ATOM   143  C CG2 . VAL A 1 25 ? -9.939  7.306   4.469   1.00 19.46 ? 23  VAL A CG2 1 
ATOM   144  N N   . ARG A 1 26 ? -10.635 7.226   0.368   1.00 22.81 ? 24  ARG A N   1 
ATOM   145  C CA  . ARG A 1 26 ? -10.487 8.308   -0.597  1.00 21.71 ? 24  ARG A CA  1 
ATOM   146  C C   . ARG A 1 26 ? -11.394 9.472   -0.199  1.00 19.48 ? 24  ARG A C   1 
ATOM   147  O O   . ARG A 1 26 ? -12.608 9.313   -0.075  1.00 25.64 ? 24  ARG A O   1 
ATOM   148  C CB  . ARG A 1 26 ? -10.800 7.815   -2.012  1.00 22.97 ? 24  ARG A CB  1 
ATOM   149  C CG  . ARG A 1 26 ? -9.816  6.749   -2.552  1.00 19.57 ? 24  ARG A CG  1 
ATOM   150  C CD  . ARG A 1 26 ? -9.277  7.144   -3.895  1.00 28.14 ? 24  ARG A CD  1 
ATOM   151  N NE  . ARG A 1 26 ? -8.350  6.192   -4.492  1.00 29.08 ? 24  ARG A NE  1 
ATOM   152  C CZ  . ARG A 1 26 ? -7.318  6.557   -5.243  1.00 28.10 ? 24  ARG A CZ  1 
ATOM   153  N NH1 . ARG A 1 26 ? -7.074  7.841   -5.444  1.00 29.70 ? 24  ARG A NH1 1 
ATOM   154  N NH2 . ARG A 1 26 ? -6.517  5.653   -5.777  1.00 38.02 ? 24  ARG A NH2 1 
ATOM   155  N N   . VAL A 1 27 ? -10.786 10.635  0.002   1.00 21.18 ? 25  VAL A N   1 
ATOM   156  C CA  . VAL A 1 27 ? -11.417 11.861  0.483   1.00 22.75 ? 25  VAL A CA  1 
ATOM   157  C C   . VAL A 1 27 ? -10.927 12.997  -0.414  1.00 28.08 ? 25  VAL A C   1 
ATOM   158  O O   . VAL A 1 27 ? -9.717  13.134  -0.616  1.00 25.77 ? 25  VAL A O   1 
ATOM   159  C CB  . VAL A 1 27 ? -11.015 12.138  1.943   1.00 22.88 ? 25  VAL A CB  1 
ATOM   160  C CG1 . VAL A 1 27 ? -11.745 13.321  2.495   1.00 20.67 ? 25  VAL A CG1 1 
ATOM   161  C CG2 . VAL A 1 27 ? -11.223 10.893  2.826   1.00 29.26 ? 25  VAL A CG2 1 
ATOM   162  N N   . ASP A 1 28 ? -11.845 13.814  -0.943  1.00 24.16 ? 26  ASP A N   1 
ATOM   163  C CA  . ASP A 1 28 ? -11.350 14.904  -1.770  1.00 22.58 ? 26  ASP A CA  1 
ATOM   164  C C   . ASP A 1 28 ? -10.786 16.034  -0.903  1.00 24.76 ? 26  ASP A C   1 
ATOM   165  O O   . ASP A 1 28 ? -10.864 16.017  0.337   1.00 20.70 ? 26  ASP A O   1 
ATOM   166  C CB  . ASP A 1 28 ? -12.427 15.404  -2.756  1.00 25.61 ? 26  ASP A CB  1 
ATOM   167  C CG  . ASP A 1 28 ? -13.496 16.301  -2.135  1.00 20.50 ? 26  ASP A CG  1 
ATOM   168  O OD1 . ASP A 1 28 ? -13.380 16.785  -0.997  1.00 25.15 ? 26  ASP A OD1 1 
ATOM   169  O OD2 . ASP A 1 28 ? -14.507 16.516  -2.830  1.00 22.52 ? 26  ASP A OD2 1 
ATOM   170  N N   . LYS A 1 29 ? -10.133 16.978  -1.569  1.00 22.73 ? 27  LYS A N   1 
ATOM   171  C CA  . LYS A 1 29 ? -9.448  18.123  -0.937  1.00 23.50 ? 27  LYS A CA  1 
ATOM   172  C C   . LYS A 1 29 ? -10.358 18.854  0.049   1.00 22.20 ? 27  LYS A C   1 
ATOM   173  O O   . LYS A 1 29 ? -9.899  19.184  1.096   1.00 20.73 ? 27  LYS A O   1 
ATOM   174  C CB  . LYS A 1 29 ? -8.891  19.066  -2.003  1.00 30.76 ? 27  LYS A CB  1 
ATOM   175  C CG  . LYS A 1 29 ? -7.657  19.887  -1.647  1.00 40.13 ? 27  LYS A CG  1 
ATOM   176  C CD  . LYS A 1 29 ? -6.703  20.051  -2.840  1.00 48.89 ? 27  LYS A CD  1 
ATOM   177  C CE  . LYS A 1 29 ? -5.648  21.126  -2.699  1.00 55.88 ? 27  LYS A CE  1 
ATOM   178  N NZ  . LYS A 1 29 ? -4.270  20.603  -2.513  1.00 67.91 ? 27  LYS A NZ  1 
ATOM   179  N N   . ALA A 1 30 ? -11.602 19.090  -0.320  1.00 24.64 ? 28  ALA A N   1 
ATOM   180  C CA  . ALA A 1 30 ? -12.505 19.862  0.533   1.00 23.39 ? 28  ALA A CA  1 
ATOM   181  C C   . ALA A 1 30 ? -12.709 19.183  1.889   1.00 26.23 ? 28  ALA A C   1 
ATOM   182  O O   . ALA A 1 30 ? -12.586 19.825  2.942   1.00 20.52 ? 28  ALA A O   1 
ATOM   183  C CB  . ALA A 1 30 ? -13.846 20.079  -0.181  1.00 18.80 ? 28  ALA A CB  1 
ATOM   184  N N   . GLU A 1 31 ? -13.025 17.876  1.891   1.00 20.16 ? 29  GLU A N   1 
ATOM   185  C CA  . GLU A 1 31 ? -13.182 17.204  3.176   1.00 21.12 ? 29  GLU A CA  1 
ATOM   186  C C   . GLU A 1 31 ? -11.856 17.007  3.895   1.00 19.65 ? 29  GLU A C   1 
ATOM   187  O O   . GLU A 1 31 ? -11.833 16.998  5.130   1.00 21.71 ? 29  GLU A O   1 
ATOM   188  C CB  . GLU A 1 31 ? -13.899 15.859  3.030   1.00 26.52 ? 29  GLU A CB  1 
ATOM   189  C CG  . GLU A 1 31 ? -15.403 15.986  3.150   1.00 28.08 ? 29  GLU A CG  1 
ATOM   190  C CD  . GLU A 1 31 ? -15.982 16.614  1.916   1.00 30.30 ? 29  GLU A CD  1 
ATOM   191  O OE1 . GLU A 1 31 ? -15.699 16.066  0.827   1.00 29.25 ? 29  GLU A OE1 1 
ATOM   192  O OE2 . GLU A 1 31 ? -16.679 17.650  2.024   1.00 28.53 ? 29  GLU A OE2 1 
ATOM   193  N N   . ARG A 1 32 ? -10.747 16.853  3.171   1.00 19.81 ? 30  ARG A N   1 
ATOM   194  C CA  . ARG A 1 32 ? -9.451  16.825  3.858   1.00 23.45 ? 30  ARG A CA  1 
ATOM   195  C C   . ARG A 1 32 ? -9.212  18.135  4.604   1.00 23.67 ? 30  ARG A C   1 
ATOM   196  O O   . ARG A 1 32 ? -8.746  18.139  5.751   1.00 21.85 ? 30  ARG A O   1 
ATOM   197  C CB  . ARG A 1 32 ? -8.311  16.554  2.867   1.00 22.28 ? 30  ARG A CB  1 
ATOM   198  C CG  . ARG A 1 32 ? -8.264  15.133  2.309   1.00 26.30 ? 30  ARG A CG  1 
ATOM   199  C CD  . ARG A 1 32 ? -6.850  14.746  1.858   1.00 21.53 ? 30  ARG A CD  1 
ATOM   200  N NE  . ARG A 1 32 ? -6.279  15.615  0.821   1.00 22.34 ? 30  ARG A NE  1 
ATOM   201  C CZ  . ARG A 1 32 ? -6.675  15.662  -0.455  1.00 24.10 ? 30  ARG A CZ  1 
ATOM   202  N NH1 . ARG A 1 32 ? -7.680  14.907  -0.898  1.00 18.49 ? 30  ARG A NH1 1 
ATOM   203  N NH2 . ARG A 1 32 ? -6.060  16.465  -1.298  1.00 22.25 ? 30  ARG A NH2 1 
ATOM   204  N N   . ALA A 1 33 ? -9.546  19.257  3.975   1.00 26.53 ? 31  ALA A N   1 
ATOM   205  C CA  . ALA A 1 33 ? -9.389  20.556  4.624   1.00 20.49 ? 31  ALA A CA  1 
ATOM   206  C C   . ALA A 1 33 ? -10.312 20.681  5.832   1.00 24.26 ? 31  ALA A C   1 
ATOM   207  O O   . ALA A 1 33 ? -9.941  21.277  6.849   1.00 20.25 ? 31  ALA A O   1 
ATOM   208  C CB  . ALA A 1 33 ? -9.671  21.677  3.622   1.00 17.25 ? 31  ALA A CB  1 
ATOM   209  N N   . LYS A 1 34 ? -11.524 20.124  5.741   1.00 22.87 ? 32  LYS A N   1 
ATOM   210  C CA  . LYS A 1 34 ? -12.430 20.240  6.875   1.00 24.33 ? 32  LYS A CA  1 
ATOM   211  C C   . LYS A 1 34 ? -11.966 19.370  8.022   1.00 19.42 ? 32  LYS A C   1 
ATOM   212  O O   . LYS A 1 34 ? -12.032 19.777  9.182   1.00 24.45 ? 32  LYS A O   1 
ATOM   213  C CB  . LYS A 1 34 ? -13.848 19.880  6.461   1.00 26.33 ? 32  LYS A CB  1 
ATOM   214  C CG  . LYS A 1 34 ? -14.402 20.750  5.352   1.00 29.45 ? 32  LYS A CG  1 
ATOM   215  C CD  . LYS A 1 34 ? -15.896 20.773  5.483   1.00 34.57 ? 32  LYS A CD  1 
ATOM   216  C CE  . LYS A 1 34 ? -16.560 20.093  4.314   1.00 40.12 ? 32  LYS A CE  1 
ATOM   217  N NZ  . LYS A 1 34 ? -16.359 20.889  3.079   1.00 49.68 ? 32  LYS A NZ  1 
ATOM   218  N N   . VAL A 1 35 ? -11.477 18.172  7.717   1.00 26.15 ? 33  VAL A N   1 
ATOM   219  C CA  . VAL A 1 35 ? -10.929 17.331  8.773   1.00 25.43 ? 33  VAL A CA  1 
ATOM   220  C C   . VAL A 1 35 ? -9.614  17.917  9.285   1.00 24.03 ? 33  VAL A C   1 
ATOM   221  O O   . VAL A 1 35 ? -9.287  17.785  10.467  1.00 23.40 ? 33  VAL A O   1 
ATOM   222  C CB  . VAL A 1 35 ? -10.772 15.892  8.249   1.00 22.58 ? 33  VAL A CB  1 
ATOM   223  C CG1 . VAL A 1 35 ? -10.208 14.966  9.320   1.00 23.75 ? 33  VAL A CG1 1 
ATOM   224  C CG2 . VAL A 1 35 ? -12.095 15.382  7.770   1.00 23.85 ? 33  VAL A CG2 1 
ATOM   225  N N   . GLY A 1 36 ? -8.859  18.601  8.420   1.00 23.68 ? 34  GLY A N   1 
ATOM   226  C CA  . GLY A 1 36 ? -7.561  19.142  8.790   1.00 23.14 ? 34  GLY A CA  1 
ATOM   227  C C   . GLY A 1 36 ? -6.462  18.103  8.665   1.00 23.63 ? 34  GLY A C   1 
ATOM   228  O O   . GLY A 1 36 ? -5.586  18.002  9.535   1.00 28.72 ? 34  GLY A O   1 
ATOM   229  N N   . VAL A 1 37 ? -6.499  17.309  7.596   1.00 18.20 ? 35  VAL A N   1 
ATOM   230  C CA  . VAL A 1 37 ? -5.484  16.289  7.367   1.00 22.66 ? 35  VAL A CA  1 
ATOM   231  C C   . VAL A 1 37 ? -4.949  16.477  5.963   1.00 20.89 ? 35  VAL A C   1 
ATOM   232  O O   . VAL A 1 37 ? -5.594  17.094  5.108   1.00 21.37 ? 35  VAL A O   1 
ATOM   233  C CB  . VAL A 1 37 ? -5.999  14.819  7.539   1.00 23.06 ? 35  VAL A CB  1 
ATOM   234  C CG1 . VAL A 1 37 ? -6.399  14.535  8.968   1.00 22.62 ? 35  VAL A CG1 1 
ATOM   235  C CG2 . VAL A 1 37 ? -7.150  14.523  6.580   1.00 19.32 ? 35  VAL A CG2 1 
ATOM   236  N N   . LYS A 1 38 ? -3.773  15.930  5.724   1.00 18.22 ? 36  LYS A N   1 
ATOM   237  C CA  . LYS A 1 38 ? -3.251  15.857  4.373   1.00 27.54 ? 36  LYS A CA  1 
ATOM   238  C C   . LYS A 1 38 ? -3.216  14.414  3.899   1.00 25.61 ? 36  LYS A C   1 
ATOM   239  O O   . LYS A 1 38 ? -3.298  13.463  4.683   1.00 25.44 ? 36  LYS A O   1 
ATOM   240  C CB  . LYS A 1 38 ? -1.845  16.472  4.276   1.00 28.52 ? 36  LYS A CB  1 
ATOM   241  C CG  . LYS A 1 38 ? -0.759  15.720  5.045   1.00 41.72 ? 36  LYS A CG  1 
ATOM   242  C CD  . LYS A 1 38 ? 0.263   16.690  5.689   1.00 63.93 ? 36  LYS A CD  1 
ATOM   243  C CE  . LYS A 1 38 ? 1.283   15.934  6.551   1.00 62.95 ? 36  LYS A CE  1 
ATOM   244  N NZ  . LYS A 1 38 ? 0.881   15.921  7.990   1.00 61.69 ? 36  LYS A NZ  1 
ATOM   245  N N   . VAL A 1 39 ? -3.084  14.271  2.585   1.00 25.14 ? 37  VAL A N   1 
ATOM   246  C CA  . VAL A 1 39 ? -2.928  12.967  1.967   1.00 25.97 ? 37  VAL A CA  1 
ATOM   247  C C   . VAL A 1 39 ? -1.830  12.174  2.673   1.00 29.64 ? 37  VAL A C   1 
ATOM   248  O O   . VAL A 1 39 ? -0.726  12.672  2.884   1.00 23.87 ? 37  VAL A O   1 
ATOM   249  C CB  . VAL A 1 39 ? -2.615  13.155  0.476   1.00 30.93 ? 37  VAL A CB  1 
ATOM   250  C CG1 . VAL A 1 39 ? -1.868  11.956  -0.054  1.00 33.39 ? 37  VAL A CG1 1 
ATOM   251  C CG2 . VAL A 1 39 ? -3.911  13.411  -0.286  1.00 32.94 ? 37  VAL A CG2 1 
ATOM   252  N N   . GLY A 1 40 ? -2.138  10.932  3.033   1.00 24.14 ? 38  GLY A N   1 
ATOM   253  C CA  . GLY A 1 40 ? -1.208  10.082  3.743   1.00 22.25 ? 38  GLY A CA  1 
ATOM   254  C C   . GLY A 1 40 ? -1.380  10.097  5.247   1.00 30.33 ? 38  GLY A C   1 
ATOM   255  O O   . GLY A 1 40 ? -0.843  9.213   5.933   1.00 23.75 ? 38  GLY A O   1 
ATOM   256  N N   . ASP A 1 41 ? -2.104  11.078  5.782   1.00 20.78 ? 39  ASP A N   1 
ATOM   257  C CA  . ASP A 1 41 ? -2.417  11.033  7.197   1.00 21.74 ? 39  ASP A CA  1 
ATOM   258  C C   . ASP A 1 41 ? -3.357  9.871   7.502   1.00 27.46 ? 39  ASP A C   1 
ATOM   259  O O   . ASP A 1 41 ? -4.037  9.317   6.627   1.00 25.83 ? 39  ASP A O   1 
ATOM   260  C CB  . ASP A 1 41 ? -3.063  12.336  7.669   1.00 23.93 ? 39  ASP A CB  1 
ATOM   261  C CG  . ASP A 1 41 ? -2.086  13.480  7.724   1.00 34.48 ? 39  ASP A CG  1 
ATOM   262  O OD1 . ASP A 1 41 ? -0.867  13.202  7.821   1.00 35.25 ? 39  ASP A OD1 1 
ATOM   263  O OD2 . ASP A 1 41 ? -2.539  14.658  7.680   1.00 31.91 ? 39  ASP A OD2 1 
ATOM   264  N N   . VAL A 1 42 ? -3.400  9.516   8.770   1.00 29.15 ? 40  VAL A N   1 
ATOM   265  C CA  . VAL A 1 42 ? -4.291  8.481   9.269   1.00 24.39 ? 40  VAL A CA  1 
ATOM   266  C C   . VAL A 1 42 ? -5.521  9.170   9.844   1.00 25.79 ? 40  VAL A C   1 
ATOM   267  O O   . VAL A 1 42 ? -5.396  10.167  10.565  1.00 30.12 ? 40  VAL A O   1 
ATOM   268  C CB  . VAL A 1 42 ? -3.571  7.609   10.315  1.00 24.89 ? 40  VAL A CB  1 
ATOM   269  C CG1 . VAL A 1 42 ? -4.488  6.569   10.901  1.00 30.14 ? 40  VAL A CG1 1 
ATOM   270  C CG2 . VAL A 1 42 ? -2.362  6.939   9.681   1.00 27.12 ? 40  VAL A CG2 1 
ATOM   271  N N   . VAL A 1 43 ? -6.706  8.682   9.485   1.00 23.40 ? 41  VAL A N   1 
ATOM   272  C CA  . VAL A 1 43 ? -7.954  9.162   10.061  1.00 24.14 ? 41  VAL A CA  1 
ATOM   273  C C   . VAL A 1 43 ? -8.730  7.984   10.633  1.00 29.01 ? 41  VAL A C   1 
ATOM   274  O O   . VAL A 1 43 ? -8.488  6.819   10.300  1.00 25.30 ? 41  VAL A O   1 
ATOM   275  C CB  . VAL A 1 43 ? -8.855  9.904   9.048   1.00 21.68 ? 41  VAL A CB  1 
ATOM   276  C CG1 . VAL A 1 43 ? -8.254  11.240  8.626   1.00 21.91 ? 41  VAL A CG1 1 
ATOM   277  C CG2 . VAL A 1 43 ? -9.175  8.990   7.840   1.00 18.85 ? 41  VAL A CG2 1 
ATOM   278  N N   . GLU A 1 44 ? -9.679  8.312   11.499  1.00 22.53 ? 42  GLU A N   1 
ATOM   279  C CA  . GLU A 1 44 ? -10.654 7.354   11.984  1.00 24.84 ? 42  GLU A CA  1 
ATOM   280  C C   . GLU A 1 44 ? -11.935 7.501   11.175  1.00 24.69 ? 42  GLU A C   1 
ATOM   281  O O   . GLU A 1 44 ? -12.344 8.619   10.837  1.00 21.35 ? 42  GLU A O   1 
ATOM   282  C CB  . GLU A 1 44 ? -10.958 7.554   13.471  1.00 25.46 ? 42  GLU A CB  1 
ATOM   283  C CG  . GLU A 1 44 ? -12.048 6.610   13.967  1.00 29.43 ? 42  GLU A CG  1 
ATOM   284  C CD  . GLU A 1 44 ? -12.490 6.853   15.414  1.00 32.48 ? 42  GLU A CD  1 
ATOM   285  O OE1 . GLU A 1 44 ? -13.218 5.981   15.940  1.00 37.88 ? 42  GLU A OE1 1 
ATOM   286  O OE2 . GLU A 1 44 ? -12.136 7.891   16.015  1.00 28.15 ? 42  GLU A OE2 1 
ATOM   287  N N   . VAL A 1 45 ? -12.548 6.367   10.850  1.00 22.57 ? 43  VAL A N   1 
ATOM   288  C CA  . VAL A 1 45 ? -13.848 6.322   10.202  1.00 23.20 ? 43  VAL A CA  1 
ATOM   289  C C   . VAL A 1 45 ? -14.801 5.632   11.158  1.00 25.45 ? 43  VAL A C   1 
ATOM   290  O O   . VAL A 1 45 ? -14.576 4.479   11.556  1.00 28.64 ? 43  VAL A O   1 
ATOM   291  C CB  . VAL A 1 45 ? -13.796 5.583   8.857   1.00 26.13 ? 43  VAL A CB  1 
ATOM   292  C CG1 . VAL A 1 45 ? -15.101 5.809   8.098   1.00 18.31 ? 43  VAL A CG1 1 
ATOM   293  C CG2 . VAL A 1 45 ? -12.576 6.026   8.037   1.00 21.73 ? 43  VAL A CG2 1 
ATOM   294  N N   . LYS A 1 46 ? -15.814 6.350   11.581  1.00 26.38 ? 44  LYS A N   1 
ATOM   295  C CA  . LYS A 1 46 ? -16.743 5.731   12.535  1.00 29.03 ? 44  LYS A CA  1 
ATOM   296  C C   . LYS A 1 46 ? -18.166 5.973   12.085  1.00 32.96 ? 44  LYS A C   1 
ATOM   297  O O   . LYS A 1 46 ? -18.408 6.918   11.394  1.00 28.88 ? 44  LYS A O   1 
ATOM   298  C CB  . LYS A 1 46 ? -16.509 6.208   13.966  1.00 31.04 ? 44  LYS A CB  1 
ATOM   299  C CG  . LYS A 1 46 ? -16.197 7.677   14.110  1.00 38.37 ? 44  LYS A CG  1 
ATOM   300  C CD  . LYS A 1 46 ? -15.809 8.064   15.495  1.00 47.51 ? 44  LYS A CD  1 
ATOM   301  C CE  . LYS A 1 46 ? -16.784 7.593   16.542  1.00 37.97 ? 44  LYS A CE  1 
ATOM   302  N NZ  . LYS A 1 46 ? -16.440 8.164   17.847  1.00 42.13 ? 44  LYS A NZ  1 
ATOM   303  N N   . LYS A 1 47 ? -19.046 5.102   12.530  1.00 27.30 ? 45  LYS A N   1 
ATOM   304  C CA  . LYS A 1 47 ? -20.471 5.209   12.204  1.00 39.60 ? 45  LYS A CA  1 
ATOM   305  C C   . LYS A 1 47 ? -21.045 6.345   13.040  1.00 39.76 ? 45  LYS A C   1 
ATOM   306  O O   . LYS A 1 47 ? -20.572 6.622   14.088  1.00 40.76 ? 45  LYS A O   1 
ATOM   307  C CB  . LYS A 1 47 ? -21.180 3.858   12.274  1.00 41.82 ? 45  LYS A CB  1 
ATOM   308  C CG  . LYS A 1 47 ? -21.370 3.235   13.635  1.00 48.26 ? 45  LYS A CG  1 
ATOM   309  C CD  . LYS A 1 47 ? -21.722 1.785   13.569  1.00 36.89 ? 45  LYS A CD  1 
ATOM   310  C CE  . LYS A 1 47 ? -23.114 1.547   13.051  1.00 53.54 ? 45  LYS A CE  1 
ATOM   311  N NZ  . LYS A 1 47 ? -23.828 0.518   13.833  1.00 55.82 ? 45  LYS A NZ  1 
ATOM   312  N N   . VAL A 1 48 ? -21.987 7.066   12.489  1.00 42.29 ? 46  VAL A N   1 
ATOM   313  C CA  . VAL A 1 48 ? -22.524 8.204   13.266  1.00 47.78 ? 46  VAL A CA  1 
ATOM   314  C C   . VAL A 1 48 ? -23.679 7.693   14.126  1.00 58.82 ? 46  VAL A C   1 
ATOM   315  O O   . VAL A 1 48 ? -23.791 8.147   15.237  1.00 58.29 ? 46  VAL A O   1 
ATOM   316  C CB  . VAL A 1 48 ? -22.953 9.315   12.307  1.00 41.96 ? 46  VAL A CB  1 
ATOM   317  C CG1 . VAL A 1 48 ? -24.238 9.960   12.754  1.00 48.45 ? 46  VAL A CG1 1 
ATOM   318  C CG2 . VAL A 1 48 ? -21.842 10.319  12.114  1.00 36.34 ? 46  VAL A CG2 1 
ATOM   319  O OXT . VAL A 1 48 ? -24.427 6.834   13.654  1.00 57.56 ? 46  VAL A OXT 1 
ATOM   320  N N   . LYS B 1 7  ? 25.770  7.707   -2.668  1.00 46.09 ? 5   LYS B N   1 
ATOM   321  C CA  . LYS B 1 7  ? 24.371  8.078   -2.886  1.00 46.66 ? 5   LYS B CA  1 
ATOM   322  C C   . LYS B 1 7  ? 23.762  7.304   -4.051  1.00 42.86 ? 5   LYS B C   1 
ATOM   323  O O   . LYS B 1 7  ? 24.243  7.376   -5.183  1.00 39.92 ? 5   LYS B O   1 
ATOM   324  C CB  . LYS B 1 7  ? 24.237  9.590   -3.132  1.00 45.83 ? 5   LYS B CB  1 
ATOM   325  C CG  . LYS B 1 7  ? 24.195  10.437  -1.847  1.00 44.25 ? 5   LYS B CG  1 
ATOM   326  C CD  . LYS B 1 7  ? 23.762  11.882  -2.110  1.00 50.61 ? 5   LYS B CD  1 
ATOM   327  C CE  . LYS B 1 7  ? 23.984  12.749  -0.870  1.00 57.86 ? 5   LYS B CE  1 
ATOM   328  N NZ  . LYS B 1 7  ? 23.504  14.158  -1.031  1.00 57.03 ? 5   LYS B NZ  1 
ATOM   329  N N   . VAL B 1 8  ? 22.708  6.545   -3.760  1.00 41.07 ? 6   VAL B N   1 
ATOM   330  C CA  . VAL B 1 8  ? 21.893  5.925   -4.797  1.00 33.81 ? 6   VAL B CA  1 
ATOM   331  C C   . VAL B 1 8  ? 20.763  6.882   -5.156  1.00 36.54 ? 6   VAL B C   1 
ATOM   332  O O   . VAL B 1 8  ? 20.009  7.326   -4.285  1.00 34.37 ? 6   VAL B O   1 
ATOM   333  C CB  . VAL B 1 8  ? 21.344  4.572   -4.336  1.00 35.90 ? 6   VAL B CB  1 
ATOM   334  C CG1 . VAL B 1 8  ? 20.526  3.939   -5.465  1.00 34.64 ? 6   VAL B CG1 1 
ATOM   335  C CG2 . VAL B 1 8  ? 22.487  3.661   -3.885  1.00 34.94 ? 6   VAL B CG2 1 
ATOM   336  N N   . VAL B 1 9  ? 20.629  7.186   -6.441  1.00 34.60 ? 7   VAL B N   1 
ATOM   337  C CA  . VAL B 1 9  ? 19.761  8.252   -6.921  1.00 28.80 ? 7   VAL B CA  1 
ATOM   338  C C   . VAL B 1 9  ? 18.815  7.681   -7.967  1.00 35.36 ? 7   VAL B C   1 
ATOM   339  O O   . VAL B 1 9  ? 19.241  6.946   -8.864  1.00 37.21 ? 7   VAL B O   1 
ATOM   340  C CB  . VAL B 1 9  ? 20.589  9.408   -7.515  1.00 33.24 ? 7   VAL B CB  1 
ATOM   341  C CG1 . VAL B 1 9  ? 19.730  10.278  -8.394  1.00 34.35 ? 7   VAL B CG1 1 
ATOM   342  C CG2 . VAL B 1 9  ? 21.243  10.212  -6.405  1.00 30.04 ? 7   VAL B CG2 1 
ATOM   343  N N   . ALA B 1 10 ? 17.535  8.028   -7.860  1.00 30.39 ? 8   ALA B N   1 
ATOM   344  C CA  . ALA B 1 10 ? 16.551  7.607   -8.844  1.00 33.68 ? 8   ALA B CA  1 
ATOM   345  C C   . ALA B 1 10 ? 15.613  8.766   -9.121  1.00 28.97 ? 8   ALA B C   1 
ATOM   346  O O   . ALA B 1 10 ? 15.465  9.677   -8.304  1.00 32.55 ? 8   ALA B O   1 
ATOM   347  C CB  . ALA B 1 10 ? 15.756  6.371   -8.376  1.00 30.37 ? 8   ALA B CB  1 
ATOM   348  N N   . ARG B 1 11 ? 14.986  8.732   -10.294 1.00 32.54 ? 9   ARG B N   1 
ATOM   349  C CA  . ARG B 1 11 ? 13.980  9.722   -10.642 1.00 40.56 ? 9   ARG B CA  1 
ATOM   350  C C   . ARG B 1 11 ? 12.631  9.309   -10.057 1.00 41.40 ? 9   ARG B C   1 
ATOM   351  O O   . ARG B 1 11 ? 12.317  8.121   -9.945  1.00 30.81 ? 9   ARG B O   1 
ATOM   352  C CB  . ARG B 1 11 ? 13.874  9.898   -12.159 1.00 36.96 ? 9   ARG B CB  1 
ATOM   353  C CG  . ARG B 1 11 ? 14.848  10.935  -12.710 1.00 51.49 ? 9   ARG B CG  1 
ATOM   354  C CD  . ARG B 1 11 ? 14.571  11.306  -14.162 1.00 57.19 ? 9   ARG B CD  1 
ATOM   355  N NE  . ARG B 1 11 ? 15.717  11.998  -14.772 1.00 59.87 ? 9   ARG B NE  1 
ATOM   356  C CZ  . ARG B 1 11 ? 15.861  13.317  -14.795 1.00 53.38 ? 9   ARG B CZ  1 
ATOM   357  N NH1 . ARG B 1 11 ? 16.925  13.862  -15.374 1.00 57.84 ? 9   ARG B NH1 1 
ATOM   358  N NH2 . ARG B 1 11 ? 14.936  14.093  -14.237 1.00 52.85 ? 9   ARG B NH2 1 
ATOM   359  N N   . VAL B 1 12 ? 11.845  10.306  -9.676  1.00 35.54 ? 10  VAL B N   1 
ATOM   360  C CA  . VAL B 1 12 ? 10.542  10.088  -9.063  1.00 35.03 ? 10  VAL B CA  1 
ATOM   361  C C   . VAL B 1 12 ? 9.498   9.952   -10.163 1.00 28.49 ? 10  VAL B C   1 
ATOM   362  O O   . VAL B 1 12 ? 9.306   10.865  -10.969 1.00 37.80 ? 10  VAL B O   1 
ATOM   363  C CB  . VAL B 1 12 ? 10.189  11.240  -8.114  1.00 39.97 ? 10  VAL B CB  1 
ATOM   364  C CG1 . VAL B 1 12 ? 8.795   11.069  -7.568  1.00 30.80 ? 10  VAL B CG1 1 
ATOM   365  C CG2 . VAL B 1 12 ? 11.213  11.339  -6.983  1.00 35.22 ? 10  VAL B CG2 1 
ATOM   366  N N   . ALA B 1 13 ? 8.815   8.821   -10.196 1.00 34.57 ? 11  ALA B N   1 
ATOM   367  C CA  . ALA B 1 13 ? 7.640   8.653   -11.036 1.00 26.56 ? 11  ALA B CA  1 
ATOM   368  C C   . ALA B 1 13 ? 6.411   8.442   -10.158 1.00 31.11 ? 11  ALA B C   1 
ATOM   369  O O   . ALA B 1 13 ? 6.511   7.966   -9.023  1.00 31.83 ? 11  ALA B O   1 
ATOM   370  C CB  . ALA B 1 13 ? 7.809   7.484   -12.005 1.00 28.77 ? 11  ALA B CB  1 
ATOM   371  N N   . GLU B 1 14 ? 5.255   8.844   -10.673 1.00 35.85 ? 12  GLU B N   1 
ATOM   372  C CA  . GLU B 1 14 ? 4.026   8.738   -9.905  1.00 41.22 ? 12  GLU B CA  1 
ATOM   373  C C   . GLU B 1 14 ? 3.718   7.278   -9.582  1.00 32.00 ? 12  GLU B C   1 
ATOM   374  O O   . GLU B 1 14 ? 4.143   6.353   -10.273 1.00 37.76 ? 12  GLU B O   1 
ATOM   375  C CB  . GLU B 1 14 ? 2.864   9.358   -10.671 1.00 37.03 ? 12  GLU B CB  1 
ATOM   376  C CG  . GLU B 1 14 ? 2.596   8.649   -11.978 1.00 44.08 ? 12  GLU B CG  1 
ATOM   377  C CD  . GLU B 1 14 ? 1.523   9.323   -12.802 1.00 68.18 ? 12  GLU B CD  1 
ATOM   378  O OE1 . GLU B 1 14 ? 0.890   10.282  -12.302 1.00 67.21 ? 12  GLU B OE1 1 
ATOM   379  O OE2 . GLU B 1 14 ? 1.308   8.882   -13.953 1.00 71.34 ? 12  GLU B OE2 1 
ATOM   380  N N   . ALA B 1 15 ? 2.980   7.074   -8.503  1.00 39.57 ? 13  ALA B N   1 
ATOM   381  C CA  . ALA B 1 15 ? 2.551   5.732   -8.154  1.00 36.27 ? 13  ALA B CA  1 
ATOM   382  C C   . ALA B 1 15 ? 1.368   5.328   -9.027  1.00 32.91 ? 13  ALA B C   1 
ATOM   383  O O   . ALA B 1 15 ? 0.481   6.133   -9.318  1.00 34.28 ? 13  ALA B O   1 
ATOM   384  C CB  . ALA B 1 15 ? 2.179   5.659   -6.676  1.00 34.45 ? 13  ALA B CB  1 
ATOM   385  N N   . ARG B 1 16 ? 1.378   4.077   -9.467  1.00 35.67 ? 14  ARG B N   1 
ATOM   386  C CA  . ARG B 1 16 ? 0.222   3.559   -10.185 1.00 41.10 ? 14  ARG B CA  1 
ATOM   387  C C   . ARG B 1 16 ? -0.969  3.396   -9.241  1.00 34.95 ? 14  ARG B C   1 
ATOM   388  O O   . ARG B 1 16 ? -0.831  3.341   -8.008  1.00 26.78 ? 14  ARG B O   1 
ATOM   389  C CB  . ARG B 1 16 ? 0.556   2.239   -10.872 1.00 36.98 ? 14  ARG B CB  1 
ATOM   390  C CG  . ARG B 1 16 ? 1.535   2.391   -12.031 1.00 42.95 ? 14  ARG B CG  1 
ATOM   391  C CD  . ARG B 1 16 ? 1.241   3.614   -12.904 1.00 49.16 ? 14  ARG B CD  1 
ATOM   392  N NE  . ARG B 1 16 ? 1.871   3.496   -14.218 1.00 50.54 ? 14  ARG B NE  1 
ATOM   393  C CZ  . ARG B 1 16 ? 1.907   4.465   -15.134 1.00 51.05 ? 14  ARG B CZ  1 
ATOM   394  N NH1 . ARG B 1 16 ? 2.505   4.250   -16.298 1.00 48.40 ? 14  ARG B NH1 1 
ATOM   395  N NH2 . ARG B 1 16 ? 1.358   5.647   -14.887 1.00 39.90 ? 14  ARG B NH2 1 
ATOM   396  N N   . ALA B 1 17 ? -2.157  3.327   -9.852  1.00 39.59 ? 15  ALA B N   1 
ATOM   397  C CA  . ALA B 1 17 ? -3.414  3.325   -9.106  1.00 35.85 ? 15  ALA B CA  1 
ATOM   398  C C   . ALA B 1 17 ? -3.433  2.255   -8.013  1.00 30.93 ? 15  ALA B C   1 
ATOM   399  O O   . ALA B 1 17 ? -3.780  2.532   -6.858  1.00 28.80 ? 15  ALA B O   1 
ATOM   400  C CB  . ALA B 1 17 ? -4.585  3.132   -10.070 1.00 40.45 ? 15  ALA B CB  1 
ATOM   401  N N   . GLU B 1 18 ? -3.042  1.033   -8.354  1.00 34.84 ? 16  GLU B N   1 
ATOM   402  C CA  . GLU B 1 18 ? -3.121  -0.042  -7.375  1.00 31.52 ? 16  GLU B CA  1 
ATOM   403  C C   . GLU B 1 18 ? -2.129  0.127   -6.235  1.00 25.74 ? 16  GLU B C   1 
ATOM   404  O O   . GLU B 1 18 ? -2.266  -0.548  -5.212  1.00 28.15 ? 16  GLU B O   1 
ATOM   405  C CB  . GLU B 1 18 ? -2.918  -1.384  -8.075  1.00 46.75 ? 16  GLU B CB  1 
ATOM   406  C CG  . GLU B 1 18 ? -3.903  -1.603  -9.225  1.00 50.52 ? 16  GLU B CG  1 
ATOM   407  C CD  . GLU B 1 18 ? -3.476  -2.718  -10.170 1.00 73.30 ? 16  GLU B CD  1 
ATOM   408  O OE1 . GLU B 1 18 ? -4.296  -3.114  -11.030 1.00 73.00 ? 16  GLU B OE1 1 
ATOM   409  O OE2 . GLU B 1 18 ? -2.326  -3.201  -10.050 1.00 73.84 ? 16  GLU B OE2 1 
ATOM   410  N N   . ASP B 1 19 ? -1.154  1.024   -6.362  1.00 30.35 ? 17  ASP B N   1 
ATOM   411  C CA  . ASP B 1 19 ? -0.246  1.306   -5.264  1.00 29.17 ? 17  ASP B CA  1 
ATOM   412  C C   . ASP B 1 19 ? -0.613  2.566   -4.482  1.00 25.73 ? 17  ASP B C   1 
ATOM   413  O O   . ASP B 1 19 ? -0.017  2.819   -3.431  1.00 28.39 ? 17  ASP B O   1 
ATOM   414  C CB  . ASP B 1 19 ? 1.187   1.414   -5.800  1.00 34.68 ? 17  ASP B CB  1 
ATOM   415  C CG  . ASP B 1 19 ? 1.686   0.104   -6.407  1.00 35.33 ? 17  ASP B CG  1 
ATOM   416  O OD1 . ASP B 1 19 ? 1.455   -0.952  -5.783  1.00 44.39 ? 17  ASP B OD1 1 
ATOM   417  O OD2 . ASP B 1 19 ? 2.295   0.125   -7.504  1.00 35.91 ? 17  ASP B OD2 1 
ATOM   418  N N   . VAL B 1 20 ? -1.578  3.360   -4.954  1.00 23.88 ? 18  VAL B N   1 
ATOM   419  C CA  . VAL B 1 20 ? -1.851  4.632   -4.293  1.00 25.33 ? 18  VAL B CA  1 
ATOM   420  C C   . VAL B 1 20 ? -2.363  4.382   -2.885  1.00 24.99 ? 18  VAL B C   1 
ATOM   421  O O   . VAL B 1 20 ? -3.160  3.469   -2.646  1.00 23.81 ? 18  VAL B O   1 
ATOM   422  C CB  . VAL B 1 20 ? -2.831  5.481   -5.120  1.00 27.05 ? 18  VAL B CB  1 
ATOM   423  C CG1 . VAL B 1 20 ? -3.364  6.655   -4.305  1.00 26.78 ? 18  VAL B CG1 1 
ATOM   424  C CG2 . VAL B 1 20 ? -2.129  6.001   -6.362  1.00 29.05 ? 18  VAL B CG2 1 
ATOM   425  N N   . GLY B 1 21 ? -1.873  5.177   -1.940  1.00 27.23 ? 19  GLY B N   1 
ATOM   426  C CA  . GLY B 1 21 ? -2.250  5.069   -0.553  1.00 21.97 ? 19  GLY B CA  1 
ATOM   427  C C   . GLY B 1 21 ? -1.472  4.054   0.242   1.00 28.38 ? 19  GLY B C   1 
ATOM   428  O O   . GLY B 1 21 ? -1.755  3.873   1.436   1.00 29.18 ? 19  GLY B O   1 
ATOM   429  N N   . LYS B 1 22 ? -0.514  3.369   -0.372  1.00 28.19 ? 20  LYS B N   1 
ATOM   430  C CA  . LYS B 1 22 ? 0.379   2.463   0.335   1.00 28.33 ? 20  LYS B CA  1 
ATOM   431  C C   . LYS B 1 22 ? 1.669   3.197   0.651   1.00 34.39 ? 20  LYS B C   1 
ATOM   432  O O   . LYS B 1 22 ? 2.199   3.925   -0.198  1.00 32.97 ? 20  LYS B O   1 
ATOM   433  C CB  . LYS B 1 22 ? 0.671   1.219   -0.507  1.00 31.26 ? 20  LYS B CB  1 
ATOM   434  C CG  . LYS B 1 22 ? -0.536  0.324   -0.772  1.00 32.99 ? 20  LYS B CG  1 
ATOM   435  C CD  . LYS B 1 22 ? -0.164  -0.783  -1.756  1.00 41.29 ? 20  LYS B CD  1 
ATOM   436  C CE  . LYS B 1 22 ? -1.209  -1.898  -1.759  1.00 50.85 ? 20  LYS B CE  1 
ATOM   437  N NZ  . LYS B 1 22 ? -0.810  -3.083  -2.585  1.00 48.40 ? 20  LYS B NZ  1 
ATOM   438  N N   . ARG B 1 23 ? 2.171   3.017   1.872   1.00 41.63 ? 21  ARG B N   1 
ATOM   439  C CA  . ARG B 1 23 ? 3.494   3.525   2.204   1.00 32.46 ? 21  ARG B CA  1 
ATOM   440  C C   . ARG B 1 23 ? 4.538   2.625   1.548   1.00 37.73 ? 21  ARG B C   1 
ATOM   441  O O   . ARG B 1 23 ? 5.256   1.871   2.215   1.00 26.37 ? 21  ARG B O   1 
ATOM   442  C CB  . ARG B 1 23 ? 3.667   3.596   3.716   1.00 34.64 ? 21  ARG B CB  1 
ATOM   443  C CG  . ARG B 1 23 ? 4.610   4.692   4.129   1.00 47.83 ? 21  ARG B CG  1 
ATOM   444  C CD  . ARG B 1 23 ? 5.027   4.569   5.564   1.00 53.47 ? 21  ARG B CD  1 
ATOM   445  N NE  . ARG B 1 23 ? 3.946   4.765   6.549   1.00 64.80 ? 21  ARG B NE  1 
ATOM   446  C CZ  . ARG B 1 23 ? 4.102   5.366   7.720   1.00 68.24 ? 21  ARG B CZ  1 
ATOM   447  N NH1 . ARG B 1 23 ? 5.284   5.832   8.050   1.00 62.73 ? 21  ARG B NH1 1 
ATOM   448  N NH2 . ARG B 1 23 ? 3.072   5.493   8.534   1.00 77.97 ? 21  ARG B NH2 1 
ATOM   449  N N   . VAL B 1 24 ? 4.592   2.686   0.222   1.00 29.79 ? 22  VAL B N   1 
ATOM   450  C CA  . VAL B 1 24 ? 5.341   1.735   -0.582  1.00 28.23 ? 22  VAL B CA  1 
ATOM   451  C C   . VAL B 1 24 ? 6.078   2.474   -1.693  1.00 29.75 ? 22  VAL B C   1 
ATOM   452  O O   . VAL B 1 24 ? 5.557   3.431   -2.284  1.00 24.71 ? 22  VAL B O   1 
ATOM   453  C CB  . VAL B 1 24 ? 4.406   0.642   -1.148  1.00 31.34 ? 22  VAL B CB  1 
ATOM   454  C CG1 . VAL B 1 24 ? 5.066   -0.099  -2.289  1.00 35.11 ? 22  VAL B CG1 1 
ATOM   455  C CG2 . VAL B 1 24 ? 4.034   -0.339  -0.046  1.00 24.67 ? 22  VAL B CG2 1 
ATOM   456  N N   A VAL B 1 25 ? 7.288   2.008   -1.996  0.51 28.30 ? 23  VAL B N   1 
ATOM   457  N N   B VAL B 1 25 ? 7.269   1.979   -2.025  0.49 27.60 ? 23  VAL B N   1 
ATOM   458  C CA  A VAL B 1 25 ? 8.087   2.536   -3.086  0.51 27.58 ? 23  VAL B CA  1 
ATOM   459  C CA  B VAL B 1 25 ? 8.102   2.571   -3.107  0.49 27.82 ? 23  VAL B CA  1 
ATOM   460  C C   A VAL B 1 25 ? 8.518   1.393   -4.010  0.51 26.46 ? 23  VAL B C   1 
ATOM   461  C C   B VAL B 1 25 ? 8.608   1.449   -4.024  0.49 26.53 ? 23  VAL B C   1 
ATOM   462  O O   A VAL B 1 25 ? 8.989   0.348   -3.545  0.51 25.28 ? 23  VAL B O   1 
ATOM   463  O O   B VAL B 1 25 ? 8.984   0.398   -3.512  0.49 25.71 ? 23  VAL B O   1 
ATOM   464  C CB  A VAL B 1 25 ? 9.296   3.319   -2.542  0.51 28.97 ? 23  VAL B CB  1 
ATOM   465  C CB  B VAL B 1 25 ? 9.241   3.444   -2.550  0.49 28.95 ? 23  VAL B CB  1 
ATOM   466  C CG1 A VAL B 1 25 ? 10.364  3.417   -3.576  0.51 32.79 ? 23  VAL B CG1 1 
ATOM   467  C CG1 B VAL B 1 25 ? 10.028  2.722   -1.473  0.49 23.08 ? 23  VAL B CG1 1 
ATOM   468  C CG2 A VAL B 1 25 ? 8.844   4.702   -2.146  0.51 22.19 ? 23  VAL B CG2 1 
ATOM   469  C CG2 B VAL B 1 25 ? 10.170  3.892   -3.656  0.49 32.92 ? 23  VAL B CG2 1 
ATOM   470  N N   . ARG B 1 26 ? 8.362   1.608   -5.320  1.00 22.13 ? 24  ARG B N   1 
ATOM   471  C CA  . ARG B 1 26 ? 8.730   0.636   -6.353  1.00 30.08 ? 24  ARG B CA  1 
ATOM   472  C C   . ARG B 1 26 ? 10.183  0.866   -6.765  1.00 29.58 ? 24  ARG B C   1 
ATOM   473  O O   . ARG B 1 26 ? 10.508  1.882   -7.386  1.00 26.34 ? 24  ARG B O   1 
ATOM   474  C CB  . ARG B 1 26 ? 7.812   0.772   -7.568  1.00 33.23 ? 24  ARG B CB  1 
ATOM   475  C CG  . ARG B 1 26 ? 6.342   0.443   -7.330  1.00 34.48 ? 24  ARG B CG  1 
ATOM   476  C CD  . ARG B 1 26 ? 6.082   -1.023  -7.568  1.00 35.20 ? 24  ARG B CD  1 
ATOM   477  N NE  . ARG B 1 26 ? 4.722   -1.440  -7.249  1.00 33.01 ? 24  ARG B NE  1 
ATOM   478  C CZ  . ARG B 1 26 ? 4.356   -2.716  -7.144  1.00 35.39 ? 24  ARG B CZ  1 
ATOM   479  N NH1 . ARG B 1 26 ? 5.250   -3.676  -7.336  1.00 33.95 ? 24  ARG B NH1 1 
ATOM   480  N NH2 . ARG B 1 26 ? 3.109   -3.037  -6.839  1.00 31.78 ? 24  ARG B NH2 1 
ATOM   481  N N   . VAL B 1 27 ? 11.051  -0.084  -6.449  1.00 29.81 ? 25  VAL B N   1 
ATOM   482  C CA  . VAL B 1 27 ? 12.475  0.009   -6.756  1.00 36.09 ? 25  VAL B CA  1 
ATOM   483  C C   . VAL B 1 27 ? 12.880  -1.186  -7.613  1.00 31.95 ? 25  VAL B C   1 
ATOM   484  O O   . VAL B 1 27 ? 12.611  -2.334  -7.249  1.00 27.74 ? 25  VAL B O   1 
ATOM   485  C CB  . VAL B 1 27 ? 13.319  0.072   -5.472  1.00 37.24 ? 25  VAL B CB  1 
ATOM   486  C CG1 . VAL B 1 27 ? 14.789  0.231   -5.820  1.00 35.00 ? 25  VAL B CG1 1 
ATOM   487  C CG2 . VAL B 1 27 ? 12.853  1.230   -4.591  1.00 32.46 ? 25  VAL B CG2 1 
ATOM   488  N N   . ASP B 1 28 ? 13.512  -0.908  -8.755  1.00 32.23 ? 26  ASP B N   1 
ATOM   489  C CA  . ASP B 1 28 ? 14.099  -1.945  -9.593  1.00 36.85 ? 26  ASP B CA  1 
ATOM   490  C C   . ASP B 1 28 ? 15.263  -2.618  -8.866  1.00 37.74 ? 26  ASP B C   1 
ATOM   491  O O   . ASP B 1 28 ? 15.873  -2.051  -7.952  1.00 35.08 ? 26  ASP B O   1 
ATOM   492  C CB  . ASP B 1 28 ? 14.589  -1.351  -10.913 1.00 42.74 ? 26  ASP B CB  1 
ATOM   493  C CG  . ASP B 1 28 ? 14.518  -2.338  -12.075 1.00 53.85 ? 26  ASP B CG  1 
ATOM   494  O OD1 . ASP B 1 28 ? 14.666  -1.873  -13.232 1.00 61.85 ? 26  ASP B OD1 1 
ATOM   495  O OD2 . ASP B 1 28 ? 14.286  -3.560  -11.843 1.00 51.69 ? 26  ASP B OD2 1 
ATOM   496  N N   . LYS B 1 29 ? 15.591  -3.842  -9.295  1.00 38.72 ? 27  LYS B N   1 
ATOM   497  C CA  . LYS B 1 29 ? 16.548  -4.643  -8.528  1.00 42.31 ? 27  LYS B CA  1 
ATOM   498  C C   . LYS B 1 29 ? 17.944  -4.030  -8.516  1.00 40.41 ? 27  LYS B C   1 
ATOM   499  O O   . LYS B 1 29 ? 18.663  -4.159  -7.517  1.00 42.55 ? 27  LYS B O   1 
ATOM   500  C CB  . LYS B 1 29 ? 16.623  -6.071  -9.061  1.00 47.19 ? 27  LYS B CB  1 
ATOM   501  C CG  . LYS B 1 29 ? 17.129  -7.020  -7.988  1.00 44.82 ? 27  LYS B CG  1 
ATOM   502  C CD  . LYS B 1 29 ? 17.980  -8.128  -8.545  1.00 50.16 ? 27  LYS B CD  1 
ATOM   503  C CE  . LYS B 1 29 ? 18.282  -9.145  -7.462  1.00 47.69 ? 27  LYS B CE  1 
ATOM   504  N NZ  . LYS B 1 29 ? 18.707  -8.478  -6.202  1.00 48.24 ? 27  LYS B NZ  1 
ATOM   505  N N   . ALA B 1 30 ? 18.354  -3.380  -9.602  1.00 37.85 ? 28  ALA B N   1 
ATOM   506  C CA  . ALA B 1 30 ? 19.662  -2.734  -9.600  1.00 46.41 ? 28  ALA B CA  1 
ATOM   507  C C   . ALA B 1 30 ? 19.766  -1.739  -8.449  1.00 44.39 ? 28  ALA B C   1 
ATOM   508  O O   . ALA B 1 30 ? 20.694  -1.813  -7.634  1.00 42.94 ? 28  ALA B O   1 
ATOM   509  C CB  . ALA B 1 30 ? 19.921  -2.049  -10.946 1.00 42.42 ? 28  ALA B CB  1 
ATOM   510  N N   . GLU B 1 31 ? 18.790  -0.831  -8.342  1.00 38.86 ? 29  GLU B N   1 
ATOM   511  C CA  . GLU B 1 31 ? 18.797  0.119   -7.233  1.00 40.27 ? 29  GLU B CA  1 
ATOM   512  C C   . GLU B 1 31 ? 18.684  -0.595  -5.891  1.00 33.83 ? 29  GLU B C   1 
ATOM   513  O O   . GLU B 1 31 ? 19.407  -0.253  -4.948  1.00 34.35 ? 29  GLU B O   1 
ATOM   514  C CB  . GLU B 1 31 ? 17.670  1.142   -7.397  1.00 39.35 ? 29  GLU B CB  1 
ATOM   515  C CG  . GLU B 1 31 ? 18.029  2.349   -8.236  1.00 40.47 ? 29  GLU B CG  1 
ATOM   516  C CD  . GLU B 1 31 ? 18.306  1.966   -9.672  1.00 53.21 ? 29  GLU B CD  1 
ATOM   517  O OE1 . GLU B 1 31 ? 17.398  1.402   -10.318 1.00 44.42 ? 29  GLU B OE1 1 
ATOM   518  O OE2 . GLU B 1 31 ? 19.440  2.199   -10.148 1.00 65.21 ? 29  GLU B OE2 1 
ATOM   519  N N   . ARG B 1 32 ? 17.788  -1.587  -5.780  1.00 31.21 ? 30  ARG B N   1 
ATOM   520  C CA  . ARG B 1 32 ? 17.709  -2.401  -4.559  1.00 42.11 ? 30  ARG B CA  1 
ATOM   521  C C   . ARG B 1 32 ? 19.082  -2.931  -4.163  1.00 33.69 ? 30  ARG B C   1 
ATOM   522  O O   . ARG B 1 32 ? 19.483  -2.860  -2.994  1.00 31.31 ? 30  ARG B O   1 
ATOM   523  C CB  . ARG B 1 32 ? 16.736  -3.576  -4.738  1.00 37.28 ? 30  ARG B CB  1 
ATOM   524  C CG  . ARG B 1 32 ? 15.265  -3.205  -4.812  1.00 35.59 ? 30  ARG B CG  1 
ATOM   525  C CD  . ARG B 1 32 ? 14.351  -4.331  -4.320  1.00 28.27 ? 30  ARG B CD  1 
ATOM   526  N NE  . ARG B 1 32 ? 14.469  -5.559  -5.113  1.00 34.46 ? 30  ARG B NE  1 
ATOM   527  C CZ  . ARG B 1 32 ? 13.998  -5.706  -6.347  1.00 34.37 ? 30  ARG B CZ  1 
ATOM   528  N NH1 . ARG B 1 32 ? 13.385  -4.708  -6.962  1.00 36.31 ? 30  ARG B NH1 1 
ATOM   529  N NH2 . ARG B 1 32 ? 14.153  -6.858  -6.976  1.00 41.55 ? 30  ARG B NH2 1 
ATOM   530  N N   . ALA B 1 33 ? 19.808  -3.477  -5.138  1.00 33.41 ? 31  ALA B N   1 
ATOM   531  C CA  . ALA B 1 33 ? 21.135  -4.026  -4.885  1.00 39.81 ? 31  ALA B CA  1 
ATOM   532  C C   . ALA B 1 33 ? 22.123  -2.947  -4.469  1.00 38.79 ? 31  ALA B C   1 
ATOM   533  O O   . ALA B 1 33 ? 22.913  -3.145  -3.540  1.00 43.09 ? 31  ALA B O   1 
ATOM   534  C CB  . ALA B 1 33 ? 21.632  -4.758  -6.127  1.00 45.67 ? 31  ALA B CB  1 
ATOM   535  N N   . LYS B 1 34 ? 22.083  -1.782  -5.124  1.00 41.13 ? 32  LYS B N   1 
ATOM   536  C CA  . LYS B 1 34 ? 23.013  -0.718  -4.762  1.00 34.98 ? 32  LYS B CA  1 
ATOM   537  C C   . LYS B 1 34 ? 22.705  -0.157  -3.380  1.00 37.79 ? 32  LYS B C   1 
ATOM   538  O O   . LYS B 1 34 ? 23.624  0.169   -2.622  1.00 48.12 ? 32  LYS B O   1 
ATOM   539  C CB  . LYS B 1 34 ? 22.988  0.397   -5.803  1.00 43.03 ? 32  LYS B CB  1 
ATOM   540  C CG  . LYS B 1 34 ? 23.525  -0.014  -7.142  1.00 43.72 ? 32  LYS B CG  1 
ATOM   541  C CD  . LYS B 1 34 ? 23.167  0.996   -8.215  1.00 50.62 ? 32  LYS B CD  1 
ATOM   542  C CE  . LYS B 1 34 ? 24.233  1.028   -9.297  1.00 53.92 ? 32  LYS B CE  1 
ATOM   543  N NZ  . LYS B 1 34 ? 24.453  2.405   -9.831  1.00 63.34 ? 32  LYS B NZ  1 
ATOM   544  N N   . VAL B 1 35 ? 21.425  -0.022  -3.039  1.00 35.35 ? 33  VAL B N   1 
ATOM   545  C CA  . VAL B 1 35 ? 21.097  0.399   -1.685  1.00 34.81 ? 33  VAL B CA  1 
ATOM   546  C C   . VAL B 1 35 ? 21.389  -0.732  -0.709  1.00 37.61 ? 33  VAL B C   1 
ATOM   547  O O   . VAL B 1 35 ? 21.750  -0.491  0.449   1.00 39.72 ? 33  VAL B O   1 
ATOM   548  C CB  . VAL B 1 35 ? 19.628  0.851   -1.596  1.00 35.07 ? 33  VAL B CB  1 
ATOM   549  C CG1 . VAL B 1 35 ? 19.327  1.409   -0.215  1.00 43.44 ? 33  VAL B CG1 1 
ATOM   550  C CG2 . VAL B 1 35 ? 19.315  1.892   -2.644  1.00 31.59 ? 33  VAL B CG2 1 
ATOM   551  N N   . GLY B 1 36 ? 21.257  -1.977  -1.155  1.00 44.26 ? 34  GLY B N   1 
ATOM   552  C CA  . GLY B 1 36 ? 21.450  -3.108  -0.281  1.00 39.61 ? 34  GLY B CA  1 
ATOM   553  C C   . GLY B 1 36 ? 20.207  -3.432  0.516   1.00 42.00 ? 34  GLY B C   1 
ATOM   554  O O   . GLY B 1 36 ? 20.276  -3.583  1.740   1.00 49.08 ? 34  GLY B O   1 
ATOM   555  N N   . VAL B 1 37 ? 19.059  -3.530  -0.154  1.00 36.60 ? 35  VAL B N   1 
ATOM   556  C CA  . VAL B 1 37 ? 17.824  -3.939  0.503   1.00 42.09 ? 35  VAL B CA  1 
ATOM   557  C C   . VAL B 1 37 ? 17.120  -4.993  -0.342  1.00 39.37 ? 35  VAL B C   1 
ATOM   558  O O   . VAL B 1 37 ? 17.373  -5.134  -1.545  1.00 35.06 ? 35  VAL B O   1 
ATOM   559  C CB  . VAL B 1 37 ? 16.889  -2.736  0.778   1.00 42.58 ? 35  VAL B CB  1 
ATOM   560  C CG1 . VAL B 1 37 ? 17.532  -1.777  1.792   1.00 38.51 ? 35  VAL B CG1 1 
ATOM   561  C CG2 . VAL B 1 37 ? 16.555  -2.007  -0.516  1.00 28.16 ? 35  VAL B CG2 1 
ATOM   562  N N   . LYS B 1 38 ? 16.251  -5.757  0.306   1.00 43.37 ? 36  LYS B N   1 
ATOM   563  C CA  . LYS B 1 38 ? 15.383  -6.704  -0.376  1.00 46.97 ? 36  LYS B CA  1 
ATOM   564  C C   . LYS B 1 38 ? 13.954  -6.183  -0.381  1.00 42.95 ? 36  LYS B C   1 
ATOM   565  O O   . LYS B 1 38 ? 13.576  -5.308  0.410   1.00 38.09 ? 36  LYS B O   1 
ATOM   566  C CB  . LYS B 1 38 ? 15.423  -8.094  0.283   1.00 49.11 ? 36  LYS B CB  1 
ATOM   567  C CG  . LYS B 1 38 ? 16.771  -8.802  0.203   1.00 53.91 ? 36  LYS B CG  1 
ATOM   568  C CD  . LYS B 1 38 ? 16.879  -9.936  1.220   1.00 63.30 ? 36  LYS B CD  1 
ATOM   569  C CE  . LYS B 1 38 ? 16.501  -9.476  2.626   1.00 63.01 ? 36  LYS B CE  1 
ATOM   570  N NZ  . LYS B 1 38 ? 16.665  -10.569 3.635   1.00 67.11 ? 36  LYS B NZ  1 
ATOM   571  N N   . VAL B 1 39 ? 13.162  -6.724  -1.306  1.00 34.17 ? 37  VAL B N   1 
ATOM   572  C CA  . VAL B 1 39 ? 11.730  -6.494  -1.285  1.00 34.09 ? 37  VAL B CA  1 
ATOM   573  C C   . VAL B 1 39 ? 11.200  -6.788  0.111   1.00 35.05 ? 37  VAL B C   1 
ATOM   574  O O   . VAL B 1 39 ? 11.495  -7.834  0.693   1.00 37.42 ? 37  VAL B O   1 
ATOM   575  C CB  . VAL B 1 39 ? 11.044  -7.356  -2.357  1.00 32.24 ? 37  VAL B CB  1 
ATOM   576  C CG1 . VAL B 1 39 ? 9.526   -7.293  -2.187  1.00 33.46 ? 37  VAL B CG1 1 
ATOM   577  C CG2 . VAL B 1 39 ? 11.482  -6.893  -3.755  1.00 26.30 ? 37  VAL B CG2 1 
ATOM   578  N N   . GLY B 1 40 ? 10.447  -5.841  0.667   1.00 34.61 ? 38  GLY B N   1 
ATOM   579  C CA  . GLY B 1 40 ? 9.947   -5.937  2.015   1.00 30.20 ? 38  GLY B CA  1 
ATOM   580  C C   . GLY B 1 40 ? 10.719  -5.123  3.035   1.00 37.24 ? 38  GLY B C   1 
ATOM   581  O O   . GLY B 1 40 ? 10.186  -4.850  4.112   1.00 40.28 ? 38  GLY B O   1 
ATOM   582  N N   . ASP B 1 41 ? 11.962  -4.738  2.734   1.00 28.21 ? 39  ASP B N   1 
ATOM   583  C CA  . ASP B 1 41 ? 12.706  -3.866  3.627   1.00 34.94 ? 39  ASP B CA  1 
ATOM   584  C C   . ASP B 1 41 ? 12.134  -2.450  3.578   1.00 33.26 ? 39  ASP B C   1 
ATOM   585  O O   . ASP B 1 41 ? 11.259  -2.116  2.772   1.00 29.21 ? 39  ASP B O   1 
ATOM   586  C CB  . ASP B 1 41 ? 14.191  -3.826  3.251   1.00 38.13 ? 39  ASP B CB  1 
ATOM   587  C CG  . ASP B 1 41 ? 14.906  -5.140  3.497   1.00 42.89 ? 39  ASP B CG  1 
ATOM   588  O OD1 . ASP B 1 41 ? 14.452  -5.934  4.356   1.00 46.36 ? 39  ASP B OD1 1 
ATOM   589  O OD2 . ASP B 1 41 ? 15.940  -5.368  2.832   1.00 43.64 ? 39  ASP B OD2 1 
ATOM   590  N N   . VAL B 1 42 ? 12.691  -1.583  4.412   1.00 34.49 ? 40  VAL B N   1 
ATOM   591  C CA  . VAL B 1 42 ? 12.269  -0.197  4.507   1.00 29.32 ? 40  VAL B CA  1 
ATOM   592  C C   . VAL B 1 42 ? 13.415  0.686   4.041   1.00 39.83 ? 40  VAL B C   1 
ATOM   593  O O   . VAL B 1 42 ? 14.572  0.477   4.430   1.00 39.43 ? 40  VAL B O   1 
ATOM   594  C CB  . VAL B 1 42 ? 11.834  0.156   5.937   1.00 35.44 ? 40  VAL B CB  1 
ATOM   595  C CG1 . VAL B 1 42 ? 11.155  1.510   5.957   1.00 34.65 ? 40  VAL B CG1 1 
ATOM   596  C CG2 . VAL B 1 42 ? 10.888  -0.899  6.462   1.00 36.62 ? 40  VAL B CG2 1 
ATOM   597  N N   . VAL B 1 43 ? 13.096  1.664   3.195   1.00 31.97 ? 41  VAL B N   1 
ATOM   598  C CA  . VAL B 1 43 ? 14.081  2.612   2.711   1.00 27.53 ? 41  VAL B CA  1 
ATOM   599  C C   . VAL B 1 43 ? 13.629  4.006   3.076   1.00 37.34 ? 41  VAL B C   1 
ATOM   600  O O   . VAL B 1 43 ? 12.432  4.296   3.169   1.00 33.28 ? 41  VAL B O   1 
ATOM   601  C CB  . VAL B 1 43 ? 14.321  2.529   1.188   1.00 35.59 ? 41  VAL B CB  1 
ATOM   602  C CG1 . VAL B 1 43 ? 15.109  1.276   0.831   1.00 36.03 ? 41  VAL B CG1 1 
ATOM   603  C CG2 . VAL B 1 43 ? 12.995  2.629   0.404   1.00 26.78 ? 41  VAL B CG2 1 
ATOM   604  N N   . GLU B 1 44 ? 14.611  4.876   3.265   1.00 40.85 ? 42  GLU B N   1 
ATOM   605  C CA  . GLU B 1 44 ? 14.350  6.299   3.328   1.00 36.21 ? 42  GLU B CA  1 
ATOM   606  C C   . GLU B 1 44 ? 14.382  6.879   1.924   1.00 33.68 ? 42  GLU B C   1 
ATOM   607  O O   . GLU B 1 44 ? 15.242  6.530   1.110   1.00 33.59 ? 42  GLU B O   1 
ATOM   608  C CB  . GLU B 1 44 ? 15.371  7.006   4.214   1.00 34.05 ? 42  GLU B CB  1 
ATOM   609  C CG  . GLU B 1 44 ? 15.100  8.481   4.328   1.00 37.83 ? 42  GLU B CG  1 
ATOM   610  C CD  . GLU B 1 44 ? 16.224  9.241   5.002   1.00 36.17 ? 42  GLU B CD  1 
ATOM   611  O OE1 . GLU B 1 44 ? 16.097  10.476  5.088   1.00 43.32 ? 42  GLU B OE1 1 
ATOM   612  O OE2 . GLU B 1 44 ? 17.220  8.612   5.440   1.00 45.23 ? 42  GLU B OE2 1 
ATOM   613  N N   . VAL B 1 45 ? 13.433  7.760   1.640   1.00 30.77 ? 43  VAL B N   1 
ATOM   614  C CA  . VAL B 1 45 ? 13.447  8.572   0.431   1.00 29.18 ? 43  VAL B CA  1 
ATOM   615  C C   . VAL B 1 45 ? 13.746  10.005  0.871   1.00 32.87 ? 43  VAL B C   1 
ATOM   616  O O   . VAL B 1 45 ? 13.052  10.561  1.731   1.00 32.58 ? 43  VAL B O   1 
ATOM   617  C CB  . VAL B 1 45 ? 12.120  8.448   -0.338  1.00 27.72 ? 43  VAL B CB  1 
ATOM   618  C CG1 . VAL B 1 45 ? 12.177  9.206   -1.640  1.00 27.67 ? 43  VAL B CG1 1 
ATOM   619  C CG2 . VAL B 1 45 ? 11.811  6.975   -0.610  1.00 32.10 ? 43  VAL B CG2 1 
ATOM   620  N N   . LYS B 1 46 ? 14.807  10.586  0.325   1.00 32.80 ? 44  LYS B N   1 
ATOM   621  C CA  . LYS B 1 46 ? 15.285  11.897  0.755   1.00 42.74 ? 44  LYS B CA  1 
ATOM   622  C C   . LYS B 1 46 ? 15.657  12.721  -0.469  1.00 38.45 ? 44  LYS B C   1 
ATOM   623  O O   . LYS B 1 46 ? 16.140  12.186  -1.473  1.00 42.90 ? 44  LYS B O   1 
ATOM   624  C CB  . LYS B 1 46 ? 16.495  11.770  1.703   1.00 30.86 ? 44  LYS B CB  1 
ATOM   625  C CG  . LYS B 1 46 ? 17.199  13.071  2.000   1.00 59.01 ? 44  LYS B CG  1 
ATOM   626  C CD  . LYS B 1 46 ? 18.708  12.882  2.168   1.00 57.38 ? 44  LYS B CD  1 
ATOM   627  C CE  . LYS B 1 46 ? 19.051  12.327  3.528   1.00 47.26 ? 44  LYS B CE  1 
ATOM   628  N NZ  . LYS B 1 46 ? 20.281  12.965  4.066   1.00 53.81 ? 44  LYS B NZ  1 
ATOM   629  N N   . LYS B 1 47 ? 15.414  14.021  -0.400  1.00 37.28 ? 45  LYS B N   1 
ATOM   630  C CA  . LYS B 1 47 ? 15.798  14.820  -1.549  1.00 49.96 ? 45  LYS B CA  1 
ATOM   631  C C   . LYS B 1 47 ? 17.310  15.032  -1.565  1.00 39.67 ? 45  LYS B C   1 
ATOM   632  O O   . LYS B 1 47 ? 18.008  14.879  -0.555  1.00 39.61 ? 45  LYS B O   1 
ATOM   633  C CB  . LYS B 1 47 ? 15.050  16.157  -1.575  1.00 43.90 ? 45  LYS B CB  1 
ATOM   634  C CG  . LYS B 1 47 ? 15.463  17.146  -0.515  1.00 55.57 ? 45  LYS B CG  1 
ATOM   635  C CD  . LYS B 1 47 ? 14.380  18.208  -0.334  1.00 60.77 ? 45  LYS B CD  1 
ATOM   636  C CE  . LYS B 1 47 ? 13.954  18.791  -1.673  1.00 56.03 ? 45  LYS B CE  1 
ATOM   637  N NZ  . LYS B 1 47 ? 13.167  20.053  -1.517  1.00 62.38 ? 45  LYS B NZ  1 
ATOM   638  N N   . VAL B 1 48 ? 17.814  15.345  -2.747  1.00 45.08 ? 46  VAL B N   1 
ATOM   639  C CA  . VAL B 1 48 ? 19.242  15.532  -2.937  1.00 55.11 ? 46  VAL B CA  1 
ATOM   640  C C   . VAL B 1 48 ? 19.661  16.932  -2.513  1.00 60.91 ? 46  VAL B C   1 
ATOM   641  O O   . VAL B 1 48 ? 20.494  17.090  -1.617  1.00 68.32 ? 46  VAL B O   1 
ATOM   642  C CB  . VAL B 1 48 ? 19.632  15.267  -4.387  1.00 56.17 ? 46  VAL B CB  1 
ATOM   643  C CG1 . VAL B 1 48 ? 20.970  15.948  -4.702  1.00 52.30 ? 46  VAL B CG1 1 
ATOM   644  C CG2 . VAL B 1 48 ? 19.680  13.753  -4.642  1.00 40.96 ? 46  VAL B CG2 1 
ATOM   645  O OXT . VAL B 1 48 ? 19.162  17.925  -3.049  1.00 57.20 ? 46  VAL B OXT 1 
ATOM   646  N N   . LYS C 1 7  ? -21.961 -19.395 7.719   1.00 47.79 ? 5   LYS C N   1 
ATOM   647  C CA  . LYS C 1 7  ? -22.264 -20.004 6.400   1.00 48.91 ? 5   LYS C CA  1 
ATOM   648  C C   . LYS C 1 7  ? -21.498 -21.321 6.263   1.00 48.46 ? 5   LYS C C   1 
ATOM   649  O O   . LYS C 1 7  ? -22.064 -22.237 5.712   1.00 53.86 ? 5   LYS C O   1 
ATOM   650  C CB  . LYS C 1 7  ? -22.107 -18.988 5.270   1.00 50.83 ? 5   LYS C CB  1 
ATOM   651  C CG  . LYS C 1 7  ? -23.386 -18.714 4.513   1.00 52.07 ? 5   LYS C CG  1 
ATOM   652  C CD  . LYS C 1 7  ? -23.233 -17.635 3.487   1.00 62.47 ? 5   LYS C CD  1 
ATOM   653  C CE  . LYS C 1 7  ? -24.562 -16.989 3.200   1.00 60.44 ? 5   LYS C CE  1 
ATOM   654  N NZ  . LYS C 1 7  ? -25.246 -16.653 4.466   1.00 58.97 ? 5   LYS C NZ  1 
ATOM   655  N N   . VAL C 1 8  ? -20.238 -21.369 6.679   1.00 35.08 ? 6   VAL C N   1 
ATOM   656  C CA  . VAL C 1 8  ? -19.506 -22.664 6.809   1.00 32.25 ? 6   VAL C CA  1 
ATOM   657  C C   . VAL C 1 8  ? -18.964 -22.776 8.225   1.00 38.22 ? 6   VAL C C   1 
ATOM   658  O O   . VAL C 1 8  ? -18.519 -21.798 8.767   1.00 33.78 ? 6   VAL C O   1 
ATOM   659  C CB  . VAL C 1 8  ? -18.359 -22.956 5.837   1.00 32.41 ? 6   VAL C CB  1 
ATOM   660  C CG1 . VAL C 1 8  ? -18.820 -23.481 4.509   1.00 49.12 ? 6   VAL C CG1 1 
ATOM   661  C CG2 . VAL C 1 8  ? -17.350 -21.843 5.718   1.00 35.63 ? 6   VAL C CG2 1 
ATOM   662  N N   . VAL C 1 9  ? -19.005 -23.977 8.758   1.00 26.79 ? 7   VAL C N   1 
ATOM   663  C CA  . VAL C 1 9  ? -18.429 -24.281 10.046  1.00 28.78 ? 7   VAL C CA  1 
ATOM   664  C C   . VAL C 1 9  ? -17.089 -24.944 9.780   1.00 28.09 ? 7   VAL C C   1 
ATOM   665  O O   . VAL C 1 9  ? -16.999 -25.847 8.942   1.00 31.04 ? 7   VAL C O   1 
ATOM   666  C CB  . VAL C 1 9  ? -19.357 -25.185 10.865  1.00 26.52 ? 7   VAL C CB  1 
ATOM   667  C CG1 . VAL C 1 9  ? -18.638 -25.774 12.067  1.00 26.00 ? 7   VAL C CG1 1 
ATOM   668  C CG2 . VAL C 1 9  ? -20.592 -24.405 11.281  1.00 23.49 ? 7   VAL C CG2 1 
ATOM   669  N N   . ALA C 1 10 ? -16.051 -24.499 10.476  1.00 28.39 ? 8   ALA C N   1 
ATOM   670  C CA  . ALA C 1 10 ? -14.715 -25.022 10.264  1.00 21.54 ? 8   ALA C CA  1 
ATOM   671  C C   . ALA C 1 10 ? -13.947 -24.915 11.566  1.00 23.36 ? 8   ALA C C   1 
ATOM   672  O O   . ALA C 1 10 ? -14.330 -24.177 12.471  1.00 25.25 ? 8   ALA C O   1 
ATOM   673  C CB  . ALA C 1 10 ? -13.981 -24.268 9.151   1.00 26.15 ? 8   ALA C CB  1 
ATOM   674  N N   . ARG C 1 11 ? -12.835 -25.618 11.594  1.00 27.11 ? 9   ARG C N   1 
ATOM   675  C CA  . ARG C 1 11 ? -11.885 -25.586 12.712  1.00 29.96 ? 9   ARG C CA  1 
ATOM   676  C C   . ARG C 1 11 ? -10.678 -24.738 12.304  1.00 29.94 ? 9   ARG C C   1 
ATOM   677  O O   . ARG C 1 11 ? -10.299 -24.764 11.171  1.00 22.10 ? 9   ARG C O   1 
ATOM   678  C CB  . ARG C 1 11 ? -11.574 -27.006 13.179  1.00 26.52 ? 9   ARG C CB  1 
ATOM   679  C CG  . ARG C 1 11 ? -12.624 -27.561 14.119  1.00 29.39 ? 9   ARG C CG  1 
ATOM   680  C CD  . ARG C 1 11 ? -12.333 -28.925 14.691  1.00 25.67 ? 9   ARG C CD  1 
ATOM   681  N NE  . ARG C 1 11 ? -13.483 -29.502 15.336  1.00 25.92 ? 9   ARG C NE  1 
ATOM   682  C CZ  . ARG C 1 11 ? -13.909 -29.265 16.553  1.00 28.13 ? 9   ARG C CZ  1 
ATOM   683  N NH1 . ARG C 1 11 ? -15.002 -29.858 16.971  1.00 26.67 ? 9   ARG C NH1 1 
ATOM   684  N NH2 . ARG C 1 11 ? -13.271 -28.448 17.354  1.00 25.72 ? 9   ARG C NH2 1 
ATOM   685  N N   . VAL C 1 12 ? -10.123 -24.014 13.261  1.00 26.07 ? 10  VAL C N   1 
ATOM   686  C CA  . VAL C 1 12 ? -8.951  -23.123 13.060  1.00 30.25 ? 10  VAL C CA  1 
ATOM   687  C C   . VAL C 1 12 ? -7.654  -23.924 13.066  1.00 31.46 ? 10  VAL C C   1 
ATOM   688  O O   . VAL C 1 12 ? -7.518  -24.827 13.850  1.00 33.60 ? 10  VAL C O   1 
ATOM   689  C CB  . VAL C 1 12 ? -8.877  -22.006 14.118  1.00 33.28 ? 10  VAL C CB  1 
ATOM   690  C CG1 . VAL C 1 12 ? -7.837  -20.974 13.773  1.00 43.35 ? 10  VAL C CG1 1 
ATOM   691  C CG2 . VAL C 1 12 ? -10.196 -21.327 14.342  1.00 39.98 ? 10  VAL C CG2 1 
ATOM   692  N N   . ALA C 1 13 ? -6.778  -23.573 12.147  1.00 36.47 ? 11  ALA C N   1 
ATOM   693  C CA  . ALA C 1 13 ? -5.405  -24.096 12.032  1.00 42.37 ? 11  ALA C CA  1 
ATOM   694  C C   . ALA C 1 13 ? -4.475  -22.884 11.968  1.00 42.10 ? 11  ALA C C   1 
ATOM   695  O O   . ALA C 1 13 ? -4.900  -21.840 11.536  1.00 37.44 ? 11  ALA C O   1 
ATOM   696  C CB  . ALA C 1 13 ? -5.285  -24.966 10.828  1.00 31.07 ? 11  ALA C CB  1 
ATOM   697  N N   . GLU C 1 14 ? -3.230  -23.048 12.378  1.00 44.27 ? 12  GLU C N   1 
ATOM   698  C CA  . GLU C 1 14 ? -2.282  -21.909 12.428  1.00 47.06 ? 12  GLU C CA  1 
ATOM   699  C C   . GLU C 1 14 ? -1.898  -21.389 11.042  1.00 44.17 ? 12  GLU C C   1 
ATOM   700  O O   . GLU C 1 14 ? -1.948  -22.155 10.105  1.00 44.62 ? 12  GLU C O   1 
ATOM   701  C CB  . GLU C 1 14 ? -1.058  -22.314 13.239  1.00 48.58 ? 12  GLU C CB  1 
ATOM   702  C CG  . GLU C 1 14 ? -0.247  -23.410 12.595  1.00 63.45 ? 12  GLU C CG  1 
ATOM   703  C CD  . GLU C 1 14 ? 1.029   -23.766 13.331  1.00 71.70 ? 12  GLU C CD  1 
ATOM   704  O OE1 . GLU C 1 14 ? 1.077   -23.549 14.543  1.00 70.56 ? 12  GLU C OE1 1 
ATOM   705  O OE2 . GLU C 1 14 ? 1.971   -24.242 12.682  1.00 70.16 ? 12  GLU C OE2 1 
ATOM   706  N N   . ALA C 1 15 ? -1.509  -20.129 10.941  1.00 43.82 ? 13  ALA C N   1 
ATOM   707  C CA  . ALA C 1 15 ? -1.089  -19.610 9.626   1.00 43.83 ? 13  ALA C CA  1 
ATOM   708  C C   . ALA C 1 15 ? 0.236   -20.252 9.240   1.00 46.14 ? 13  ALA C C   1 
ATOM   709  O O   . ALA C 1 15 ? 1.017   -20.571 10.111  1.00 46.56 ? 13  ALA C O   1 
ATOM   710  C CB  . ALA C 1 15 ? -0.929  -18.123 9.669   1.00 43.04 ? 13  ALA C CB  1 
ATOM   711  N N   . ARG C 1 16 ? 0.455   -20.438 7.953   1.00 45.76 ? 14  ARG C N   1 
ATOM   712  C CA  . ARG C 1 16 ? 1.759   -20.967 7.514   1.00 55.00 ? 14  ARG C CA  1 
ATOM   713  C C   . ARG C 1 16 ? 2.710   -19.775 7.420   1.00 56.81 ? 14  ARG C C   1 
ATOM   714  O O   . ARG C 1 16 ? 2.237   -18.678 7.122   1.00 56.89 ? 14  ARG C O   1 
ATOM   715  C CB  . ARG C 1 16 ? 1.572   -21.843 6.280   1.00 58.46 ? 14  ARG C CB  1 
ATOM   716  C CG  . ARG C 1 16 ? 0.893   -23.160 6.624   1.00 58.08 ? 14  ARG C CG  1 
ATOM   717  C CD  . ARG C 1 16 ? 1.286   -24.312 5.733   1.00 67.45 ? 14  ARG C CD  1 
ATOM   718  N NE  . ARG C 1 16 ? 0.421   -24.394 4.577   1.00 66.22 ? 14  ARG C NE  1 
ATOM   719  C CZ  . ARG C 1 16 ? 0.043   -25.528 4.024   1.00 72.57 ? 14  ARG C CZ  1 
ATOM   720  N NH1 . ARG C 1 16 ? -0.749  -25.510 2.969   1.00 70.85 ? 14  ARG C NH1 1 
ATOM   721  N NH2 . ARG C 1 16 ? 0.453   -26.672 4.530   1.00 71.48 ? 14  ARG C NH2 1 
ATOM   722  N N   . ALA C 1 17 ? 3.983   -20.016 7.734   1.00 66.97 ? 15  ALA C N   1 
ATOM   723  C CA  . ALA C 1 17 ? 5.072   -19.017 7.829   1.00 56.37 ? 15  ALA C CA  1 
ATOM   724  C C   . ALA C 1 17 ? 4.947   -17.901 6.804   1.00 55.73 ? 15  ALA C C   1 
ATOM   725  O O   . ALA C 1 17 ? 5.052   -16.739 7.167   1.00 54.38 ? 15  ALA C O   1 
ATOM   726  C CB  . ALA C 1 17 ? 6.388   -19.711 7.667   1.00 56.00 ? 15  ALA C CB  1 
ATOM   727  N N   . GLU C 1 18 ? 4.722   -18.264 5.557   1.00 58.76 ? 16  GLU C N   1 
ATOM   728  C CA  . GLU C 1 18 ? 4.699   -17.261 4.496   1.00 59.08 ? 16  GLU C CA  1 
ATOM   729  C C   . GLU C 1 18 ? 3.519   -16.302 4.622   1.00 62.07 ? 16  GLU C C   1 
ATOM   730  O O   . GLU C 1 18 ? 3.562   -15.210 4.044   1.00 64.60 ? 16  GLU C O   1 
ATOM   731  C CB  . GLU C 1 18 ? 4.673   -17.945 3.129   1.00 68.15 ? 16  GLU C CB  1 
ATOM   732  C CG  . GLU C 1 18 ? 5.697   -19.054 2.977   1.00 71.83 ? 16  GLU C CG  1 
ATOM   733  C CD  . GLU C 1 18 ? 5.134   -20.418 3.337   1.00 80.92 ? 16  GLU C CD  1 
ATOM   734  O OE1 . GLU C 1 18 ? 4.798   -21.185 2.407   1.00 89.19 ? 16  GLU C OE1 1 
ATOM   735  O OE2 . GLU C 1 18 ? 5.015   -20.717 4.548   1.00 77.30 ? 16  GLU C OE2 1 
ATOM   736  N N   . ASP C 1 19 ? 2.472   -16.674 5.360   1.00 60.02 ? 17  ASP C N   1 
ATOM   737  C CA  . ASP C 1 19 ? 1.295   -15.824 5.494   1.00 59.68 ? 17  ASP C CA  1 
ATOM   738  C C   . ASP C 1 19 ? 1.214   -15.116 6.832   1.00 53.99 ? 17  ASP C C   1 
ATOM   739  O O   . ASP C 1 19 ? 0.336   -14.265 7.009   1.00 52.72 ? 17  ASP C O   1 
ATOM   740  C CB  . ASP C 1 19 ? 0.026   -16.651 5.300   1.00 54.81 ? 17  ASP C CB  1 
ATOM   741  C CG  . ASP C 1 19 ? 0.167   -17.644 4.197   1.00 56.70 ? 17  ASP C CG  1 
ATOM   742  O OD1 . ASP C 1 19 ? 0.718   -17.275 3.138   1.00 66.92 ? 17  ASP C OD1 1 
ATOM   743  O OD2 . ASP C 1 19 ? -0.248  -18.800 4.395   1.00 53.59 ? 17  ASP C OD2 1 
ATOM   744  N N   . VAL C 1 20 ? 2.077   -15.471 7.781   1.00 59.27 ? 18  VAL C N   1 
ATOM   745  C CA  . VAL C 1 20 ? 2.133   -14.811 9.080   1.00 60.20 ? 18  VAL C CA  1 
ATOM   746  C C   . VAL C 1 20 ? 2.182   -13.305 8.883   1.00 52.24 ? 18  VAL C C   1 
ATOM   747  O O   . VAL C 1 20 ? 3.110   -12.784 8.259   1.00 63.86 ? 18  VAL C O   1 
ATOM   748  C CB  . VAL C 1 20 ? 3.349   -15.292 9.884   1.00 57.85 ? 18  VAL C CB  1 
ATOM   749  C CG1 . VAL C 1 20 ? 3.414   -14.551 11.216  1.00 60.51 ? 18  VAL C CG1 1 
ATOM   750  C CG2 . VAL C 1 20 ? 3.291   -16.794 10.074  1.00 49.95 ? 18  VAL C CG2 1 
ATOM   751  N N   . GLY C 1 21 ? 1.176   -12.604 9.392   1.00 53.68 ? 19  GLY C N   1 
ATOM   752  C CA  . GLY C 1 21 ? 1.087   -11.169 9.273   1.00 48.33 ? 19  GLY C CA  1 
ATOM   753  C C   . GLY C 1 21 ? 0.054   -10.700 8.279   1.00 58.75 ? 19  GLY C C   1 
ATOM   754  O O   . GLY C 1 21 ? -0.309  -9.515  8.292   1.00 56.70 ? 19  GLY C O   1 
ATOM   755  N N   . LYS C 1 22 ? -0.434  -11.575 7.406   1.00 56.75 ? 20  LYS C N   1 
ATOM   756  C CA  . LYS C 1 22 ? -1.448  -11.183 6.439   1.00 59.38 ? 20  LYS C CA  1 
ATOM   757  C C   . LYS C 1 22 ? -2.824  -11.303 7.089   1.00 53.08 ? 20  LYS C C   1 
ATOM   758  O O   . LYS C 1 22 ? -3.161  -12.360 7.636   1.00 56.31 ? 20  LYS C O   1 
ATOM   759  C CB  . LYS C 1 22 ? -1.357  -12.050 5.181   1.00 57.33 ? 20  LYS C CB  1 
ATOM   760  C CG  . LYS C 1 22 ? -0.061  -11.862 4.379   1.00 63.69 ? 20  LYS C CG  1 
ATOM   761  C CD  . LYS C 1 22 ? -0.309  -11.801 2.866   1.00 63.48 ? 20  LYS C CD  1 
ATOM   762  C CE  . LYS C 1 22 ? -0.508  -13.198 2.268   1.00 64.70 ? 20  LYS C CE  1 
ATOM   763  N NZ  . LYS C 1 22 ? -0.674  -13.176 0.776   1.00 68.08 ? 20  LYS C NZ  1 
ATOM   764  N N   . ARG C 1 23 ? -3.630  -10.251 6.995   1.00 53.57 ? 21  ARG C N   1 
ATOM   765  C CA  . ARG C 1 23 ? -5.027  -10.298 7.489   1.00 50.97 ? 21  ARG C CA  1 
ATOM   766  C C   . ARG C 1 23 ? -5.793  -11.108 6.427   1.00 54.01 ? 21  ARG C C   1 
ATOM   767  O O   . ARG C 1 23 ? -6.668  -10.565 5.763   1.00 46.91 ? 21  ARG C O   1 
ATOM   768  C CB  . ARG C 1 23 ? -5.526  -8.867  7.731   1.00 59.31 ? 21  ARG C CB  1 
ATOM   769  C CG  . ARG C 1 23 ? -5.696  -8.447  9.188   1.00 56.80 ? 21  ARG C CG  1 
ATOM   770  C CD  . ARG C 1 23 ? -6.205  -7.032  9.483   1.00 63.20 ? 21  ARG C CD  1 
ATOM   771  N NE  . ARG C 1 23 ? -7.206  -6.927  10.551  1.00 65.23 ? 21  ARG C NE  1 
ATOM   772  C CZ  . ARG C 1 23 ? -7.795  -5.810  11.008  1.00 70.88 ? 21  ARG C CZ  1 
ATOM   773  N NH1 . ARG C 1 23 ? -8.674  -5.887  11.989  1.00 71.07 ? 21  ARG C NH1 1 
ATOM   774  N NH2 . ARG C 1 23 ? -7.517  -4.620  10.508  1.00 69.06 ? 21  ARG C NH2 1 
ATOM   775  N N   . VAL C 1 24 ? -5.437  -12.385 6.279   1.00 41.57 ? 22  VAL C N   1 
ATOM   776  C CA  . VAL C 1 24 ? -6.009  -13.215 5.243   1.00 45.24 ? 22  VAL C CA  1 
ATOM   777  C C   . VAL C 1 24 ? -6.372  -14.554 5.869   1.00 43.58 ? 22  VAL C C   1 
ATOM   778  O O   . VAL C 1 24 ? -5.772  -14.990 6.860   1.00 37.53 ? 22  VAL C O   1 
ATOM   779  C CB  . VAL C 1 24 ? -5.018  -13.334 4.061   1.00 47.58 ? 22  VAL C CB  1 
ATOM   780  C CG1 . VAL C 1 24 ? -3.957  -14.412 4.320   1.00 47.00 ? 22  VAL C CG1 1 
ATOM   781  C CG2 . VAL C 1 24 ? -5.755  -13.552 2.777   1.00 46.32 ? 22  VAL C CG2 1 
ATOM   782  N N   . VAL C 1 25 ? -7.404  -15.163 5.318   1.00 39.31 ? 23  VAL C N   1 
ATOM   783  C CA  . VAL C 1 25 ? -7.900  -16.474 5.803   1.00 41.24 ? 23  VAL C CA  1 
ATOM   784  C C   . VAL C 1 25 ? -7.841  -17.493 4.662   1.00 34.10 ? 23  VAL C C   1 
ATOM   785  O O   . VAL C 1 25 ? -8.376  -17.254 3.620   1.00 27.49 ? 23  VAL C O   1 
ATOM   786  C CB  . VAL C 1 25 ? -9.275  -16.322 6.471   1.00 33.75 ? 23  VAL C CB  1 
ATOM   787  C CG1 . VAL C 1 25 ? -10.123 -17.548 6.343   1.00 46.01 ? 23  VAL C CG1 1 
ATOM   788  C CG2 . VAL C 1 25 ? -9.119  -15.963 7.932   1.00 38.69 ? 23  VAL C CG2 1 
ATOM   789  N N   . ARG C 1 26 ? -7.121  -18.578 4.874   1.00 28.18 ? 24  ARG C N   1 
ATOM   790  C CA  . ARG C 1 26 ? -6.998  -19.619 3.831   1.00 33.79 ? 24  ARG C CA  1 
ATOM   791  C C   . ARG C 1 26 ? -8.165  -20.591 3.949   1.00 37.90 ? 24  ARG C C   1 
ATOM   792  O O   . ARG C 1 26 ? -8.360  -21.151 4.998   1.00 36.22 ? 24  ARG C O   1 
ATOM   793  C CB  . ARG C 1 26 ? -5.608  -20.249 3.823   1.00 39.00 ? 24  ARG C CB  1 
ATOM   794  C CG  . ARG C 1 26 ? -4.574  -19.397 3.114   1.00 44.11 ? 24  ARG C CG  1 
ATOM   795  C CD  . ARG C 1 26 ? -3.211  -20.022 3.086   1.00 45.89 ? 24  ARG C CD  1 
ATOM   796  N NE  . ARG C 1 26 ? -2.163  -19.175 2.569   1.00 49.50 ? 24  ARG C NE  1 
ATOM   797  C CZ  . ARG C 1 26 ? -2.246  -18.447 1.481   1.00 54.09 ? 24  ARG C CZ  1 
ATOM   798  N NH1 . ARG C 1 26 ? -1.235  -17.695 1.116   1.00 53.03 ? 24  ARG C NH1 1 
ATOM   799  N NH2 . ARG C 1 26 ? -3.339  -18.445 0.768   1.00 48.68 ? 24  ARG C NH2 1 
ATOM   800  N N   . VAL C 1 27 ? -8.940  -20.673 2.885   1.00 36.27 ? 25  VAL C N   1 
ATOM   801  C CA  . VAL C 1 27 ? -10.151 -21.523 2.798   1.00 38.46 ? 25  VAL C CA  1 
ATOM   802  C C   . VAL C 1 27 ? -10.064 -22.304 1.499   1.00 41.02 ? 25  VAL C C   1 
ATOM   803  O O   . VAL C 1 27 ? -9.830  -21.709 0.473   1.00 34.47 ? 25  VAL C O   1 
ATOM   804  C CB  . VAL C 1 27 ? -11.430 -20.678 2.798   1.00 40.46 ? 25  VAL C CB  1 
ATOM   805  C CG1 . VAL C 1 27 ? -12.669 -21.524 2.644   1.00 33.80 ? 25  VAL C CG1 1 
ATOM   806  C CG2 . VAL C 1 27 ? -11.533 -19.775 4.007   1.00 48.41 ? 25  VAL C CG2 1 
ATOM   807  N N   . ASP C 1 28 ? -10.323 -23.597 1.579   1.00 44.62 ? 26  ASP C N   1 
ATOM   808  C CA  . ASP C 1 28 ? -10.298 -24.462 0.416   1.00 41.28 ? 26  ASP C CA  1 
ATOM   809  C C   . ASP C 1 28 ? -11.488 -24.168 -0.496  1.00 37.30 ? 26  ASP C C   1 
ATOM   810  O O   . ASP C 1 28 ? -12.532 -23.684 -0.056  1.00 35.59 ? 26  ASP C O   1 
ATOM   811  C CB  . ASP C 1 28 ? -10.278 -25.907 0.893   1.00 50.61 ? 26  ASP C CB  1 
ATOM   812  C CG  . ASP C 1 28 ? -10.768 -26.859 -0.135  1.00 48.81 ? 26  ASP C CG  1 
ATOM   813  O OD1 . ASP C 1 28 ? -9.957  -27.254 -1.000  1.00 53.94 ? 26  ASP C OD1 1 
ATOM   814  O OD2 . ASP C 1 28 ? -11.974 -27.173 -0.084  1.00 51.96 ? 26  ASP C OD2 1 
ATOM   815  N N   . LYS C 1 29 ? -11.302 -24.442 -1.793  1.00 34.60 ? 27  LYS C N   1 
ATOM   816  C CA  . LYS C 1 29 ? -12.312 -24.113 -2.796  1.00 40.25 ? 27  LYS C CA  1 
ATOM   817  C C   . LYS C 1 29 ? -13.689 -24.684 -2.467  1.00 36.90 ? 27  LYS C C   1 
ATOM   818  O O   . LYS C 1 29 ? -14.713 -24.046 -2.760  1.00 27.01 ? 27  LYS C O   1 
ATOM   819  C CB  . LYS C 1 29 ? -11.863 -24.623 -4.161  1.00 39.12 ? 27  LYS C CB  1 
ATOM   820  C CG  . LYS C 1 29 ? -12.636 -24.040 -5.332  1.00 38.37 ? 27  LYS C CG  1 
ATOM   821  C CD  . LYS C 1 29 ? -12.135 -24.629 -6.643  1.00 45.70 ? 27  LYS C CD  1 
ATOM   822  C CE  . LYS C 1 29 ? -10.639 -24.426 -6.807  1.00 53.62 ? 27  LYS C CE  1 
ATOM   823  N NZ  . LYS C 1 29 ? -10.129 -25.055 -8.058  1.00 60.14 ? 27  LYS C NZ  1 
ATOM   824  N N   . ALA C 1 30 ? -13.740 -25.890 -1.882  1.00 37.25 ? 28  ALA C N   1 
ATOM   825  C CA  . ALA C 1 30 ? -15.033 -26.478 -1.545  1.00 38.40 ? 28  ALA C CA  1 
ATOM   826  C C   . ALA C 1 30 ? -15.766 -25.622 -0.526  1.00 33.74 ? 28  ALA C C   1 
ATOM   827  O O   . ALA C 1 30 ? -16.972 -25.390 -0.649  1.00 32.68 ? 28  ALA C O   1 
ATOM   828  C CB  . ALA C 1 30 ? -14.864 -27.909 -1.026  1.00 34.37 ? 28  ALA C CB  1 
ATOM   829  N N   . GLU C 1 31 ? -15.051 -25.116 0.474   1.00 31.12 ? 29  GLU C N   1 
ATOM   830  C CA  . GLU C 1 31 ? -15.717 -24.252 1.443   1.00 38.47 ? 29  GLU C CA  1 
ATOM   831  C C   . GLU C 1 31 ? -16.073 -22.901 0.828   1.00 31.66 ? 29  GLU C C   1 
ATOM   832  O O   . GLU C 1 31 ? -17.153 -22.353 1.096   1.00 35.96 ? 29  GLU C O   1 
ATOM   833  C CB  . GLU C 1 31 ? -14.847 -24.097 2.688   1.00 34.51 ? 29  GLU C CB  1 
ATOM   834  C CG  . GLU C 1 31 ? -15.240 -25.008 3.840   1.00 46.29 ? 29  GLU C CG  1 
ATOM   835  C CD  . GLU C 1 31 ? -15.165 -26.478 3.492   1.00 45.65 ? 29  GLU C CD  1 
ATOM   836  O OE1 . GLU C 1 31 ? -14.076 -26.962 3.123   1.00 43.73 ? 29  GLU C OE1 1 
ATOM   837  O OE2 . GLU C 1 31 ? -16.199 -27.158 3.601   1.00 49.10 ? 29  GLU C OE2 1 
ATOM   838  N N   . ARG C 1 32 ? -15.209 -22.366 -0.038  1.00 30.28 ? 30  ARG C N   1 
ATOM   839  C CA  . ARG C 1 32 ? -15.522 -21.104 -0.701  1.00 26.67 ? 30  ARG C CA  1 
ATOM   840  C C   . ARG C 1 32 ? -16.821 -21.197 -1.486  1.00 34.16 ? 30  ARG C C   1 
ATOM   841  O O   . ARG C 1 32 ? -17.575 -20.217 -1.568  1.00 32.21 ? 30  ARG C O   1 
ATOM   842  C CB  . ARG C 1 32 ? -14.386 -20.697 -1.629  1.00 27.72 ? 30  ARG C CB  1 
ATOM   843  C CG  . ARG C 1 32 ? -13.079 -20.483 -0.941  1.00 30.84 ? 30  ARG C CG  1 
ATOM   844  C CD  . ARG C 1 32 ? -12.252 -19.508 -1.743  1.00 33.47 ? 30  ARG C CD  1 
ATOM   845  N NE  . ARG C 1 32 ? -11.906 -20.051 -3.048  1.00 38.13 ? 30  ARG C NE  1 
ATOM   846  C CZ  . ARG C 1 32 ? -10.923 -20.923 -3.234  1.00 35.61 ? 30  ARG C CZ  1 
ATOM   847  N NH1 . ARG C 1 32 ? -10.208 -21.338 -2.195  1.00 29.66 ? 30  ARG C NH1 1 
ATOM   848  N NH2 . ARG C 1 32 ? -10.666 -21.378 -4.454  1.00 37.70 ? 30  ARG C NH2 1 
ATOM   849  N N   . ALA C 1 33 ? -17.097 -22.367 -2.072  1.00 29.80 ? 31  ALA C N   1 
ATOM   850  C CA  . ALA C 1 33 ? -18.335 -22.541 -2.825  1.00 32.07 ? 31  ALA C CA  1 
ATOM   851  C C   . ALA C 1 33 ? -19.547 -22.538 -1.902  1.00 29.13 ? 31  ALA C C   1 
ATOM   852  O O   . ALA C 1 33 ? -20.588 -21.967 -2.237  1.00 34.22 ? 31  ALA C O   1 
ATOM   853  C CB  . ALA C 1 33 ? -18.283 -23.838 -3.634  1.00 35.82 ? 31  ALA C CB  1 
ATOM   854  N N   . LYS C 1 34 ? -19.431 -23.165 -0.736  1.00 39.33 ? 32  LYS C N   1 
ATOM   855  C CA  . LYS C 1 34 ? -20.567 -23.198 0.181   1.00 35.81 ? 32  LYS C CA  1 
ATOM   856  C C   . LYS C 1 34 ? -20.835 -21.832 0.778   1.00 43.47 ? 32  LYS C C   1 
ATOM   857  O O   . LYS C 1 34 ? -21.989 -21.493 1.063   1.00 41.00 ? 32  LYS C O   1 
ATOM   858  C CB  . LYS C 1 34 ? -20.323 -24.197 1.303   1.00 38.29 ? 32  LYS C CB  1 
ATOM   859  C CG  . LYS C 1 34 ? -19.855 -25.560 0.851   1.00 48.12 ? 32  LYS C CG  1 
ATOM   860  C CD  . LYS C 1 34 ? -19.880 -26.501 2.038   1.00 44.10 ? 32  LYS C CD  1 
ATOM   861  C CE  . LYS C 1 34 ? -18.746 -27.479 1.986   1.00 46.79 ? 32  LYS C CE  1 
ATOM   862  N NZ  . LYS C 1 34 ? -18.335 -27.832 3.372   1.00 58.61 ? 32  LYS C NZ  1 
ATOM   863  N N   . VAL C 1 35 ? -19.779 -21.045 0.985   1.00 43.82 ? 33  VAL C N   1 
ATOM   864  C CA  . VAL C 1 35 ? -19.935 -19.717 1.559   1.00 41.36 ? 33  VAL C CA  1 
ATOM   865  C C   . VAL C 1 35 ? -20.425 -18.732 0.504   1.00 44.05 ? 33  VAL C C   1 
ATOM   866  O O   . VAL C 1 35 ? -21.138 -17.772 0.824   1.00 37.45 ? 33  VAL C O   1 
ATOM   867  C CB  . VAL C 1 35 ? -18.603 -19.279 2.196   1.00 37.91 ? 33  VAL C CB  1 
ATOM   868  C CG1 . VAL C 1 35 ? -18.489 -17.767 2.252   1.00 49.98 ? 33  VAL C CG1 1 
ATOM   869  C CG2 . VAL C 1 35 ? -18.488 -19.835 3.589   1.00 43.84 ? 33  VAL C CG2 1 
ATOM   870  N N   . GLY C 1 36 ? -20.096 -18.973 -0.760  1.00 41.16 ? 34  GLY C N   1 
ATOM   871  C CA  . GLY C 1 36 ? -20.470 -18.088 -1.832  1.00 28.15 ? 34  GLY C CA  1 
ATOM   872  C C   . GLY C 1 36 ? -19.472 -16.996 -2.110  1.00 37.58 ? 34  GLY C C   1 
ATOM   873  O O   . GLY C 1 36 ? -19.884 -15.891 -2.491  1.00 32.43 ? 34  GLY C O   1 
ATOM   874  N N   . VAL C 1 37 ? -18.173 -17.259 -1.922  1.00 29.87 ? 35  VAL C N   1 
ATOM   875  C CA  . VAL C 1 37 ? -17.136 -16.249 -2.078  1.00 31.65 ? 35  VAL C CA  1 
ATOM   876  C C   . VAL C 1 37 ? -16.058 -16.745 -3.024  1.00 34.72 ? 35  VAL C C   1 
ATOM   877  O O   . VAL C 1 37 ? -15.818 -17.947 -3.163  1.00 35.02 ? 35  VAL C O   1 
ATOM   878  C CB  . VAL C 1 37 ? -16.476 -15.842 -0.739  1.00 43.18 ? 35  VAL C CB  1 
ATOM   879  C CG1 . VAL C 1 37 ? -17.423 -14.994 0.100   1.00 30.22 ? 35  VAL C CG1 1 
ATOM   880  C CG2 . VAL C 1 37 ? -15.989 -17.083 0.009   1.00 27.96 ? 35  VAL C CG2 1 
ATOM   881  N N   . LYS C 1 38 ? -15.398 -15.777 -3.649  1.00 29.95 ? 36  LYS C N   1 
ATOM   882  C CA  . LYS C 1 38 ? -14.253 -15.936 -4.529  1.00 35.33 ? 36  LYS C CA  1 
ATOM   883  C C   . LYS C 1 38 ? -13.003 -15.489 -3.785  1.00 33.74 ? 36  LYS C C   1 
ATOM   884  O O   . LYS C 1 38 ? -13.066 -14.698 -2.835  1.00 28.88 ? 36  LYS C O   1 
ATOM   885  C CB  . LYS C 1 38 ? -14.450 -15.100 -5.810  1.00 37.52 ? 36  LYS C CB  1 
ATOM   886  C CG  . LYS C 1 38 ? -13.356 -15.266 -6.858  1.00 63.84 ? 36  LYS C CG  1 
ATOM   887  C CD  . LYS C 1 38 ? -12.961 -13.956 -7.556  1.00 54.53 ? 36  LYS C CD  1 
ATOM   888  C CE  . LYS C 1 38 ? -11.436 -13.834 -7.708  1.00 51.65 ? 36  LYS C CE  1 
ATOM   889  N NZ  . LYS C 1 38 ? -10.760 -15.115 -8.091  1.00 63.02 ? 36  LYS C NZ  1 
ATOM   890  N N   . VAL C 1 39 ? -11.850 -15.993 -4.227  1.00 29.93 ? 37  VAL C N   1 
ATOM   891  C CA  . VAL C 1 39 ? -10.591 -15.513 -3.681  1.00 37.44 ? 37  VAL C CA  1 
ATOM   892  C C   . VAL C 1 39 ? -10.564 -13.985 -3.702  1.00 39.32 ? 37  VAL C C   1 
ATOM   893  O O   . VAL C 1 39 ? -10.948 -13.348 -4.689  1.00 38.68 ? 37  VAL C O   1 
ATOM   894  C CB  . VAL C 1 39 ? -9.411  -16.108 -4.466  1.00 38.23 ? 37  VAL C CB  1 
ATOM   895  C CG1 . VAL C 1 39 ? -8.087  -15.627 -3.876  1.00 28.69 ? 37  VAL C CG1 1 
ATOM   896  C CG2 . VAL C 1 39 ? -9.504  -17.632 -4.451  1.00 31.70 ? 37  VAL C CG2 1 
ATOM   897  N N   . GLY C 1 40 ? -10.157 -13.392 -2.583  1.00 35.31 ? 38  GLY C N   1 
ATOM   898  C CA  . GLY C 1 40 ? -10.159 -11.956 -2.422  1.00 28.66 ? 38  GLY C CA  1 
ATOM   899  C C   . GLY C 1 40 ? -11.395 -11.383 -1.750  1.00 38.46 ? 38  GLY C C   1 
ATOM   900  O O   . GLY C 1 40 ? -11.334 -10.250 -1.253  1.00 35.42 ? 38  GLY C O   1 
ATOM   901  N N   . ASP C 1 41 ? -12.503 -12.129 -1.699  1.00 36.16 ? 39  ASP C N   1 
ATOM   902  C CA  . ASP C 1 41 ? -13.724 -11.629 -1.070  1.00 37.68 ? 39  ASP C CA  1 
ATOM   903  C C   . ASP C 1 41 ? -13.557 -11.471 0.439   1.00 34.97 ? 39  ASP C C   1 
ATOM   904  O O   . ASP C 1 41 ? -12.717 -12.124 1.069   1.00 30.26 ? 39  ASP C O   1 
ATOM   905  C CB  . ASP C 1 41 ? -14.903 -12.562 -1.347  1.00 30.81 ? 39  ASP C CB  1 
ATOM   906  C CG  . ASP C 1 41 ? -15.424 -12.436 -2.772  1.00 41.00 ? 39  ASP C CG  1 
ATOM   907  O OD1 . ASP C 1 41 ? -15.184 -11.377 -3.394  1.00 40.05 ? 39  ASP C OD1 1 
ATOM   908  O OD2 . ASP C 1 41 ? -16.089 -13.378 -3.265  1.00 40.35 ? 39  ASP C OD2 1 
ATOM   909  N N   . VAL C 1 42 ? -14.383 -10.596 1.015   1.00 34.17 ? 40  VAL C N   1 
ATOM   910  C CA  . VAL C 1 42 ? -14.387 -10.350 2.453   1.00 30.83 ? 40  VAL C CA  1 
ATOM   911  C C   . VAL C 1 42 ? -15.283 -11.367 3.153   1.00 27.35 ? 40  VAL C C   1 
ATOM   912  O O   . VAL C 1 42 ? -16.390 -11.679 2.693   1.00 25.35 ? 40  VAL C O   1 
ATOM   913  C CB  . VAL C 1 42 ? -14.854 -8.921  2.771   1.00 29.72 ? 40  VAL C CB  1 
ATOM   914  C CG1 . VAL C 1 42 ? -14.958 -8.727  4.285   1.00 25.37 ? 40  VAL C CG1 1 
ATOM   915  C CG2 . VAL C 1 42 ? -13.917 -7.885  2.142   1.00 26.19 ? 40  VAL C CG2 1 
ATOM   916  N N   . VAL C 1 43 ? -14.805 -11.884 4.279   1.00 25.49 ? 41  VAL C N   1 
ATOM   917  C CA  . VAL C 1 43 ? -15.601 -12.752 5.125   1.00 24.40 ? 41  VAL C CA  1 
ATOM   918  C C   . VAL C 1 43 ? -15.391 -12.325 6.570   1.00 31.48 ? 41  VAL C C   1 
ATOM   919  O O   . VAL C 1 43 ? -14.458 -11.594 6.902   1.00 27.59 ? 41  VAL C O   1 
ATOM   920  C CB  . VAL C 1 43 ? -15.243 -14.241 4.982   1.00 26.85 ? 41  VAL C CB  1 
ATOM   921  C CG1 . VAL C 1 43 ? -15.608 -14.741 3.598   1.00 22.52 ? 41  VAL C CG1 1 
ATOM   922  C CG2 . VAL C 1 43 ? -13.773 -14.460 5.320   1.00 23.13 ? 41  VAL C CG2 1 
ATOM   923  N N   . GLU C 1 44 ? -16.273 -12.823 7.415   1.00 33.37 ? 42  GLU C N   1 
ATOM   924  C CA  . GLU C 1 44 ? -16.168 -12.668 8.851   1.00 32.13 ? 42  GLU C CA  1 
ATOM   925  C C   . GLU C 1 44 ? -15.901 -14.045 9.446   1.00 32.95 ? 42  GLU C C   1 
ATOM   926  O O   . GLU C 1 44 ? -16.502 -15.039 9.025   1.00 31.97 ? 42  GLU C O   1 
ATOM   927  C CB  . GLU C 1 44 ? -17.446 -12.014 9.373   1.00 37.53 ? 42  GLU C CB  1 
ATOM   928  C CG  . GLU C 1 44 ? -17.903 -12.366 10.759  1.00 53.36 ? 42  GLU C CG  1 
ATOM   929  C CD  . GLU C 1 44 ? -19.332 -11.872 10.988  1.00 57.49 ? 42  GLU C CD  1 
ATOM   930  O OE1 . GLU C 1 44 ? -19.893 -12.118 12.077  1.00 65.34 ? 42  GLU C OE1 1 
ATOM   931  O OE2 . GLU C 1 44 ? -19.888 -11.239 10.059  1.00 55.24 ? 42  GLU C OE2 1 
ATOM   932  N N   . VAL C 1 45 ? -14.934 -14.115 10.346  1.00 33.69 ? 43  VAL C N   1 
ATOM   933  C CA  . VAL C 1 45 ? -14.614 -15.338 11.070  1.00 27.54 ? 43  VAL C CA  1 
ATOM   934  C C   . VAL C 1 45 ? -15.101 -15.127 12.488  1.00 35.00 ? 43  VAL C C   1 
ATOM   935  O O   . VAL C 1 45 ? -14.563 -14.286 13.218  1.00 29.65 ? 43  VAL C O   1 
ATOM   936  C CB  . VAL C 1 45 ? -13.115 -15.649 11.039  1.00 26.48 ? 43  VAL C CB  1 
ATOM   937  C CG1 . VAL C 1 45 ? -12.822 -16.993 11.773  1.00 22.43 ? 43  VAL C CG1 1 
ATOM   938  C CG2 . VAL C 1 45 ? -12.604 -15.640 9.590   1.00 21.53 ? 43  VAL C CG2 1 
ATOM   939  N N   . LYS C 1 46 ? -16.159 -15.821 12.861  1.00 35.30 ? 44  LYS C N   1 
ATOM   940  C CA  . LYS C 1 46 ? -16.784 -15.618 14.181  1.00 29.65 ? 44  LYS C CA  1 
ATOM   941  C C   . LYS C 1 46 ? -16.588 -16.840 15.071  1.00 35.86 ? 44  LYS C C   1 
ATOM   942  O O   . LYS C 1 46 ? -16.708 -17.943 14.588  1.00 30.89 ? 44  LYS C O   1 
ATOM   943  C CB  . LYS C 1 46 ? -18.235 -15.202 13.931  1.00 44.65 ? 44  LYS C CB  1 
ATOM   944  C CG  . LYS C 1 46 ? -19.259 -15.469 15.019  1.00 56.02 ? 44  LYS C CG  1 
ATOM   945  C CD  . LYS C 1 46 ? -20.518 -14.640 14.895  1.00 61.32 ? 44  LYS C CD  1 
ATOM   946  C CE  . LYS C 1 46 ? -20.371 -13.219 15.405  1.00 63.64 ? 44  LYS C CE  1 
ATOM   947  N NZ  . LYS C 1 46 ? -21.281 -12.263 14.736  1.00 60.00 ? 44  LYS C NZ  1 
ATOM   948  N N   . LYS C 1 47 ? -16.235 -16.593 16.327  1.00 31.92 ? 45  LYS C N   1 
ATOM   949  C CA  . LYS C 1 47 ? -16.126 -17.658 17.300  1.00 27.85 ? 45  LYS C CA  1 
ATOM   950  C C   . LYS C 1 47 ? -17.477 -18.335 17.491  1.00 31.98 ? 45  LYS C C   1 
ATOM   951  O O   . LYS C 1 47 ? -18.519 -17.680 17.495  1.00 31.06 ? 45  LYS C O   1 
ATOM   952  C CB  . LYS C 1 47 ? -15.616 -17.116 18.632  1.00 37.94 ? 45  LYS C CB  1 
ATOM   953  C CG  . LYS C 1 47 ? -15.362 -18.207 19.653  1.00 42.46 ? 45  LYS C CG  1 
ATOM   954  C CD  . LYS C 1 47 ? -14.729 -17.652 20.904  1.00 49.92 ? 45  LYS C CD  1 
ATOM   955  C CE  . LYS C 1 47 ? -14.393 -18.766 21.880  1.00 40.32 ? 45  LYS C CE  1 
ATOM   956  N NZ  . LYS C 1 47 ? -13.986 -18.213 23.201  1.00 51.61 ? 45  LYS C NZ  1 
ATOM   957  N N   . VAL C 1 48 ? -17.450 -19.650 17.620  1.00 31.65 ? 46  VAL C N   1 
ATOM   958  C CA  . VAL C 1 48 ? -18.662 -20.418 17.820  1.00 39.07 ? 46  VAL C CA  1 
ATOM   959  C C   . VAL C 1 48 ? -18.715 -20.839 19.274  1.00 38.08 ? 46  VAL C C   1 
ATOM   960  O O   . VAL C 1 48 ? -19.757 -20.737 19.911  1.00 42.96 ? 46  VAL C O   1 
ATOM   961  C CB  . VAL C 1 48 ? -18.708 -21.622 16.862  1.00 44.14 ? 46  VAL C CB  1 
ATOM   962  C CG1 . VAL C 1 48 ? -19.591 -22.724 17.410  1.00 38.15 ? 46  VAL C CG1 1 
ATOM   963  C CG2 . VAL C 1 48 ? -19.178 -21.170 15.487  1.00 33.82 ? 46  VAL C CG2 1 
ATOM   964  O OXT . VAL C 1 48 ? -17.710 -21.262 19.845  1.00 40.23 ? 46  VAL C OXT 1 
ATOM   965  N N   . LYS D 1 7  ? 12.756  11.531  9.174   1.00 37.62 ? 5   LYS D N   1 
ATOM   966  C CA  . LYS D 1 7  ? 12.964  11.072  7.799   1.00 50.11 ? 5   LYS D CA  1 
ATOM   967  C C   . LYS D 1 7  ? 11.735  10.367  7.211   1.00 41.85 ? 5   LYS D C   1 
ATOM   968  O O   . LYS D 1 7  ? 10.943  9.762   7.934   1.00 42.18 ? 5   LYS D O   1 
ATOM   969  C CB  . LYS D 1 7  ? 14.189  10.158  7.725   1.00 48.00 ? 5   LYS D CB  1 
ATOM   970  C CG  . LYS D 1 7  ? 14.157  8.979   8.646   1.00 44.67 ? 5   LYS D CG  1 
ATOM   971  C CD  . LYS D 1 7  ? 15.314  8.024   8.358   1.00 43.22 ? 5   LYS D CD  1 
ATOM   972  C CE  . LYS D 1 7  ? 16.673  8.636   8.682   1.00 48.00 ? 5   LYS D CE  1 
ATOM   973  N NZ  . LYS D 1 7  ? 17.739  7.585   8.819   1.00 46.13 ? 5   LYS D NZ  1 
ATOM   974  N N   . VAL D 1 8  ? 11.563  10.486  5.899   1.00 35.38 ? 6   VAL D N   1 
ATOM   975  C CA  . VAL D 1 8  ? 10.429  9.892   5.195   1.00 35.24 ? 6   VAL D CA  1 
ATOM   976  C C   . VAL D 1 8  ? 10.817  8.502   4.701   1.00 39.21 ? 6   VAL D C   1 
ATOM   977  O O   . VAL D 1 8  ? 11.837  8.331   4.018   1.00 32.77 ? 6   VAL D O   1 
ATOM   978  C CB  . VAL D 1 8  ? 9.974   10.776  4.030   1.00 37.13 ? 6   VAL D CB  1 
ATOM   979  C CG1 . VAL D 1 8  ? 8.755   10.156  3.365   1.00 26.19 ? 6   VAL D CG1 1 
ATOM   980  C CG2 . VAL D 1 8  ? 9.698   12.220  4.514   1.00 32.92 ? 6   VAL D CG2 1 
ATOM   981  N N   . VAL D 1 9  ? 9.981   7.510   5.014   1.00 37.42 ? 7   VAL D N   1 
ATOM   982  C CA  . VAL D 1 9  ? 10.363  6.118   4.867   1.00 35.34 ? 7   VAL D CA  1 
ATOM   983  C C   . VAL D 1 9  ? 9.197   5.332   4.262   1.00 31.81 ? 7   VAL D C   1 
ATOM   984  O O   . VAL D 1 9  ? 8.029   5.721   4.385   1.00 25.86 ? 7   VAL D O   1 
ATOM   985  C CB  . VAL D 1 9  ? 10.820  5.566   6.239   1.00 42.37 ? 7   VAL D CB  1 
ATOM   986  C CG1 . VAL D 1 9  ? 9.648   5.045   7.087   1.00 36.79 ? 7   VAL D CG1 1 
ATOM   987  C CG2 . VAL D 1 9  ? 11.971  4.578   6.068   1.00 54.77 ? 7   VAL D CG2 1 
ATOM   988  N N   . ALA D 1 10 ? 9.529   4.248   3.558   1.00 29.66 ? 8   ALA D N   1 
ATOM   989  C CA  . ALA D 1 10 ? 8.519   3.459   2.858   1.00 33.00 ? 8   ALA D CA  1 
ATOM   990  C C   . ALA D 1 10 ? 9.050   2.051   2.594   1.00 37.30 ? 8   ALA D C   1 
ATOM   991  O O   . ALA D 1 10 ? 10.263  1.828   2.513   1.00 30.74 ? 8   ALA D O   1 
ATOM   992  C CB  . ALA D 1 10 ? 8.090   4.130   1.541   1.00 29.15 ? 8   ALA D CB  1 
ATOM   993  N N   . ARG D 1 11 ? 8.112   1.107   2.453   1.00 28.57 ? 9   ARG D N   1 
ATOM   994  C CA  . ARG D 1 11 ? 8.437   -0.286  2.159   1.00 33.06 ? 9   ARG D CA  1 
ATOM   995  C C   . ARG D 1 11 ? 8.836   -0.467  0.694   1.00 25.19 ? 9   ARG D C   1 
ATOM   996  O O   . ARG D 1 11 ? 8.183   0.067   -0.204  1.00 20.96 ? 9   ARG D O   1 
ATOM   997  C CB  . ARG D 1 11 ? 7.236   -1.194  2.449   1.00 35.79 ? 9   ARG D CB  1 
ATOM   998  C CG  . ARG D 1 11 ? 6.944   -1.473  3.908   1.00 54.23 ? 9   ARG D CG  1 
ATOM   999  C CD  . ARG D 1 11 ? 7.632   -2.740  4.428   1.00 45.12 ? 9   ARG D CD  1 
ATOM   1000 N NE  . ARG D 1 11 ? 7.765   -2.616  5.877   1.00 56.21 ? 9   ARG D NE  1 
ATOM   1001 C CZ  . ARG D 1 11 ? 8.629   -3.291  6.629   1.00 57.67 ? 9   ARG D CZ  1 
ATOM   1002 N NH1 . ARG D 1 11 ? 8.666   -3.068  7.936   1.00 49.86 ? 9   ARG D NH1 1 
ATOM   1003 N NH2 . ARG D 1 11 ? 9.478   -4.151  6.085   1.00 45.57 ? 9   ARG D NH2 1 
ATOM   1004 N N   . VAL D 1 12 ? 9.879   -1.262  0.461   1.00 25.59 ? 10  VAL D N   1 
ATOM   1005 C CA  . VAL D 1 12 ? 10.345  -1.562  -0.896  1.00 31.50 ? 10  VAL D CA  1 
ATOM   1006 C C   . VAL D 1 12 ? 9.457   -2.622  -1.524  1.00 29.22 ? 10  VAL D C   1 
ATOM   1007 O O   . VAL D 1 12 ? 9.198   -3.671  -0.917  1.00 33.51 ? 10  VAL D O   1 
ATOM   1008 C CB  . VAL D 1 12 ? 11.812  -2.035  -0.887  1.00 32.66 ? 10  VAL D CB  1 
ATOM   1009 C CG1 . VAL D 1 12 ? 12.244  -2.411  -2.304  1.00 24.26 ? 10  VAL D CG1 1 
ATOM   1010 C CG2 . VAL D 1 12 ? 12.711  -0.951  -0.362  1.00 27.15 ? 10  VAL D CG2 1 
ATOM   1011 N N   . ALA D 1 13 ? 9.009   -2.364  -2.749  1.00 29.12 ? 11  ALA D N   1 
ATOM   1012 C CA  . ALA D 1 13 ? 8.346   -3.344  -3.588  1.00 27.82 ? 11  ALA D CA  1 
ATOM   1013 C C   . ALA D 1 13 ? 9.045   -3.378  -4.940  1.00 37.48 ? 11  ALA D C   1 
ATOM   1014 O O   . ALA D 1 13 ? 9.608   -2.372  -5.391  1.00 31.78 ? 11  ALA D O   1 
ATOM   1015 C CB  . ALA D 1 13 ? 6.854   -3.025  -3.771  1.00 30.06 ? 11  ALA D CB  1 
ATOM   1016 N N   . GLU D 1 14 ? 9.005   -4.539  -5.586  1.00 33.66 ? 12  GLU D N   1 
ATOM   1017 C CA  . GLU D 1 14 ? 9.723   -4.698  -6.843  1.00 43.27 ? 12  GLU D CA  1 
ATOM   1018 C C   . GLU D 1 14 ? 9.134   -3.780  -7.909  1.00 39.33 ? 12  GLU D C   1 
ATOM   1019 O O   . GLU D 1 14 ? 7.983   -3.344  -7.824  1.00 39.31 ? 12  GLU D O   1 
ATOM   1020 C CB  . GLU D 1 14 ? 9.690   -6.158  -7.315  1.00 43.66 ? 12  GLU D CB  1 
ATOM   1021 C CG  . GLU D 1 14 ? 8.305   -6.749  -7.501  1.00 45.94 ? 12  GLU D CG  1 
ATOM   1022 C CD  . GLU D 1 14 ? 8.351   -8.215  -7.944  1.00 65.70 ? 12  GLU D CD  1 
ATOM   1023 O OE1 . GLU D 1 14 ? 9.393   -8.888  -7.739  1.00 63.12 ? 12  GLU D OE1 1 
ATOM   1024 O OE2 . GLU D 1 14 ? 7.343   -8.692  -8.509  1.00 62.38 ? 12  GLU D OE2 1 
ATOM   1025 N N   . ALA D 1 15 ? 9.948   -3.469  -8.909  1.00 34.03 ? 13  ALA D N   1 
ATOM   1026 C CA  . ALA D 1 15 ? 9.504   -2.544  -9.938  1.00 40.54 ? 13  ALA D CA  1 
ATOM   1027 C C   . ALA D 1 15 ? 8.383   -3.175  -10.741 1.00 31.76 ? 13  ALA D C   1 
ATOM   1028 O O   . ALA D 1 15 ? 8.315   -4.392  -10.898 1.00 38.94 ? 13  ALA D O   1 
ATOM   1029 C CB  . ALA D 1 15 ? 10.662  -2.157  -10.862 1.00 36.71 ? 13  ALA D CB  1 
ATOM   1030 N N   . ARG D 1 16 ? 7.468   -2.338  -11.214 1.00 39.35 ? 14  ARG D N   1 
ATOM   1031 C CA  . ARG D 1 16 ? 6.496   -2.815  -12.183 1.00 36.54 ? 14  ARG D CA  1 
ATOM   1032 C C   . ARG D 1 16 ? 7.219   -3.241  -13.452 1.00 43.92 ? 14  ARG D C   1 
ATOM   1033 O O   . ARG D 1 16 ? 8.301   -2.736  -13.773 1.00 37.78 ? 14  ARG D O   1 
ATOM   1034 C CB  . ARG D 1 16 ? 5.470   -1.728  -12.499 1.00 36.76 ? 14  ARG D CB  1 
ATOM   1035 C CG  . ARG D 1 16 ? 4.549   -1.398  -11.340 1.00 45.59 ? 14  ARG D CG  1 
ATOM   1036 C CD  . ARG D 1 16 ? 3.532   -0.331  -11.727 1.00 47.03 ? 14  ARG D CD  1 
ATOM   1037 N NE  . ARG D 1 16 ? 2.256   -0.891  -12.179 1.00 55.57 ? 14  ARG D NE  1 
ATOM   1038 C CZ  . ARG D 1 16 ? 1.354   -1.449  -11.373 1.00 57.10 ? 14  ARG D CZ  1 
ATOM   1039 N NH1 . ARG D 1 16 ? 1.576   -1.530  -10.063 1.00 44.44 ? 14  ARG D NH1 1 
ATOM   1040 N NH2 . ARG D 1 16 ? 0.230   -1.932  -11.878 1.00 62.74 ? 14  ARG D NH2 1 
ATOM   1041 N N   . ALA D 1 17 ? 6.614   -4.190  -14.169 1.00 39.21 ? 15  ALA D N   1 
ATOM   1042 C CA  . ALA D 1 17 ? 7.238   -4.693  -15.388 1.00 42.32 ? 15  ALA D CA  1 
ATOM   1043 C C   . ALA D 1 17 ? 7.477   -3.570  -16.387 1.00 39.62 ? 15  ALA D C   1 
ATOM   1044 O O   . ALA D 1 17 ? 8.547   -3.498  -17.003 1.00 45.42 ? 15  ALA D O   1 
ATOM   1045 C CB  . ALA D 1 17 ? 6.383   -5.802  -15.999 1.00 41.92 ? 15  ALA D CB  1 
ATOM   1046 N N   . GLU D 1 18 ? 6.510   -2.659  -16.529 1.00 36.76 ? 16  GLU D N   1 
ATOM   1047 C CA  . GLU D 1 18 ? 6.681   -1.508  -17.411 1.00 33.78 ? 16  GLU D CA  1 
ATOM   1048 C C   . GLU D 1 18 ? 7.922   -0.688  -17.073 1.00 42.19 ? 16  GLU D C   1 
ATOM   1049 O O   . GLU D 1 18 ? 8.431   0.029   -17.943 1.00 48.15 ? 16  GLU D O   1 
ATOM   1050 C CB  . GLU D 1 18 ? 5.449   -0.596  -17.350 1.00 39.47 ? 16  GLU D CB  1 
ATOM   1051 C CG  . GLU D 1 18 ? 5.351   0.257   -16.078 1.00 45.43 ? 16  GLU D CG  1 
ATOM   1052 C CD  . GLU D 1 18 ? 4.043   1.047   -15.966 1.00 53.96 ? 16  GLU D CD  1 
ATOM   1053 O OE1 . GLU D 1 18 ? 3.699   1.784   -16.918 1.00 46.48 ? 16  GLU D OE1 1 
ATOM   1054 O OE2 . GLU D 1 18 ? 3.359   0.931   -14.916 1.00 45.78 ? 16  GLU D OE2 1 
ATOM   1055 N N   . ASP D 1 19 ? 8.423   -0.776  -15.841 1.00 41.72 ? 17  ASP D N   1 
ATOM   1056 C CA  . ASP D 1 19 ? 9.508   0.080   -15.376 1.00 45.71 ? 17  ASP D CA  1 
ATOM   1057 C C   . ASP D 1 19 ? 10.837  -0.644  -15.248 1.00 43.33 ? 17  ASP D C   1 
ATOM   1058 O O   . ASP D 1 19 ? 11.816  -0.033  -14.801 1.00 41.33 ? 17  ASP D O   1 
ATOM   1059 C CB  . ASP D 1 19 ? 9.151   0.713   -14.021 1.00 38.92 ? 17  ASP D CB  1 
ATOM   1060 C CG  . ASP D 1 19 ? 7.899   1.565   -14.079 1.00 37.07 ? 17  ASP D CG  1 
ATOM   1061 O OD1 . ASP D 1 19 ? 7.743   2.374   -15.022 1.00 42.57 ? 17  ASP D OD1 1 
ATOM   1062 O OD2 . ASP D 1 19 ? 7.055   1.411   -13.177 1.00 40.42 ? 17  ASP D OD2 1 
ATOM   1063 N N   . VAL D 1 20 ? 10.907  -1.926  -15.616 1.00 41.21 ? 18  VAL D N   1 
ATOM   1064 C CA  . VAL D 1 20 ? 12.147  -2.673  -15.443 1.00 46.62 ? 18  VAL D CA  1 
ATOM   1065 C C   . VAL D 1 20 ? 13.233  -2.056  -16.285 1.00 49.31 ? 18  VAL D C   1 
ATOM   1066 O O   . VAL D 1 20 ? 13.045  -1.830  -17.512 1.00 47.96 ? 18  VAL D O   1 
ATOM   1067 C CB  . VAL D 1 20 ? 11.941  -4.163  -15.757 1.00 49.69 ? 18  VAL D CB  1 
ATOM   1068 C CG1 . VAL D 1 20 ? 13.270  -4.845  -15.857 1.00 49.75 ? 18  VAL D CG1 1 
ATOM   1069 C CG2 . VAL D 1 20 ? 11.102  -4.830  -14.678 1.00 42.96 ? 18  VAL D CG2 1 
ATOM   1070 N N   . GLY D 1 21 ? 14.372  -1.732  -15.679 1.00 42.18 ? 19  GLY D N   1 
ATOM   1071 C CA  . GLY D 1 21 ? 15.511  -1.182  -16.367 1.00 46.38 ? 19  GLY D CA  1 
ATOM   1072 C C   . GLY D 1 21 ? 15.667  0.322   -16.280 1.00 51.52 ? 19  GLY D C   1 
ATOM   1073 O O   . GLY D 1 21 ? 16.750  0.825   -16.584 1.00 50.96 ? 19  GLY D O   1 
ATOM   1074 N N   . LYS D 1 22 ? 14.625  1.056   -15.896 1.00 54.17 ? 20  LYS D N   1 
ATOM   1075 C CA  . LYS D 1 22 ? 14.736  2.491   -15.673 1.00 47.46 ? 20  LYS D CA  1 
ATOM   1076 C C   . LYS D 1 22 ? 15.263  2.762   -14.269 1.00 49.33 ? 20  LYS D C   1 
ATOM   1077 O O   . LYS D 1 22 ? 14.889  2.086   -13.306 1.00 53.04 ? 20  LYS D O   1 
ATOM   1078 C CB  . LYS D 1 22 ? 13.380  3.176   -15.821 1.00 49.62 ? 20  LYS D CB  1 
ATOM   1079 C CG  . LYS D 1 22 ? 12.694  3.016   -17.158 1.00 45.44 ? 20  LYS D CG  1 
ATOM   1080 C CD  . LYS D 1 22 ? 11.260  2.577   -16.933 1.00 56.29 ? 20  LYS D CD  1 
ATOM   1081 C CE  . LYS D 1 22 ? 10.258  3.729   -16.765 1.00 61.95 ? 20  LYS D CE  1 
ATOM   1082 N NZ  . LYS D 1 22 ? 8.843   3.242   -16.956 1.00 50.71 ? 20  LYS D NZ  1 
ATOM   1083 N N   . ARG D 1 23 ? 16.120  3.770   -14.149 1.00 35.70 ? 21  ARG D N   1 
ATOM   1084 C CA  . ARG D 1 23 ? 16.492  4.282   -12.832 1.00 49.23 ? 21  ARG D CA  1 
ATOM   1085 C C   . ARG D 1 23 ? 15.374  5.184   -12.294 1.00 42.48 ? 21  ARG D C   1 
ATOM   1086 O O   . ARG D 1 23 ? 15.538  6.378   -12.043 1.00 44.42 ? 21  ARG D O   1 
ATOM   1087 C CB  . ARG D 1 23 ? 17.821  5.021   -12.884 1.00 43.52 ? 21  ARG D CB  1 
ATOM   1088 C CG  . ARG D 1 23 ? 19.012  4.159   -13.208 1.00 66.60 ? 21  ARG D CG  1 
ATOM   1089 C CD  . ARG D 1 23 ? 20.265  4.739   -12.552 1.00 79.30 ? 21  ARG D CD  1 
ATOM   1090 N NE  . ARG D 1 23 ? 20.325  4.510   -11.111 1.00 79.01 ? 21  ARG D NE  1 
ATOM   1091 C CZ  . ARG D 1 23 ? 21.473  4.429   -10.440 1.00 73.94 ? 21  ARG D CZ  1 
ATOM   1092 N NH1 . ARG D 1 23 ? 22.626  4.554   -11.070 1.00 70.43 ? 21  ARG D NH1 1 
ATOM   1093 N NH2 . ARG D 1 23 ? 21.487  4.214   -9.144  1.00 61.52 ? 21  ARG D NH2 1 
ATOM   1094 N N   . VAL D 1 24 ? 14.213  4.568   -12.122 1.00 34.79 ? 22  VAL D N   1 
ATOM   1095 C CA  . VAL D 1 24 ? 13.003  5.251   -11.697 1.00 44.64 ? 22  VAL D CA  1 
ATOM   1096 C C   . VAL D 1 24 ? 12.538  4.643   -10.388 1.00 38.52 ? 22  VAL D C   1 
ATOM   1097 O O   . VAL D 1 24 ? 12.727  3.447   -10.127 1.00 35.56 ? 22  VAL D O   1 
ATOM   1098 C CB  . VAL D 1 24 ? 11.904  5.159   -12.780 1.00 47.98 ? 22  VAL D CB  1 
ATOM   1099 C CG1 . VAL D 1 24 ? 10.535  5.379   -12.187 1.00 48.14 ? 22  VAL D CG1 1 
ATOM   1100 C CG2 . VAL D 1 24 ? 12.155  6.185   -13.881 1.00 45.25 ? 22  VAL D CG2 1 
ATOM   1101 N N   . VAL D 1 25 ? 11.943  5.478   -9.543  1.00 27.48 ? 23  VAL D N   1 
ATOM   1102 C CA  . VAL D 1 25 ? 11.343  5.022   -8.302  1.00 31.25 ? 23  VAL D CA  1 
ATOM   1103 C C   . VAL D 1 25 ? 9.947   5.585   -8.206  1.00 29.36 ? 23  VAL D C   1 
ATOM   1104 O O   . VAL D 1 25 ? 9.756   6.824   -8.265  1.00 29.35 ? 23  VAL D O   1 
ATOM   1105 C CB  . VAL D 1 25 ? 12.222  5.394   -7.098  1.00 39.70 ? 23  VAL D CB  1 
ATOM   1106 C CG1 . VAL D 1 25 ? 11.413  5.572   -5.883  1.00 42.57 ? 23  VAL D CG1 1 
ATOM   1107 C CG2 . VAL D 1 25 ? 13.230  4.265   -6.865  1.00 38.99 ? 23  VAL D CG2 1 
ATOM   1108 N N   . ARG D 1 26 ? 8.938   4.731   -8.098  1.00 31.35 ? 24  ARG D N   1 
ATOM   1109 C CA  . ARG D 1 26 ? 7.552   5.171   -8.076  1.00 35.12 ? 24  ARG D CA  1 
ATOM   1110 C C   . ARG D 1 26 ? 7.150   5.492   -6.639  1.00 31.45 ? 24  ARG D C   1 
ATOM   1111 O O   . ARG D 1 26 ? 7.249   4.631   -5.755  1.00 27.01 ? 24  ARG D O   1 
ATOM   1112 C CB  . ARG D 1 26 ? 6.619   4.128   -8.694  1.00 30.18 ? 24  ARG D CB  1 
ATOM   1113 C CG  . ARG D 1 26 ? 6.803   4.000   -10.211 1.00 35.50 ? 24  ARG D CG  1 
ATOM   1114 C CD  . ARG D 1 26 ? 5.546   3.542   -10.932 1.00 34.12 ? 24  ARG D CD  1 
ATOM   1115 N NE  . ARG D 1 26 ? 5.757   3.501   -12.377 1.00 36.99 ? 24  ARG D NE  1 
ATOM   1116 C CZ  . ARG D 1 26 ? 5.473   4.490   -13.221 1.00 41.01 ? 24  ARG D CZ  1 
ATOM   1117 N NH1 . ARG D 1 26 ? 4.948   5.627   -12.784 1.00 37.24 ? 24  ARG D NH1 1 
ATOM   1118 N NH2 . ARG D 1 26 ? 5.719   4.339   -14.515 1.00 39.34 ? 24  ARG D NH2 1 
ATOM   1119 N N   . VAL D 1 27 ? 6.726   6.733   -6.409  1.00 27.60 ? 25  VAL D N   1 
ATOM   1120 C CA  . VAL D 1 27 ? 6.430   7.228   -5.068  1.00 32.74 ? 25  VAL D CA  1 
ATOM   1121 C C   . VAL D 1 27 ? 5.024   7.822   -5.071  1.00 33.39 ? 25  VAL D C   1 
ATOM   1122 O O   . VAL D 1 27 ? 4.668   8.611   -5.954  1.00 32.39 ? 25  VAL D O   1 
ATOM   1123 C CB  . VAL D 1 27 ? 7.482   8.251   -4.591  1.00 30.60 ? 25  VAL D CB  1 
ATOM   1124 C CG1 . VAL D 1 27 ? 7.197   8.716   -3.179  1.00 27.58 ? 25  VAL D CG1 1 
ATOM   1125 C CG2 . VAL D 1 27 ? 8.877   7.633   -4.642  1.00 33.63 ? 25  VAL D CG2 1 
ATOM   1126 N N   . ASP D 1 28 ? 4.223   7.392   -4.108  1.00 35.29 ? 26  ASP D N   1 
ATOM   1127 C CA  . ASP D 1 28 ? 2.909   7.962   -3.881  1.00 34.35 ? 26  ASP D CA  1 
ATOM   1128 C C   . ASP D 1 28 ? 3.023   9.447   -3.521  1.00 34.58 ? 26  ASP D C   1 
ATOM   1129 O O   . ASP D 1 28 ? 4.038   9.919   -2.997  1.00 36.51 ? 26  ASP D O   1 
ATOM   1130 C CB  . ASP D 1 28 ? 2.219   7.167   -2.774  1.00 34.84 ? 26  ASP D CB  1 
ATOM   1131 C CG  . ASP D 1 28 ? 0.722   7.360   -2.747  1.00 38.32 ? 26  ASP D CG  1 
ATOM   1132 O OD1 . ASP D 1 28 ? 0.218   7.790   -1.693  1.00 44.83 ? 26  ASP D OD1 1 
ATOM   1133 O OD2 . ASP D 1 28 ? 0.052   7.093   -3.767  1.00 45.64 ? 26  ASP D OD2 1 
ATOM   1134 N N   . LYS D 1 29 ? 1.919   10.128  -3.816  1.00 32.66 ? 27  LYS D N   1 
ATOM   1135 C CA  . LYS D 1 29 ? 1.685   11.574  -3.617  1.00 34.38 ? 27  LYS D CA  1 
ATOM   1136 C C   . LYS D 1 29 ? 1.997   11.965  -2.175  1.00 28.04 ? 27  LYS D C   1 
ATOM   1137 O O   . LYS D 1 29 ? 2.580   12.982  -1.960  1.00 29.63 ? 27  LYS D O   1 
ATOM   1138 C CB  . LYS D 1 29 ? 0.232   11.889  -3.981  1.00 34.17 ? 27  LYS D CB  1 
ATOM   1139 C CG  . LYS D 1 29 ? -0.362  13.084  -3.260  1.00 34.60 ? 27  LYS D CG  1 
ATOM   1140 C CD  . LYS D 1 29 ? -1.682  13.539  -3.815  1.00 46.29 ? 27  LYS D CD  1 
ATOM   1141 C CE  . LYS D 1 29 ? -2.064  14.965  -3.471  1.00 53.05 ? 27  LYS D CE  1 
ATOM   1142 N NZ  . LYS D 1 29 ? -1.630  15.918  -4.515  1.00 52.74 ? 27  LYS D NZ  1 
ATOM   1143 N N   . ALA D 1 30 ? 1.626   11.111  -1.249  1.00 31.42 ? 28  ALA D N   1 
ATOM   1144 C CA  . ALA D 1 30 ? 1.820   11.333  0.180   1.00 28.20 ? 28  ALA D CA  1 
ATOM   1145 C C   . ALA D 1 30 ? 3.303   11.401  0.527   1.00 32.06 ? 28  ALA D C   1 
ATOM   1146 O O   . ALA D 1 30 ? 3.745   12.320  1.218   1.00 34.14 ? 28  ALA D O   1 
ATOM   1147 C CB  . ALA D 1 30 ? 1.125   10.227  0.975   1.00 33.15 ? 28  ALA D CB  1 
ATOM   1148 N N   . GLU D 1 31 ? 4.093   10.446  0.042   1.00 33.87 ? 29  GLU D N   1 
ATOM   1149 C CA  . GLU D 1 31 ? 5.524   10.513  0.295   1.00 31.70 ? 29  GLU D CA  1 
ATOM   1150 C C   . GLU D 1 31 ? 6.198   11.628  -0.513  1.00 33.55 ? 29  GLU D C   1 
ATOM   1151 O O   . GLU D 1 31 ? 7.165   12.222  -0.035  1.00 24.06 ? 29  GLU D O   1 
ATOM   1152 C CB  . GLU D 1 31 ? 6.168   9.159   0.000   1.00 30.76 ? 29  GLU D CB  1 
ATOM   1153 C CG  . GLU D 1 31 ? 6.113   8.151   1.145   1.00 27.17 ? 29  GLU D CG  1 
ATOM   1154 C CD  . GLU D 1 31 ? 4.701   7.652   1.422   1.00 30.21 ? 29  GLU D CD  1 
ATOM   1155 O OE1 . GLU D 1 31 ? 3.967   7.367   0.447   1.00 29.04 ? 29  GLU D OE1 1 
ATOM   1156 O OE2 . GLU D 1 31 ? 4.337   7.550   2.618   1.00 32.76 ? 29  GLU D OE2 1 
ATOM   1157 N N   . ARG D 1 32 ? 5.717   11.933  -1.723  1.00 30.56 ? 30  ARG D N   1 
ATOM   1158 C CA  . ARG D 1 32 ? 6.299   13.047  -2.469  1.00 38.26 ? 30  ARG D CA  1 
ATOM   1159 C C   . ARG D 1 32 ? 6.144   14.351  -1.698  1.00 42.87 ? 30  ARG D C   1 
ATOM   1160 O O   . ARG D 1 32 ? 7.106   15.125  -1.561  1.00 36.85 ? 30  ARG D O   1 
ATOM   1161 C CB  . ARG D 1 32 ? 5.656   13.163  -3.850  1.00 31.45 ? 30  ARG D CB  1 
ATOM   1162 C CG  . ARG D 1 32 ? 5.820   11.916  -4.694  1.00 34.64 ? 30  ARG D CG  1 
ATOM   1163 C CD  . ARG D 1 32 ? 5.731   12.219  -6.164  1.00 30.20 ? 30  ARG D CD  1 
ATOM   1164 N NE  . ARG D 1 32 ? 4.452   12.829  -6.509  1.00 36.70 ? 30  ARG D NE  1 
ATOM   1165 C CZ  . ARG D 1 32 ? 3.329   12.149  -6.724  1.00 32.88 ? 30  ARG D CZ  1 
ATOM   1166 N NH1 . ARG D 1 32 ? 3.309   10.817  -6.622  1.00 35.08 ? 30  ARG D NH1 1 
ATOM   1167 N NH2 . ARG D 1 32 ? 2.224   12.803  -7.047  1.00 28.43 ? 30  ARG D NH2 1 
ATOM   1168 N N   . ALA D 1 33 ? 4.946   14.591  -1.155  1.00 42.73 ? 31  ALA D N   1 
ATOM   1169 C CA  . ALA D 1 33 ? 4.713   15.786  -0.352  1.00 35.90 ? 31  ALA D CA  1 
ATOM   1170 C C   . ALA D 1 33 ? 5.611   15.803  0.880   1.00 33.78 ? 31  ALA D C   1 
ATOM   1171 O O   . ALA D 1 33 ? 6.258   16.811  1.175   1.00 38.78 ? 31  ALA D O   1 
ATOM   1172 C CB  . ALA D 1 33 ? 3.245   15.858  0.048   1.00 33.88 ? 31  ALA D CB  1 
ATOM   1173 N N   . LYS D 1 34 ? 5.655   14.694  1.616   1.00 39.56 ? 32  LYS D N   1 
ATOM   1174 C CA  . LYS D 1 34 ? 6.488   14.657  2.813   1.00 39.95 ? 32  LYS D CA  1 
ATOM   1175 C C   . LYS D 1 34 ? 7.961   14.857  2.482   1.00 44.23 ? 32  LYS D C   1 
ATOM   1176 O O   . LYS D 1 34 ? 8.683   15.508  3.243   1.00 40.88 ? 32  LYS D O   1 
ATOM   1177 C CB  . LYS D 1 34 ? 6.279   13.337  3.553   1.00 43.49 ? 32  LYS D CB  1 
ATOM   1178 C CG  . LYS D 1 34 ? 4.872   13.156  4.109   1.00 49.38 ? 32  LYS D CG  1 
ATOM   1179 C CD  . LYS D 1 34 ? 4.590   11.694  4.425   1.00 56.54 ? 32  LYS D CD  1 
ATOM   1180 C CE  . LYS D 1 34 ? 3.290   11.513  5.217   1.00 60.25 ? 32  LYS D CE  1 
ATOM   1181 N NZ  . LYS D 1 34 ? 3.035   10.073  5.534   1.00 52.87 ? 32  LYS D NZ  1 
ATOM   1182 N N   . VAL D 1 35 ? 8.433   14.302  1.362   1.00 41.46 ? 33  VAL D N   1 
ATOM   1183 C CA  . VAL D 1 35 ? 9.821   14.526  0.975   1.00 36.96 ? 33  VAL D CA  1 
ATOM   1184 C C   . VAL D 1 35 ? 9.990   15.944  0.453   1.00 41.53 ? 33  VAL D C   1 
ATOM   1185 O O   . VAL D 1 35 ? 11.025  16.585  0.662   1.00 42.18 ? 33  VAL D O   1 
ATOM   1186 C CB  . VAL D 1 35 ? 10.274  13.480  -0.058  1.00 29.88 ? 33  VAL D CB  1 
ATOM   1187 C CG1 . VAL D 1 35 ? 11.642  13.861  -0.640  1.00 36.82 ? 33  VAL D CG1 1 
ATOM   1188 C CG2 . VAL D 1 35 ? 10.355  12.116  0.572   1.00 29.51 ? 33  VAL D CG2 1 
ATOM   1189 N N   . GLY D 1 36 ? 8.973   16.462  -0.220  1.00 38.57 ? 34  GLY D N   1 
ATOM   1190 C CA  . GLY D 1 36 ? 9.059   17.780  -0.795  1.00 37.45 ? 34  GLY D CA  1 
ATOM   1191 C C   . GLY D 1 36 ? 9.591   17.754  -2.208  1.00 46.29 ? 34  GLY D C   1 
ATOM   1192 O O   . GLY D 1 36 ? 10.409  18.602  -2.575  1.00 46.28 ? 34  GLY D O   1 
ATOM   1193 N N   . VAL D 1 37 ? 9.130   16.794  -3.016  1.00 35.83 ? 35  VAL D N   1 
ATOM   1194 C CA  . VAL D 1 37 ? 9.596   16.633  -4.386  1.00 33.71 ? 35  VAL D CA  1 
ATOM   1195 C C   . VAL D 1 37 ? 8.394   16.420  -5.288  1.00 28.89 ? 35  VAL D C   1 
ATOM   1196 O O   . VAL D 1 37 ? 7.300   16.078  -4.840  1.00 33.07 ? 35  VAL D O   1 
ATOM   1197 C CB  . VAL D 1 37 ? 10.590  15.459  -4.539  1.00 31.39 ? 35  VAL D CB  1 
ATOM   1198 C CG1 . VAL D 1 37 ? 11.904  15.745  -3.815  1.00 27.74 ? 35  VAL D CG1 1 
ATOM   1199 C CG2 . VAL D 1 37 ? 9.952   14.170  -4.009  1.00 38.37 ? 35  VAL D CG2 1 
ATOM   1200 N N   . LYS D 1 38 ? 8.610   16.631  -6.579  1.00 33.42 ? 36  LYS D N   1 
ATOM   1201 C CA  . LYS D 1 38 ? 7.596   16.427  -7.600  1.00 36.99 ? 36  LYS D CA  1 
ATOM   1202 C C   . LYS D 1 38 ? 8.021   15.296  -8.529  1.00 35.43 ? 36  LYS D C   1 
ATOM   1203 O O   . LYS D 1 38 ? 9.170   14.847  -8.515  1.00 33.37 ? 36  LYS D O   1 
ATOM   1204 C CB  . LYS D 1 38 ? 7.362   17.719  -8.398  1.00 42.89 ? 36  LYS D CB  1 
ATOM   1205 C CG  . LYS D 1 38 ? 8.651   18.418  -8.841  1.00 55.28 ? 36  LYS D CG  1 
ATOM   1206 C CD  . LYS D 1 38 ? 8.548   19.959  -8.830  1.00 60.94 ? 36  LYS D CD  1 
ATOM   1207 C CE  . LYS D 1 38 ? 9.937   20.634  -8.766  1.00 59.72 ? 36  LYS D CE  1 
ATOM   1208 N NZ  . LYS D 1 38 ? 10.669  20.422  -7.472  1.00 58.40 ? 36  LYS D NZ  1 
ATOM   1209 N N   . VAL D 1 39 ? 7.066   14.831  -9.340  1.00 31.29 ? 37  VAL D N   1 
ATOM   1210 C CA  . VAL D 1 39 ? 7.388   13.898  -10.412 1.00 33.56 ? 37  VAL D CA  1 
ATOM   1211 C C   . VAL D 1 39 ? 8.454   14.513  -11.309 1.00 35.70 ? 37  VAL D C   1 
ATOM   1212 O O   . VAL D 1 39 ? 8.446   15.717  -11.581 1.00 41.64 ? 37  VAL D O   1 
ATOM   1213 C CB  . VAL D 1 39 ? 6.124   13.534  -11.208 1.00 31.51 ? 37  VAL D CB  1 
ATOM   1214 C CG1 . VAL D 1 39 ? 6.474   12.606  -12.381 1.00 37.81 ? 37  VAL D CG1 1 
ATOM   1215 C CG2 . VAL D 1 39 ? 5.079   12.864  -10.293 1.00 33.66 ? 37  VAL D CG2 1 
ATOM   1216 N N   . GLY D 1 40 ? 9.396   13.687  -11.761 1.00 35.04 ? 38  GLY D N   1 
ATOM   1217 C CA  . GLY D 1 40 ? 10.488  14.158  -12.579 1.00 35.84 ? 38  GLY D CA  1 
ATOM   1218 C C   . GLY D 1 40 ? 11.674  14.674  -11.797 1.00 35.61 ? 38  GLY D C   1 
ATOM   1219 O O   . GLY D 1 40 ? 12.741  14.876  -12.389 1.00 36.60 ? 38  GLY D O   1 
ATOM   1220 N N   . ASP D 1 41 ? 11.516  14.905  -10.495 1.00 30.87 ? 39  ASP D N   1 
ATOM   1221 C CA  . ASP D 1 41 ? 12.650  15.214  -9.652  1.00 32.76 ? 39  ASP D CA  1 
ATOM   1222 C C   . ASP D 1 41 ? 13.536  13.983  -9.484  1.00 32.91 ? 39  ASP D C   1 
ATOM   1223 O O   . ASP D 1 41 ? 13.251  12.889  -9.974  1.00 35.93 ? 39  ASP D O   1 
ATOM   1224 C CB  . ASP D 1 41 ? 12.192  15.700  -8.281  1.00 39.75 ? 39  ASP D CB  1 
ATOM   1225 C CG  . ASP D 1 41 ? 11.721  17.127  -8.303  1.00 45.94 ? 39  ASP D CG  1 
ATOM   1226 O OD1 . ASP D 1 41 ? 11.675  17.716  -9.408  1.00 44.81 ? 39  ASP D OD1 1 
ATOM   1227 O OD2 . ASP D 1 41 ? 11.400  17.645  -7.215  1.00 44.32 ? 39  ASP D OD2 1 
ATOM   1228 N N   . VAL D 1 42 ? 14.614  14.173  -8.745  1.00 33.57 ? 40  VAL D N   1 
ATOM   1229 C CA  . VAL D 1 42 ? 15.553  13.109  -8.426  1.00 33.32 ? 40  VAL D CA  1 
ATOM   1230 C C   . VAL D 1 42 ? 15.626  13.029  -6.904  1.00 29.89 ? 40  VAL D C   1 
ATOM   1231 O O   . VAL D 1 42 ? 15.637  14.060  -6.231  1.00 32.31 ? 40  VAL D O   1 
ATOM   1232 C CB  . VAL D 1 42 ? 16.928  13.391  -9.060  1.00 44.76 ? 40  VAL D CB  1 
ATOM   1233 C CG1 . VAL D 1 42 ? 18.053  12.764  -8.261  1.00 43.05 ? 40  VAL D CG1 1 
ATOM   1234 C CG2 . VAL D 1 42 ? 16.954  12.948  -10.510 1.00 40.10 ? 40  VAL D CG2 1 
ATOM   1235 N N   . VAL D 1 43 ? 15.634  11.807  -6.379  1.00 26.69 ? 41  VAL D N   1 
ATOM   1236 C CA  . VAL D 1 43 ? 15.714  11.594  -4.937  1.00 28.75 ? 41  VAL D CA  1 
ATOM   1237 C C   . VAL D 1 43 ? 16.817  10.597  -4.655  1.00 25.09 ? 41  VAL D C   1 
ATOM   1238 O O   . VAL D 1 43 ? 17.225  9.820   -5.518  1.00 28.12 ? 41  VAL D O   1 
ATOM   1239 C CB  . VAL D 1 43 ? 14.391  11.082  -4.328  1.00 29.51 ? 41  VAL D CB  1 
ATOM   1240 C CG1 . VAL D 1 43 ? 13.372  12.193  -4.268  1.00 33.79 ? 41  VAL D CG1 1 
ATOM   1241 C CG2 . VAL D 1 43 ? 13.881  9.881   -5.135  1.00 26.38 ? 41  VAL D CG2 1 
ATOM   1242 N N   . GLU D 1 44 ? 17.297  10.631  -3.419  1.00 22.86 ? 42  GLU D N   1 
ATOM   1243 C CA  . GLU D 1 44 ? 18.165  9.577   -2.921  1.00 31.84 ? 42  GLU D CA  1 
ATOM   1244 C C   . GLU D 1 44 ? 17.328  8.513   -2.223  1.00 37.30 ? 42  GLU D C   1 
ATOM   1245 O O   . GLU D 1 44 ? 16.376  8.828   -1.499  1.00 29.35 ? 42  GLU D O   1 
ATOM   1246 C CB  . GLU D 1 44 ? 19.214  10.119  -1.956  1.00 35.75 ? 42  GLU D CB  1 
ATOM   1247 C CG  . GLU D 1 44 ? 20.137  9.028   -1.423  1.00 42.06 ? 42  GLU D CG  1 
ATOM   1248 C CD  . GLU D 1 44 ? 21.161  9.542   -0.430  1.00 43.41 ? 42  GLU D CD  1 
ATOM   1249 O OE1 . GLU D 1 44 ? 22.044  8.754   -0.040  1.00 49.14 ? 42  GLU D OE1 1 
ATOM   1250 O OE2 . GLU D 1 44 ? 21.084  10.717  -0.028  1.00 40.22 ? 42  GLU D OE2 1 
ATOM   1251 N N   . VAL D 1 45 ? 17.685  7.253   -2.464  1.00 32.89 ? 43  VAL D N   1 
ATOM   1252 C CA  . VAL D 1 45 ? 17.137  6.111   -1.747  1.00 34.53 ? 43  VAL D CA  1 
ATOM   1253 C C   . VAL D 1 45 ? 18.219  5.604   -0.805  1.00 33.38 ? 43  VAL D C   1 
ATOM   1254 O O   . VAL D 1 45 ? 19.245  5.082   -1.249  1.00 38.05 ? 43  VAL D O   1 
ATOM   1255 C CB  . VAL D 1 45 ? 16.678  5.000   -2.702  1.00 30.66 ? 43  VAL D CB  1 
ATOM   1256 C CG1 . VAL D 1 45 ? 15.996  3.893   -1.908  1.00 27.85 ? 43  VAL D CG1 1 
ATOM   1257 C CG2 . VAL D 1 45 ? 15.750  5.569   -3.779  1.00 34.69 ? 43  VAL D CG2 1 
ATOM   1258 N N   . LYS D 1 46 ? 17.950  5.703   0.478   1.00 38.45 ? 44  LYS D N   1 
ATOM   1259 C CA  . LYS D 1 46 ? 18.975  5.348   1.475   1.00 43.36 ? 44  LYS D CA  1 
ATOM   1260 C C   . LYS D 1 46 ? 18.509  4.187   2.332   1.00 45.11 ? 44  LYS D C   1 
ATOM   1261 O O   . LYS D 1 46 ? 17.336  4.082   2.584   1.00 45.88 ? 44  LYS D O   1 
ATOM   1262 C CB  . LYS D 1 46 ? 19.142  6.524   2.434   1.00 42.11 ? 44  LYS D CB  1 
ATOM   1263 C CG  . LYS D 1 46 ? 20.569  6.899   2.766   1.00 54.38 ? 44  LYS D CG  1 
ATOM   1264 C CD  . LYS D 1 46 ? 20.719  8.303   3.251   1.00 48.39 ? 44  LYS D CD  1 
ATOM   1265 C CE  . LYS D 1 46 ? 21.306  8.382   4.637   1.00 47.77 ? 44  LYS D CE  1 
ATOM   1266 N NZ  . LYS D 1 46 ? 20.622  9.416   5.439   1.00 52.01 ? 44  LYS D NZ  1 
ATOM   1267 N N   . LYS D 1 47 ? 19.453  3.344   2.705   1.00 44.56 ? 45  LYS D N   1 
ATOM   1268 C CA  . LYS D 1 47 ? 19.209  2.315   3.699   1.00 37.31 ? 45  LYS D CA  1 
ATOM   1269 C C   . LYS D 1 47 ? 18.704  2.934   5.000   1.00 45.14 ? 45  LYS D C   1 
ATOM   1270 O O   . LYS D 1 47 ? 18.913  4.114   5.296   1.00 40.95 ? 45  LYS D O   1 
ATOM   1271 C CB  . LYS D 1 47 ? 20.493  1.536   3.969   1.00 46.99 ? 45  LYS D CB  1 
ATOM   1272 C CG  . LYS D 1 47 ? 20.320  0.054   4.144   1.00 55.09 ? 45  LYS D CG  1 
ATOM   1273 C CD  . LYS D 1 47 ? 21.685  -0.621  4.209   1.00 62.31 ? 45  LYS D CD  1 
ATOM   1274 C CE  . LYS D 1 47 ? 21.571  -2.142  4.159   1.00 65.44 ? 45  LYS D CE  1 
ATOM   1275 N NZ  . LYS D 1 47 ? 22.920  -2.784  4.146   1.00 63.30 ? 45  LYS D NZ  1 
ATOM   1276 N N   . VAL D 1 48 ? 18.028  2.116   5.788   1.00 41.90 ? 46  VAL D N   1 
ATOM   1277 C CA  . VAL D 1 48 ? 17.565  2.564   7.085   1.00 40.37 ? 46  VAL D CA  1 
ATOM   1278 C C   . VAL D 1 48 ? 17.990  1.538   8.130   1.00 50.12 ? 46  VAL D C   1 
ATOM   1279 O O   . VAL D 1 48 ? 18.273  1.874   9.278   1.00 50.64 ? 46  VAL D O   1 
ATOM   1280 C CB  . VAL D 1 48 ? 16.041  2.789   7.070   1.00 48.52 ? 46  VAL D CB  1 
ATOM   1281 C CG1 . VAL D 1 48 ? 15.465  2.608   8.437   1.00 48.79 ? 46  VAL D CG1 1 
ATOM   1282 C CG2 . VAL D 1 48 ? 15.716  4.176   6.550   1.00 40.68 ? 46  VAL D CG2 1 
ATOM   1283 O OXT . VAL D 1 48 ? 18.094  0.345   7.845   1.00 45.63 ? 46  VAL D OXT 1 
HETATM 1284 C C1  . MLT E 2 .  ? -8.260  15.552  -4.162  1.00 31.70 ? 101 MLT A C1  1 
HETATM 1285 O O1  . MLT E 2 .  ? -7.350  16.245  -3.859  1.00 38.73 ? 101 MLT A O1  1 
HETATM 1286 O O2  . MLT E 2 .  ? -8.690  14.732  -3.446  1.00 22.02 ? 101 MLT A O2  1 
HETATM 1287 C C2  . MLT E 2 .  ? -8.863  15.775  -5.487  1.00 34.45 ? 101 MLT A C2  1 
HETATM 1288 O O3  . MLT E 2 .  ? -8.032  15.150  -6.378  1.00 31.04 ? 101 MLT A O3  1 
HETATM 1289 C C3  . MLT E 2 .  ? -8.855  17.239  -5.857  1.00 29.16 ? 101 MLT A C3  1 
HETATM 1290 C C4  . MLT E 2 .  ? -9.893  18.029  -5.165  1.00 30.57 ? 101 MLT A C4  1 
HETATM 1291 O O4  . MLT E 2 .  ? -10.081 19.149  -5.488  1.00 31.85 ? 101 MLT A O4  1 
HETATM 1292 O O5  . MLT E 2 .  ? -10.530 17.530  -4.325  1.00 30.54 ? 101 MLT A O5  1 
HETATM 1293 C C1  . LMR F 3 .  ? -7.974  -23.811 -3.798  1.00 55.94 ? 101 LMR C C1  1 
HETATM 1294 O O1A . LMR F 3 .  ? -8.737  -23.160 -4.485  1.00 49.55 ? 101 LMR C O1A 1 
HETATM 1295 O O1B . LMR F 3 .  ? -7.967  -23.536 -2.597  1.00 44.12 ? 101 LMR C O1B 1 
HETATM 1296 C C2  . LMR F 3 .  ? -7.181  -24.953 -4.455  1.00 66.79 ? 101 LMR C C2  1 
HETATM 1297 O O2  . LMR F 3 .  ? -8.053  -26.008 -4.788  1.00 55.76 ? 101 LMR C O2  1 
HETATM 1298 C C3  . LMR F 3 .  ? -6.557  -24.578 -5.796  1.00 60.27 ? 101 LMR C C3  1 
HETATM 1299 C C4  . LMR F 3 .  ? -6.638  -23.102 -6.159  1.00 71.14 ? 101 LMR C C4  1 
HETATM 1300 O O4A . LMR F 3 .  ? -7.525  -22.716 -6.924  1.00 71.38 ? 101 LMR C O4A 1 
HETATM 1301 O O4B . LMR F 3 .  ? -5.851  -22.257 -5.692  1.00 72.21 ? 101 LMR C O4B 1 
HETATM 1302 O O   . HOH G 4 .  ? -17.045 19.257  13.480  1.00 44.25 ? 201 HOH A O   1 
HETATM 1303 O O   . HOH G 4 .  ? -9.204  -2.394  2.834   1.00 23.19 ? 202 HOH A O   1 
HETATM 1304 O O   . HOH G 4 .  ? -10.329 9.251   16.561  1.00 36.29 ? 203 HOH A O   1 
HETATM 1305 O O   . HOH G 4 .  ? -3.396  18.360  -1.696  1.00 43.65 ? 204 HOH A O   1 
HETATM 1306 O O   . HOH G 4 .  ? -14.282 13.899  -0.197  1.00 26.08 ? 205 HOH A O   1 
HETATM 1307 O O   . HOH G 4 .  ? -18.459 2.514   -7.992  1.00 34.94 ? 206 HOH A O   1 
HETATM 1308 O O   . HOH G 4 .  ? -5.073  16.233  -5.098  1.00 47.16 ? 207 HOH A O   1 
HETATM 1309 O O   . HOH G 4 .  ? -13.366 10.201  -2.532  1.00 29.96 ? 208 HOH A O   1 
HETATM 1310 O O   . HOH G 4 .  ? -14.959 14.708  12.249  1.00 32.24 ? 209 HOH A O   1 
HETATM 1311 O O   . HOH G 4 .  ? -1.278  16.517  9.554   1.00 44.97 ? 210 HOH A O   1 
HETATM 1312 O O   . HOH G 4 .  ? -9.874  0.728   -0.450  1.00 43.82 ? 211 HOH A O   1 
HETATM 1313 O O   . HOH G 4 .  ? -11.845 3.635   -4.139  1.00 24.28 ? 212 HOH A O   1 
HETATM 1314 O O   . HOH G 4 .  ? -1.927  10.880  10.712  1.00 44.52 ? 213 HOH A O   1 
HETATM 1315 O O   . HOH G 4 .  ? -19.117 20.146  15.093  1.00 52.94 ? 214 HOH A O   1 
HETATM 1316 O O   . HOH G 4 .  ? -4.505  12.316  12.236  1.00 52.56 ? 215 HOH A O   1 
HETATM 1317 O O   . HOH G 4 .  ? -13.488 8.743   18.413  1.00 41.53 ? 216 HOH A O   1 
HETATM 1318 O O   . HOH G 4 .  ? -22.904 5.764   -1.932  1.00 23.66 ? 217 HOH A O   1 
HETATM 1319 O O   . HOH G 4 .  ? -17.866 18.753  -0.455  1.00 41.36 ? 218 HOH A O   1 
HETATM 1320 O O   . HOH G 4 .  ? 1.236   11.117  7.994   1.00 44.33 ? 219 HOH A O   1 
HETATM 1321 O O   . HOH G 4 .  ? -17.024 4.419   -9.984  1.00 46.46 ? 220 HOH A O   1 
HETATM 1322 O O   . HOH G 4 .  ? -2.906  -0.508  3.056   1.00 39.57 ? 221 HOH A O   1 
HETATM 1323 O O   . HOH G 4 .  ? -18.190 3.049   14.718  1.00 47.30 ? 222 HOH A O   1 
HETATM 1324 O O   . HOH G 4 .  ? -7.248  22.890  7.049   1.00 55.54 ? 223 HOH A O   1 
HETATM 1325 O O   . HOH G 4 .  ? -10.001 22.038  10.029  1.00 43.20 ? 224 HOH A O   1 
HETATM 1326 O O   . HOH G 4 .  ? -16.236 1.334   -7.755  1.00 52.35 ? 225 HOH A O   1 
HETATM 1327 O O   . HOH G 4 .  ? -14.967 4.926   18.393  1.00 49.16 ? 226 HOH A O   1 
HETATM 1328 O O   . HOH G 4 .  ? -5.948  19.552  3.002   1.00 39.96 ? 227 HOH A O   1 
HETATM 1329 O O   . HOH G 4 .  ? -4.691  18.437  1.541   1.00 60.59 ? 228 HOH A O   1 
HETATM 1330 O O   . HOH G 4 .  ? -18.898 10.763  18.630  1.00 57.11 ? 229 HOH A O   1 
HETATM 1331 O O   . HOH G 4 .  ? -2.905  12.051  11.988  1.00 69.89 ? 230 HOH A O   1 
HETATM 1332 O O   . HOH G 4 .  ? -2.877  17.225  0.732   1.00 40.36 ? 231 HOH A O   1 
HETATM 1333 O O   . HOH G 4 .  ? -5.891  -4.433  6.563   1.00 45.25 ? 232 HOH A O   1 
HETATM 1334 O O   . HOH G 4 .  ? -15.694 20.249  15.642  1.00 49.55 ? 233 HOH A O   1 
HETATM 1335 O O   . HOH G 4 .  ? -16.367 3.882   17.832  1.00 58.98 ? 234 HOH A O   1 
HETATM 1336 O O   . HOH G 4 .  ? -13.090 17.115  12.812  1.00 39.77 ? 235 HOH A O   1 
HETATM 1337 O O   . HOH H 4 .  ? 17.531  11.710  -14.543 1.00 46.68 ? 101 HOH B O   1 
HETATM 1338 O O   . HOH H 4 .  ? 27.697  7.474   -2.175  1.00 56.47 ? 102 HOH B O   1 
HETATM 1339 O O   . HOH H 4 .  ? 18.133  15.727  1.273   1.00 61.36 ? 103 HOH B O   1 
HETATM 1340 O O   . HOH H 4 .  ? -1.789  2.319   3.102   1.00 40.89 ? 104 HOH B O   1 
HETATM 1341 O O   . HOH H 4 .  ? 23.108  16.682  -0.863  1.00 56.37 ? 105 HOH B O   1 
HETATM 1342 O O   . HOH H 4 .  ? 3.522   2.350   -8.137  1.00 36.48 ? 106 HOH B O   1 
HETATM 1343 O O   . HOH H 4 .  ? 5.347   6.004   -1.702  1.00 33.63 ? 107 HOH B O   1 
HETATM 1344 O O   . HOH H 4 .  ? 22.017  11.489  2.696   1.00 57.30 ? 108 HOH B O   1 
HETATM 1345 O O   . HOH H 4 .  ? 12.703  -8.167  -8.842  1.00 44.70 ? 109 HOH B O   1 
HETATM 1346 O O   . HOH H 4 .  ? 13.629  11.548  4.258   1.00 39.75 ? 110 HOH B O   1 
HETATM 1347 O O   . HOH H 4 .  ? 24.654  15.694  1.060   1.00 53.76 ? 111 HOH B O   1 
HETATM 1348 O O   . HOH H 4 .  ? 10.538  1.047   -10.107 1.00 35.06 ? 112 HOH B O   1 
HETATM 1349 O O   . HOH H 4 .  ? 2.865   3.965   -3.329  1.00 38.86 ? 113 HOH B O   1 
HETATM 1350 O O   . HOH H 4 .  ? 12.278  -5.284  -9.658  1.00 48.96 ? 114 HOH B O   1 
HETATM 1351 O O   . HOH H 4 .  ? 5.509   9.638   -13.569 1.00 54.37 ? 115 HOH B O   1 
HETATM 1352 O O   . HOH H 4 .  ? -0.175  -4.045  -8.100  1.00 36.48 ? 116 HOH B O   1 
HETATM 1353 O O   . HOH H 4 .  ? -3.564  -3.453  -3.781  1.00 53.49 ? 117 HOH B O   1 
HETATM 1354 O O   . HOH H 4 .  ? 18.795  -6.768  -3.705  1.00 37.54 ? 118 HOH B O   1 
HETATM 1355 O O   . HOH H 4 .  ? 14.604  15.541  2.090   1.00 44.80 ? 119 HOH B O   1 
HETATM 1356 O O   . HOH H 4 .  ? -0.449  6.733   -12.610 1.00 58.94 ? 120 HOH B O   1 
HETATM 1357 O O   . HOH H 4 .  ? -2.341  0.158   -11.238 1.00 53.01 ? 121 HOH B O   1 
HETATM 1358 O O   . HOH H 4 .  ? 16.359  8.753   -14.724 1.00 49.18 ? 122 HOH B O   1 
HETATM 1359 O O   . HOH H 4 .  ? -2.521  4.600   -12.919 1.00 44.93 ? 123 HOH B O   1 
HETATM 1360 O O   . HOH H 4 .  ? 14.567  -9.128  -3.208  1.00 59.10 ? 124 HOH B O   1 
HETATM 1361 O O   . HOH H 4 .  ? -2.189  2.104   -13.111 1.00 59.33 ? 125 HOH B O   1 
HETATM 1362 O O   . HOH H 4 .  ? 28.943  6.874   -3.853  1.00 54.65 ? 126 HOH B O   1 
HETATM 1363 O O   . HOH H 4 .  ? 15.383  -2.446  6.622   1.00 57.43 ? 127 HOH B O   1 
HETATM 1364 O O   . HOH H 4 .  ? 15.578  -10.381 -5.571  1.00 54.92 ? 128 HOH B O   1 
HETATM 1365 O O   . HOH H 4 .  ? 24.935  3.256   0.038   1.00 53.46 ? 129 HOH B O   1 
HETATM 1366 O O   . HOH H 4 .  ? 13.103  14.326  4.151   1.00 54.82 ? 130 HOH B O   1 
HETATM 1367 O O   . HOH H 4 .  ? 14.635  7.796   -16.459 1.00 44.98 ? 131 HOH B O   1 
HETATM 1368 O O   . HOH I 4 .  ? -9.181  -20.962 -7.025  1.00 74.98 ? 201 HOH C O   1 
HETATM 1369 O O   . HOH I 4 .  ? -1.708  -19.806 6.114   1.00 43.06 ? 202 HOH C O   1 
HETATM 1370 O O   . HOH I 4 .  ? -5.107  -14.194 9.268   1.00 44.30 ? 203 HOH C O   1 
HETATM 1371 O O   . HOH I 4 .  ? -15.133 -21.966 19.267  1.00 35.64 ? 204 HOH C O   1 
HETATM 1372 O O   . HOH I 4 .  ? -24.491 -23.367 4.788   1.00 49.47 ? 205 HOH C O   1 
HETATM 1373 O O   . HOH I 4 .  ? -15.490 -8.747  -0.974  1.00 35.99 ? 206 HOH C O   1 
HETATM 1374 O O   . HOH I 4 .  ? -13.658 -19.494 -5.441  1.00 46.59 ? 207 HOH C O   1 
HETATM 1375 O O   . HOH I 4 .  ? -2.070  -25.863 12.597  1.00 55.97 ? 208 HOH C O   1 
HETATM 1376 O O   . HOH I 4 .  ? -14.663 -30.970 12.858  1.00 20.27 ? 209 HOH C O   1 
HETATM 1377 O O   . HOH I 4 .  ? -7.229  -23.951 4.055   1.00 44.08 ? 210 HOH C O   1 
HETATM 1378 O O   . HOH I 4 .  ? -10.955 -20.360 -7.598  1.00 59.08 ? 211 HOH C O   1 
HETATM 1379 O O   . HOH I 4 .  ? -12.294 -23.653 -10.189 1.00 59.07 ? 212 HOH C O   1 
HETATM 1380 O O   . HOH I 4 .  ? -22.470 -23.221 20.720  1.00 62.04 ? 213 HOH C O   1 
HETATM 1381 O O   . HOH J 4 .  ? 1.667   -0.814  -13.904 1.00 63.01 ? 101 HOH D O   1 
HETATM 1382 O O   . HOH J 4 .  ? 12.233  13.357  8.862   1.00 45.06 ? 102 HOH D O   1 
HETATM 1383 O O   . HOH J 4 .  ? -0.561  8.737   -4.784  1.00 39.62 ? 103 HOH D O   1 
HETATM 1384 O O   . HOH J 4 .  ? 22.834  5.728   -8.577  1.00 49.14 ? 104 HOH D O   1 
HETATM 1385 O O   . HOH J 4 .  ? 18.087  6.835   6.683   1.00 44.33 ? 105 HOH D O   1 
HETATM 1386 O O   . HOH J 4 .  ? 14.588  1.860   -9.434  1.00 44.72 ? 106 HOH D O   1 
HETATM 1387 O O   . HOH J 4 .  ? 21.767  6.418   -1.118  1.00 42.21 ? 107 HOH D O   1 
HETATM 1388 O O   . HOH J 4 .  ? 7.741   0.496   -10.807 1.00 36.49 ? 108 HOH D O   1 
HETATM 1389 O O   . HOH J 4 .  ? 20.556  13.341  -0.200  1.00 48.75 ? 109 HOH D O   1 
HETATM 1390 O O   . HOH J 4 .  ? 17.004  -0.957  5.527   1.00 52.50 ? 110 HOH D O   1 
HETATM 1391 O O   . HOH J 4 .  ? 12.324  0.886   -12.087 1.00 46.36 ? 111 HOH D O   1 
HETATM 1392 O O   . HOH J 4 .  ? 4.510   3.504   -5.704  1.00 38.59 ? 112 HOH D O   1 
HETATM 1393 O O   . HOH J 4 .  ? 6.952   -6.541  -4.460  1.00 38.22 ? 113 HOH D O   1 
HETATM 1394 O O   . HOH J 4 .  ? 0.827   9.028   -7.265  1.00 37.17 ? 114 HOH D O   1 
HETATM 1395 O O   . HOH J 4 .  ? 15.711  17.111  -7.786  1.00 43.52 ? 115 HOH D O   1 
HETATM 1396 O O   . HOH J 4 .  ? 23.137  4.684   0.295   1.00 42.38 ? 116 HOH D O   1 
# 
loop_
_pdbx_poly_seq_scheme.asym_id 
_pdbx_poly_seq_scheme.entity_id 
_pdbx_poly_seq_scheme.seq_id 
_pdbx_poly_seq_scheme.mon_id 
_pdbx_poly_seq_scheme.ndb_seq_num 
_pdbx_poly_seq_scheme.pdb_seq_num 
_pdbx_poly_seq_scheme.auth_seq_num 
_pdbx_poly_seq_scheme.pdb_mon_id 
_pdbx_poly_seq_scheme.auth_mon_id 
_pdbx_poly_seq_scheme.pdb_strand_id 
_pdbx_poly_seq_scheme.pdb_ins_code 
_pdbx_poly_seq_scheme.hetero 
A 1 1  GLY 1  -1 ?  ?   ?   A . n 
A 1 2  PRO 2  0  ?  ?   ?   A . n 
A 1 3  MET 3  1  ?  ?   ?   A . n 
A 1 4  PRO 4  2  ?  ?   ?   A . n 
A 1 5  GLY 5  3  ?  ?   ?   A . n 
A 1 6  LYS 6  4  ?  ?   ?   A . n 
A 1 7  LYS 7  5  5  LYS LYS A . n 
A 1 8  VAL 8  6  6  VAL VAL A . n 
A 1 9  VAL 9  7  7  VAL VAL A . n 
A 1 10 ALA 10 8  8  ALA ALA A . n 
A 1 11 ARG 11 9  9  ARG ARG A . n 
A 1 12 VAL 12 10 10 VAL VAL A . n 
A 1 13 ALA 13 11 11 ALA ALA A . n 
A 1 14 GLU 14 12 12 GLU GLU A . n 
A 1 15 ALA 15 13 13 ALA ALA A . n 
A 1 16 ARG 16 14 14 ARG ARG A . n 
A 1 17 ALA 17 15 15 ALA ALA A . n 
A 1 18 GLU 18 16 16 GLU GLU A . n 
A 1 19 ASP 19 17 17 ASP ASP A . n 
A 1 20 VAL 20 18 18 VAL VAL A . n 
A 1 21 GLY 21 19 19 GLY GLY A . n 
A 1 22 LYS 22 20 20 LYS LYS A . n 
A 1 23 ARG 23 21 21 ARG ARG A . n 
A 1 24 VAL 24 22 22 VAL VAL A . n 
A 1 25 VAL 25 23 23 VAL VAL A . n 
A 1 26 ARG 26 24 24 ARG ARG A . n 
A 1 27 VAL 27 25 25 VAL VAL A . n 
A 1 28 ASP 28 26 26 ASP ASP A . n 
A 1 29 LYS 29 27 27 LYS LYS A . n 
A 1 30 ALA 30 28 28 ALA ALA A . n 
A 1 31 GLU 31 29 29 GLU GLU A . n 
A 1 32 ARG 32 30 30 ARG ARG A . n 
A 1 33 ALA 33 31 31 ALA ALA A . n 
A 1 34 LYS 34 32 32 LYS LYS A . n 
A 1 35 VAL 35 33 33 VAL VAL A . n 
A 1 36 GLY 36 34 34 GLY GLY A . n 
A 1 37 VAL 37 35 35 VAL VAL A . n 
A 1 38 LYS 38 36 36 LYS LYS A . n 
A 1 39 VAL 39 37 37 VAL VAL A . n 
A 1 40 GLY 40 38 38 GLY GLY A . n 
A 1 41 ASP 41 39 39 ASP ASP A . n 
A 1 42 VAL 42 40 40 VAL VAL A . n 
A 1 43 VAL 43 41 41 VAL VAL A . n 
A 1 44 GLU 44 42 42 GLU GLU A . n 
A 1 45 VAL 45 43 43 VAL VAL A . n 
A 1 46 LYS 46 44 44 LYS LYS A . n 
A 1 47 LYS 47 45 45 LYS LYS A . n 
A 1 48 VAL 48 46 46 VAL VAL A . n 
B 1 1  GLY 1  -1 ?  ?   ?   B . n 
B 1 2  PRO 2  0  ?  ?   ?   B . n 
B 1 3  MET 3  1  ?  ?   ?   B . n 
B 1 4  PRO 4  2  ?  ?   ?   B . n 
B 1 5  GLY 5  3  ?  ?   ?   B . n 
B 1 6  LYS 6  4  ?  ?   ?   B . n 
B 1 7  LYS 7  5  5  LYS LYS B . n 
B 1 8  VAL 8  6  6  VAL VAL B . n 
B 1 9  VAL 9  7  7  VAL VAL B . n 
B 1 10 ALA 10 8  8  ALA ALA B . n 
B 1 11 ARG 11 9  9  ARG ARG B . n 
B 1 12 VAL 12 10 10 VAL VAL B . n 
B 1 13 ALA 13 11 11 ALA ALA B . n 
B 1 14 GLU 14 12 12 GLU GLU B . n 
B 1 15 ALA 15 13 13 ALA ALA B . n 
B 1 16 ARG 16 14 14 ARG ARG B . n 
B 1 17 ALA 17 15 15 ALA ALA B . n 
B 1 18 GLU 18 16 16 GLU GLU B . n 
B 1 19 ASP 19 17 17 ASP ASP B . n 
B 1 20 VAL 20 18 18 VAL VAL B . n 
B 1 21 GLY 21 19 19 GLY GLY B . n 
B 1 22 LYS 22 20 20 LYS LYS B . n 
B 1 23 ARG 23 21 21 ARG ARG B . n 
B 1 24 VAL 24 22 22 VAL VAL B . n 
B 1 25 VAL 25 23 23 VAL VAL B . n 
B 1 26 ARG 26 24 24 ARG ARG B . n 
B 1 27 VAL 27 25 25 VAL VAL B . n 
B 1 28 ASP 28 26 26 ASP ASP B . n 
B 1 29 LYS 29 27 27 LYS LYS B . n 
B 1 30 ALA 30 28 28 ALA ALA B . n 
B 1 31 GLU 31 29 29 GLU GLU B . n 
B 1 32 ARG 32 30 30 ARG ARG B . n 
B 1 33 ALA 33 31 31 ALA ALA B . n 
B 1 34 LYS 34 32 32 LYS LYS B . n 
B 1 35 VAL 35 33 33 VAL VAL B . n 
B 1 36 GLY 36 34 34 GLY GLY B . n 
B 1 37 VAL 37 35 35 VAL VAL B . n 
B 1 38 LYS 38 36 36 LYS LYS B . n 
B 1 39 VAL 39 37 37 VAL VAL B . n 
B 1 40 GLY 40 38 38 GLY GLY B . n 
B 1 41 ASP 41 39 39 ASP ASP B . n 
B 1 42 VAL 42 40 40 VAL VAL B . n 
B 1 43 VAL 43 41 41 VAL VAL B . n 
B 1 44 GLU 44 42 42 GLU GLU B . n 
B 1 45 VAL 45 43 43 VAL VAL B . n 
B 1 46 LYS 46 44 44 LYS LYS B . n 
B 1 47 LYS 47 45 45 LYS LYS B . n 
B 1 48 VAL 48 46 46 VAL VAL B . n 
C 1 1  GLY 1  -1 ?  ?   ?   C . n 
C 1 2  PRO 2  0  ?  ?   ?   C . n 
C 1 3  MET 3  1  ?  ?   ?   C . n 
C 1 4  PRO 4  2  ?  ?   ?   C . n 
C 1 5  GLY 5  3  ?  ?   ?   C . n 
C 1 6  LYS 6  4  ?  ?   ?   C . n 
C 1 7  LYS 7  5  5  LYS LYS C . n 
C 1 8  VAL 8  6  6  VAL VAL C . n 
C 1 9  VAL 9  7  7  VAL VAL C . n 
C 1 10 ALA 10 8  8  ALA ALA C . n 
C 1 11 ARG 11 9  9  ARG ARG C . n 
C 1 12 VAL 12 10 10 VAL VAL C . n 
C 1 13 ALA 13 11 11 ALA ALA C . n 
C 1 14 GLU 14 12 12 GLU GLU C . n 
C 1 15 ALA 15 13 13 ALA ALA C . n 
C 1 16 ARG 16 14 14 ARG ARG C . n 
C 1 17 ALA 17 15 15 ALA ALA C . n 
C 1 18 GLU 18 16 16 GLU GLU C . n 
C 1 19 ASP 19 17 17 ASP ASP C . n 
C 1 20 VAL 20 18 18 VAL VAL C . n 
C 1 21 GLY 21 19 19 GLY GLY C . n 
C 1 22 LYS 22 20 20 LYS LYS C . n 
C 1 23 ARG 23 21 21 ARG ARG C . n 
C 1 24 VAL 24 22 22 VAL VAL C . n 
C 1 25 VAL 25 23 23 VAL VAL C . n 
C 1 26 ARG 26 24 24 ARG ARG C . n 
C 1 27 VAL 27 25 25 VAL VAL C . n 
C 1 28 ASP 28 26 26 ASP ASP C . n 
C 1 29 LYS 29 27 27 LYS LYS C . n 
C 1 30 ALA 30 28 28 ALA ALA C . n 
C 1 31 GLU 31 29 29 GLU GLU C . n 
C 1 32 ARG 32 30 30 ARG ARG C . n 
C 1 33 ALA 33 31 31 ALA ALA C . n 
C 1 34 LYS 34 32 32 LYS LYS C . n 
C 1 35 VAL 35 33 33 VAL VAL C . n 
C 1 36 GLY 36 34 34 GLY GLY C . n 
C 1 37 VAL 37 35 35 VAL VAL C . n 
C 1 38 LYS 38 36 36 LYS LYS C . n 
C 1 39 VAL 39 37 37 VAL VAL C . n 
C 1 40 GLY 40 38 38 GLY GLY C . n 
C 1 41 ASP 41 39 39 ASP ASP C . n 
C 1 42 VAL 42 40 40 VAL VAL C . n 
C 1 43 VAL 43 41 41 VAL VAL C . n 
C 1 44 GLU 44 42 42 GLU GLU C . n 
C 1 45 VAL 45 43 43 VAL VAL C . n 
C 1 46 LYS 46 44 44 LYS LYS C . n 
C 1 47 LYS 47 45 45 LYS LYS C . n 
C 1 48 VAL 48 46 46 VAL VAL C . n 
D 1 1  GLY 1  -1 ?  ?   ?   D . n 
D 1 2  PRO 2  0  ?  ?   ?   D . n 
D 1 3  MET 3  1  ?  ?   ?   D . n 
D 1 4  PRO 4  2  ?  ?   ?   D . n 
D 1 5  GLY 5  3  ?  ?   ?   D . n 
D 1 6  LYS 6  4  ?  ?   ?   D . n 
D 1 7  LYS 7  5  5  LYS LYS D . n 
D 1 8  VAL 8  6  6  VAL VAL D . n 
D 1 9  VAL 9  7  7  VAL VAL D . n 
D 1 10 ALA 10 8  8  ALA ALA D . n 
D 1 11 ARG 11 9  9  ARG ARG D . n 
D 1 12 VAL 12 10 10 VAL VAL D . n 
D 1 13 ALA 13 11 11 ALA ALA D . n 
D 1 14 GLU 14 12 12 GLU GLU D . n 
D 1 15 ALA 15 13 13 ALA ALA D . n 
D 1 16 ARG 16 14 14 ARG ARG D . n 
D 1 17 ALA 17 15 15 ALA ALA D . n 
D 1 18 GLU 18 16 16 GLU GLU D . n 
D 1 19 ASP 19 17 17 ASP ASP D . n 
D 1 20 VAL 20 18 18 VAL VAL D . n 
D 1 21 GLY 21 19 19 GLY GLY D . n 
D 1 22 LYS 22 20 20 LYS LYS D . n 
D 1 23 ARG 23 21 21 ARG ARG D . n 
D 1 24 VAL 24 22 22 VAL VAL D . n 
D 1 25 VAL 25 23 23 VAL VAL D . n 
D 1 26 ARG 26 24 24 ARG ARG D . n 
D 1 27 VAL 27 25 25 VAL VAL D . n 
D 1 28 ASP 28 26 26 ASP ASP D . n 
D 1 29 LYS 29 27 27 LYS LYS D . n 
D 1 30 ALA 30 28 28 ALA ALA D . n 
D 1 31 GLU 31 29 29 GLU GLU D . n 
D 1 32 ARG 32 30 30 ARG ARG D . n 
D 1 33 ALA 33 31 31 ALA ALA D . n 
D 1 34 LYS 34 32 32 LYS LYS D . n 
D 1 35 VAL 35 33 33 VAL VAL D . n 
D 1 36 GLY 36 34 34 GLY GLY D . n 
D 1 37 VAL 37 35 35 VAL VAL D . n 
D 1 38 LYS 38 36 36 LYS LYS D . n 
D 1 39 VAL 39 37 37 VAL VAL D . n 
D 1 40 GLY 40 38 38 GLY GLY D . n 
D 1 41 ASP 41 39 39 ASP ASP D . n 
D 1 42 VAL 42 40 40 VAL VAL D . n 
D 1 43 VAL 43 41 41 VAL VAL D . n 
D 1 44 GLU 44 42 42 GLU GLU D . n 
D 1 45 VAL 45 43 43 VAL VAL D . n 
D 1 46 LYS 46 44 44 LYS LYS D . n 
D 1 47 LYS 47 45 45 LYS LYS D . n 
D 1 48 VAL 48 46 46 VAL VAL D . n 
# 
loop_
_pdbx_nonpoly_scheme.asym_id 
_pdbx_nonpoly_scheme.entity_id 
_pdbx_nonpoly_scheme.mon_id 
_pdbx_nonpoly_scheme.ndb_seq_num 
_pdbx_nonpoly_scheme.pdb_seq_num 
_pdbx_nonpoly_scheme.auth_seq_num 
_pdbx_nonpoly_scheme.pdb_mon_id 
_pdbx_nonpoly_scheme.auth_mon_id 
_pdbx_nonpoly_scheme.pdb_strand_id 
_pdbx_nonpoly_scheme.pdb_ins_code 
E 2 MLT 1  101 101 MLT MLT A . 
F 3 LMR 1  101 101 LMR LMR C . 
G 4 HOH 1  201 86  HOH HOH A . 
G 4 HOH 2  202 27  HOH HOH A . 
G 4 HOH 3  203 32  HOH HOH A . 
G 4 HOH 4  204 65  HOH HOH A . 
G 4 HOH 5  205 10  HOH HOH A . 
G 4 HOH 6  206 17  HOH HOH A . 
G 4 HOH 7  207 67  HOH HOH A . 
G 4 HOH 8  208 13  HOH HOH A . 
G 4 HOH 9  209 1   HOH HOH A . 
G 4 HOH 10 210 38  HOH HOH A . 
G 4 HOH 11 211 31  HOH HOH A . 
G 4 HOH 12 212 5   HOH HOH A . 
G 4 HOH 13 213 62  HOH HOH A . 
G 4 HOH 14 214 44  HOH HOH A . 
G 4 HOH 15 215 68  HOH HOH A . 
G 4 HOH 16 216 18  HOH HOH A . 
G 4 HOH 17 217 2   HOH HOH A . 
G 4 HOH 18 218 58  HOH HOH A . 
G 4 HOH 19 219 93  HOH HOH A . 
G 4 HOH 20 220 73  HOH HOH A . 
G 4 HOH 21 221 24  HOH HOH A . 
G 4 HOH 22 222 53  HOH HOH A . 
G 4 HOH 23 223 36  HOH HOH A . 
G 4 HOH 24 224 71  HOH HOH A . 
G 4 HOH 25 225 88  HOH HOH A . 
G 4 HOH 26 226 37  HOH HOH A . 
G 4 HOH 27 227 48  HOH HOH A . 
G 4 HOH 28 228 82  HOH HOH A . 
G 4 HOH 29 229 39  HOH HOH A . 
G 4 HOH 30 230 69  HOH HOH A . 
G 4 HOH 31 231 81  HOH HOH A . 
G 4 HOH 32 232 72  HOH HOH A . 
G 4 HOH 33 233 94  HOH HOH A . 
G 4 HOH 34 234 45  HOH HOH A . 
G 4 HOH 35 235 50  HOH HOH A . 
H 4 HOH 1  101 41  HOH HOH B . 
H 4 HOH 2  102 52  HOH HOH B . 
H 4 HOH 3  103 91  HOH HOH B . 
H 4 HOH 4  104 35  HOH HOH B . 
H 4 HOH 5  105 79  HOH HOH B . 
H 4 HOH 6  106 21  HOH HOH B . 
H 4 HOH 7  107 7   HOH HOH B . 
H 4 HOH 8  108 49  HOH HOH B . 
H 4 HOH 9  109 84  HOH HOH B . 
H 4 HOH 10 110 23  HOH HOH B . 
H 4 HOH 11 111 85  HOH HOH B . 
H 4 HOH 12 112 33  HOH HOH B . 
H 4 HOH 13 113 4   HOH HOH B . 
H 4 HOH 14 114 30  HOH HOH B . 
H 4 HOH 15 115 95  HOH HOH B . 
H 4 HOH 16 116 16  HOH HOH B . 
H 4 HOH 17 117 76  HOH HOH B . 
H 4 HOH 18 118 14  HOH HOH B . 
H 4 HOH 19 119 25  HOH HOH B . 
H 4 HOH 20 120 47  HOH HOH B . 
H 4 HOH 21 121 64  HOH HOH B . 
H 4 HOH 22 122 63  HOH HOH B . 
H 4 HOH 23 123 12  HOH HOH B . 
H 4 HOH 24 124 46  HOH HOH B . 
H 4 HOH 25 125 87  HOH HOH B . 
H 4 HOH 26 126 92  HOH HOH B . 
H 4 HOH 27 127 80  HOH HOH B . 
H 4 HOH 28 128 54  HOH HOH B . 
H 4 HOH 29 129 42  HOH HOH B . 
H 4 HOH 30 130 56  HOH HOH B . 
H 4 HOH 31 131 60  HOH HOH B . 
I 4 HOH 1  201 89  HOH HOH C . 
I 4 HOH 2  202 6   HOH HOH C . 
I 4 HOH 3  203 43  HOH HOH C . 
I 4 HOH 4  204 22  HOH HOH C . 
I 4 HOH 5  205 59  HOH HOH C . 
I 4 HOH 6  206 19  HOH HOH C . 
I 4 HOH 7  207 55  HOH HOH C . 
I 4 HOH 8  208 77  HOH HOH C . 
I 4 HOH 9  209 57  HOH HOH C . 
I 4 HOH 10 210 78  HOH HOH C . 
I 4 HOH 11 211 74  HOH HOH C . 
I 4 HOH 12 212 51  HOH HOH C . 
I 4 HOH 13 213 70  HOH HOH C . 
J 4 HOH 1  101 61  HOH HOH D . 
J 4 HOH 2  102 11  HOH HOH D . 
J 4 HOH 3  103 40  HOH HOH D . 
J 4 HOH 4  104 75  HOH HOH D . 
J 4 HOH 5  105 9   HOH HOH D . 
J 4 HOH 6  106 28  HOH HOH D . 
J 4 HOH 7  107 8   HOH HOH D . 
J 4 HOH 8  108 3   HOH HOH D . 
J 4 HOH 9  109 90  HOH HOH D . 
J 4 HOH 10 110 83  HOH HOH D . 
J 4 HOH 11 111 20  HOH HOH D . 
J 4 HOH 12 112 29  HOH HOH D . 
J 4 HOH 13 113 15  HOH HOH D . 
J 4 HOH 14 114 26  HOH HOH D . 
J 4 HOH 15 115 66  HOH HOH D . 
J 4 HOH 16 116 34  HOH HOH D . 
# 
loop_
_pdbx_struct_assembly.id 
_pdbx_struct_assembly.details 
_pdbx_struct_assembly.method_details 
_pdbx_struct_assembly.oligomeric_details 
_pdbx_struct_assembly.oligomeric_count 
1 author_and_software_defined_assembly PISA dimeric 2 
2 author_and_software_defined_assembly PISA dimeric 2 
3 author_and_software_defined_assembly PISA dimeric 2 
# 
loop_
_pdbx_struct_assembly_gen.assembly_id 
_pdbx_struct_assembly_gen.oper_expression 
_pdbx_struct_assembly_gen.asym_id_list 
1 1,2 A,E,G   
2 1   B,D,H,J 
3 1,3 C,F,I   
# 
loop_
_pdbx_struct_assembly_prop.biol_id 
_pdbx_struct_assembly_prop.type 
_pdbx_struct_assembly_prop.value 
_pdbx_struct_assembly_prop.details 
1 'ABSA (A^2)' 4670 ? 
1 MORE         -19  ? 
1 'SSA (A^2)'  4990 ? 
2 'ABSA (A^2)' 4240 ? 
2 MORE         -12  ? 
2 'SSA (A^2)'  4910 ? 
3 'ABSA (A^2)' 4610 ? 
3 MORE         -13  ? 
3 'SSA (A^2)'  4790 ? 
# 
loop_
_pdbx_struct_oper_list.id 
_pdbx_struct_oper_list.type 
_pdbx_struct_oper_list.name 
_pdbx_struct_oper_list.symmetry_operation 
_pdbx_struct_oper_list.matrix[1][1] 
_pdbx_struct_oper_list.matrix[1][2] 
_pdbx_struct_oper_list.matrix[1][3] 
_pdbx_struct_oper_list.vector[1] 
_pdbx_struct_oper_list.matrix[2][1] 
_pdbx_struct_oper_list.matrix[2][2] 
_pdbx_struct_oper_list.matrix[2][3] 
_pdbx_struct_oper_list.vector[2] 
_pdbx_struct_oper_list.matrix[3][1] 
_pdbx_struct_oper_list.matrix[3][2] 
_pdbx_struct_oper_list.matrix[3][3] 
_pdbx_struct_oper_list.vector[3] 
1 'identity operation'         1_555 x,y,z          1.0000000000  0.0000000000  0.0000000000  0.0000000000   0.0000000000  1.0000000000  0.0000000000 0.0000000000   0.0000000000  0.0000000000 1.0000000000  0.0000000000  
2 'crystal symmetry operation' 4_555 y,x,-z         -0.9632949814 -0.0438331395 -0.2648422826 -24.4343317562 -0.0438331395 -0.9476544572 0.3162746998 13.2034437696  -0.2648422826 0.3162746998 0.9109494386  -5.5716594038 
3 'crystal symmetry operation' 6_555 -x,-x+y,-z+1/3 0.5447888642  -0.6001540476 -0.5856792745 -11.6046450297 -0.6001540476 -0.7668387641 0.2275377531 -41.2209135795 -0.5856792745 0.2275377531 -0.7779501002 11.6312323345 
# 
loop_
_pdbx_audit_revision_history.ordinal 
_pdbx_audit_revision_history.data_content_type 
_pdbx_audit_revision_history.major_revision 
_pdbx_audit_revision_history.minor_revision 
_pdbx_audit_revision_history.revision_date 
1 'Structure model' 1 0 2021-09-29 
2 'Structure model' 1 1 2021-11-17 
3 'Structure model' 1 2 2023-11-29 
# 
_pdbx_audit_revision_details.ordinal             1 
_pdbx_audit_revision_details.revision_ordinal    1 
_pdbx_audit_revision_details.data_content_type   'Structure model' 
_pdbx_audit_revision_details.provider            repository 
_pdbx_audit_revision_details.type                'Initial release' 
_pdbx_audit_revision_details.description         ? 
_pdbx_audit_revision_details.details             ? 
# 
loop_
_pdbx_audit_revision_group.ordinal 
_pdbx_audit_revision_group.revision_ordinal 
_pdbx_audit_revision_group.data_content_type 
_pdbx_audit_revision_group.group 
1 2 'Structure model' 'Database references'    
2 3 'Structure model' 'Data collection'        
3 3 'Structure model' 'Database references'    
4 3 'Structure model' 'Refinement description' 
# 
loop_
_pdbx_audit_revision_category.ordinal 
_pdbx_audit_revision_category.revision_ordinal 
_pdbx_audit_revision_category.data_content_type 
_pdbx_audit_revision_category.category 
1 2 'Structure model' citation                      
2 2 'Structure model' citation_author               
3 3 'Structure model' chem_comp_atom                
4 3 'Structure model' chem_comp_bond                
5 3 'Structure model' citation                      
6 3 'Structure model' pdbx_initial_refinement_model 
# 
_pdbx_audit_revision_item.ordinal             1 
_pdbx_audit_revision_item.revision_ordinal    3 
_pdbx_audit_revision_item.data_content_type   'Structure model' 
_pdbx_audit_revision_item.item                '_citation.journal_id_ISSN' 
# 
loop_
_software.citation_id 
_software.classification 
_software.compiler_name 
_software.compiler_version 
_software.contact_author 
_software.contact_author_email 
_software.date 
_software.description 
_software.dependencies 
_software.hardware 
_software.language 
_software.location 
_software.mods 
_software.name 
_software.os 
_software.os_version 
_software.type 
_software.version 
_software.pdbx_ordinal 
? refinement        ? ? ? ? ? ? ? ? ? ? ? PHENIX      ? ? ? 1.14_3260 1 
? 'data extraction' ? ? ? ? ? ? ? ? ? ? ? PDB_EXTRACT ? ? ? 3.27      2 
? 'data reduction'  ? ? ? ? ? ? ? ? ? ? ? XDS         ? ? ? .         3 
? 'data scaling'    ? ? ? ? ? ? ? ? ? ? ? XDS         ? ? ? .         4 
? phasing           ? ? ? ? ? ? ? ? ? ? ? PHASER      ? ? ? .         5 
# 
_pdbx_entry_details.entry_id                 7DYC 
_pdbx_entry_details.has_ligand_of_interest   N 
_pdbx_entry_details.compound_details         ? 
_pdbx_entry_details.source_details           ? 
_pdbx_entry_details.nonpolymer_details       ? 
_pdbx_entry_details.sequence_details         ? 
# 
loop_
_pdbx_validate_close_contact.id 
_pdbx_validate_close_contact.PDB_model_num 
_pdbx_validate_close_contact.auth_atom_id_1 
_pdbx_validate_close_contact.auth_asym_id_1 
_pdbx_validate_close_contact.auth_comp_id_1 
_pdbx_validate_close_contact.auth_seq_id_1 
_pdbx_validate_close_contact.PDB_ins_code_1 
_pdbx_validate_close_contact.label_alt_id_1 
_pdbx_validate_close_contact.auth_atom_id_2 
_pdbx_validate_close_contact.auth_asym_id_2 
_pdbx_validate_close_contact.auth_comp_id_2 
_pdbx_validate_close_contact.auth_seq_id_2 
_pdbx_validate_close_contact.PDB_ins_code_2 
_pdbx_validate_close_contact.label_alt_id_2 
_pdbx_validate_close_contact.dist 
1  1 O   A HOH 215 ? ? O A HOH 230 ? ? 1.64 
2  1 NE  D ARG 14  ? ? O D HOH 101 ? ? 1.82 
3  1 N   A LYS 5   ? ? O A HOH 201 ? ? 1.83 
4  1 O   A HOH 226 ? ? O A HOH 234 ? ? 1.83 
5  1 NE  B ARG 9   ? ? O B HOH 101 ? ? 1.85 
6  1 N   D LYS 5   ? ? O D HOH 102 ? ? 1.93 
7  1 O   C HOH 201 ? ? O C HOH 211 ? ? 1.96 
8  1 O   A HOH 213 ? ? O A HOH 230 ? ? 1.99 
9  1 N   B LYS 5   ? ? O B HOH 102 ? ? 2.00 
10 1 O   B LYS 45  ? ? O B HOH 103 ? ? 2.02 
11 1 OD2 D ASP 26  ? ? O D HOH 103 ? ? 2.03 
12 1 O   A LYS 20  ? ? O A HOH 202 ? ? 2.10 
13 1 NH2 D ARG 21  ? ? O D HOH 104 ? ? 2.11 
14 1 O   B HOH 102 ? ? O B HOH 126 ? ? 2.17 
# 
loop_
_pdbx_validate_symm_contact.id 
_pdbx_validate_symm_contact.PDB_model_num 
_pdbx_validate_symm_contact.auth_atom_id_1 
_pdbx_validate_symm_contact.auth_asym_id_1 
_pdbx_validate_symm_contact.auth_comp_id_1 
_pdbx_validate_symm_contact.auth_seq_id_1 
_pdbx_validate_symm_contact.PDB_ins_code_1 
_pdbx_validate_symm_contact.label_alt_id_1 
_pdbx_validate_symm_contact.site_symmetry_1 
_pdbx_validate_symm_contact.auth_atom_id_2 
_pdbx_validate_symm_contact.auth_asym_id_2 
_pdbx_validate_symm_contact.auth_comp_id_2 
_pdbx_validate_symm_contact.auth_seq_id_2 
_pdbx_validate_symm_contact.PDB_ins_code_2 
_pdbx_validate_symm_contact.label_alt_id_2 
_pdbx_validate_symm_contact.site_symmetry_2 
_pdbx_validate_symm_contact.dist 
1 1 OE1 C GLU 12  ? ? 1_555 O4B C LMR 101 ? ? 6_555 1.81 
2 1 O   A HOH 228 ? ? 1_555 O   C HOH 213 ? ? 3_554 1.94 
# 
loop_
_pdbx_unobs_or_zero_occ_residues.id 
_pdbx_unobs_or_zero_occ_residues.PDB_model_num 
_pdbx_unobs_or_zero_occ_residues.polymer_flag 
_pdbx_unobs_or_zero_occ_residues.occupancy_flag 
_pdbx_unobs_or_zero_occ_residues.auth_asym_id 
_pdbx_unobs_or_zero_occ_residues.auth_comp_id 
_pdbx_unobs_or_zero_occ_residues.auth_seq_id 
_pdbx_unobs_or_zero_occ_residues.PDB_ins_code 
_pdbx_unobs_or_zero_occ_residues.label_asym_id 
_pdbx_unobs_or_zero_occ_residues.label_comp_id 
_pdbx_unobs_or_zero_occ_residues.label_seq_id 
1  1 Y 1 A GLY -1 ? A GLY 1 
2  1 Y 1 A PRO 0  ? A PRO 2 
3  1 Y 1 A MET 1  ? A MET 3 
4  1 Y 1 A PRO 2  ? A PRO 4 
5  1 Y 1 A GLY 3  ? A GLY 5 
6  1 Y 1 A LYS 4  ? A LYS 6 
7  1 Y 1 B GLY -1 ? B GLY 1 
8  1 Y 1 B PRO 0  ? B PRO 2 
9  1 Y 1 B MET 1  ? B MET 3 
10 1 Y 1 B PRO 2  ? B PRO 4 
11 1 Y 1 B GLY 3  ? B GLY 5 
12 1 Y 1 B LYS 4  ? B LYS 6 
13 1 Y 1 C GLY -1 ? C GLY 1 
14 1 Y 1 C PRO 0  ? C PRO 2 
15 1 Y 1 C MET 1  ? C MET 3 
16 1 Y 1 C PRO 2  ? C PRO 4 
17 1 Y 1 C GLY 3  ? C GLY 5 
18 1 Y 1 C LYS 4  ? C LYS 6 
19 1 Y 1 D GLY -1 ? D GLY 1 
20 1 Y 1 D PRO 0  ? D PRO 2 
21 1 Y 1 D MET 1  ? D MET 3 
22 1 Y 1 D PRO 2  ? D PRO 4 
23 1 Y 1 D GLY 3  ? D GLY 5 
24 1 Y 1 D LYS 4  ? D LYS 6 
# 
loop_
_chem_comp_atom.comp_id 
_chem_comp_atom.atom_id 
_chem_comp_atom.type_symbol 
_chem_comp_atom.pdbx_aromatic_flag 
_chem_comp_atom.pdbx_stereo_config 
_chem_comp_atom.pdbx_ordinal 
ALA N    N N N 1   
ALA CA   C N S 2   
ALA C    C N N 3   
ALA O    O N N 4   
ALA CB   C N N 5   
ALA OXT  O N N 6   
ALA H    H N N 7   
ALA H2   H N N 8   
ALA HA   H N N 9   
ALA HB1  H N N 10  
ALA HB2  H N N 11  
ALA HB3  H N N 12  
ALA HXT  H N N 13  
ARG N    N N N 14  
ARG CA   C N S 15  
ARG C    C N N 16  
ARG O    O N N 17  
ARG CB   C N N 18  
ARG CG   C N N 19  
ARG CD   C N N 20  
ARG NE   N N N 21  
ARG CZ   C N N 22  
ARG NH1  N N N 23  
ARG NH2  N N N 24  
ARG OXT  O N N 25  
ARG H    H N N 26  
ARG H2   H N N 27  
ARG HA   H N N 28  
ARG HB2  H N N 29  
ARG HB3  H N N 30  
ARG HG2  H N N 31  
ARG HG3  H N N 32  
ARG HD2  H N N 33  
ARG HD3  H N N 34  
ARG HE   H N N 35  
ARG HH11 H N N 36  
ARG HH12 H N N 37  
ARG HH21 H N N 38  
ARG HH22 H N N 39  
ARG HXT  H N N 40  
ASP N    N N N 41  
ASP CA   C N S 42  
ASP C    C N N 43  
ASP O    O N N 44  
ASP CB   C N N 45  
ASP CG   C N N 46  
ASP OD1  O N N 47  
ASP OD2  O N N 48  
ASP OXT  O N N 49  
ASP H    H N N 50  
ASP H2   H N N 51  
ASP HA   H N N 52  
ASP HB2  H N N 53  
ASP HB3  H N N 54  
ASP HD2  H N N 55  
ASP HXT  H N N 56  
GLU N    N N N 57  
GLU CA   C N S 58  
GLU C    C N N 59  
GLU O    O N N 60  
GLU CB   C N N 61  
GLU CG   C N N 62  
GLU CD   C N N 63  
GLU OE1  O N N 64  
GLU OE2  O N N 65  
GLU OXT  O N N 66  
GLU H    H N N 67  
GLU H2   H N N 68  
GLU HA   H N N 69  
GLU HB2  H N N 70  
GLU HB3  H N N 71  
GLU HG2  H N N 72  
GLU HG3  H N N 73  
GLU HE2  H N N 74  
GLU HXT  H N N 75  
GLY N    N N N 76  
GLY CA   C N N 77  
GLY C    C N N 78  
GLY O    O N N 79  
GLY OXT  O N N 80  
GLY H    H N N 81  
GLY H2   H N N 82  
GLY HA2  H N N 83  
GLY HA3  H N N 84  
GLY HXT  H N N 85  
HOH O    O N N 86  
HOH H1   H N N 87  
HOH H2   H N N 88  
LMR C1   C N N 89  
LMR O1A  O N N 90  
LMR O1B  O N N 91  
LMR C2   C N S 92  
LMR O2   O N N 93  
LMR C3   C N N 94  
LMR C4   C N N 95  
LMR O4A  O N N 96  
LMR O4B  O N N 97  
LMR H2   H N N 98  
LMR HO2  H N N 99  
LMR H3   H N N 100 
LMR H3A  H N N 101 
LMR H4   H N N 102 
LMR H5   H N N 103 
LYS N    N N N 104 
LYS CA   C N S 105 
LYS C    C N N 106 
LYS O    O N N 107 
LYS CB   C N N 108 
LYS CG   C N N 109 
LYS CD   C N N 110 
LYS CE   C N N 111 
LYS NZ   N N N 112 
LYS OXT  O N N 113 
LYS H    H N N 114 
LYS H2   H N N 115 
LYS HA   H N N 116 
LYS HB2  H N N 117 
LYS HB3  H N N 118 
LYS HG2  H N N 119 
LYS HG3  H N N 120 
LYS HD2  H N N 121 
LYS HD3  H N N 122 
LYS HE2  H N N 123 
LYS HE3  H N N 124 
LYS HZ1  H N N 125 
LYS HZ2  H N N 126 
LYS HZ3  H N N 127 
LYS HXT  H N N 128 
MET N    N N N 129 
MET CA   C N S 130 
MET C    C N N 131 
MET O    O N N 132 
MET CB   C N N 133 
MET CG   C N N 134 
MET SD   S N N 135 
MET CE   C N N 136 
MET OXT  O N N 137 
MET H    H N N 138 
MET H2   H N N 139 
MET HA   H N N 140 
MET HB2  H N N 141 
MET HB3  H N N 142 
MET HG2  H N N 143 
MET HG3  H N N 144 
MET HE1  H N N 145 
MET HE2  H N N 146 
MET HE3  H N N 147 
MET HXT  H N N 148 
MLT C1   C N N 149 
MLT O1   O N N 150 
MLT O2   O N N 151 
MLT C2   C N R 152 
MLT O3   O N N 153 
MLT C3   C N N 154 
MLT C4   C N N 155 
MLT O4   O N N 156 
MLT O5   O N N 157 
MLT H2   H N N 158 
MLT HO3  H N N 159 
MLT H31  H N N 160 
MLT H32  H N N 161 
MLT HO5  H N N 162 
MLT H6   H N N 163 
PRO N    N N N 164 
PRO CA   C N S 165 
PRO C    C N N 166 
PRO O    O N N 167 
PRO CB   C N N 168 
PRO CG   C N N 169 
PRO CD   C N N 170 
PRO OXT  O N N 171 
PRO H    H N N 172 
PRO HA   H N N 173 
PRO HB2  H N N 174 
PRO HB3  H N N 175 
PRO HG2  H N N 176 
PRO HG3  H N N 177 
PRO HD2  H N N 178 
PRO HD3  H N N 179 
PRO HXT  H N N 180 
VAL N    N N N 181 
VAL CA   C N S 182 
VAL C    C N N 183 
VAL O    O N N 184 
VAL CB   C N N 185 
VAL CG1  C N N 186 
VAL CG2  C N N 187 
VAL OXT  O N N 188 
VAL H    H N N 189 
VAL H2   H N N 190 
VAL HA   H N N 191 
VAL HB   H N N 192 
VAL HG11 H N N 193 
VAL HG12 H N N 194 
VAL HG13 H N N 195 
VAL HG21 H N N 196 
VAL HG22 H N N 197 
VAL HG23 H N N 198 
VAL HXT  H N N 199 
# 
loop_
_chem_comp_bond.comp_id 
_chem_comp_bond.atom_id_1 
_chem_comp_bond.atom_id_2 
_chem_comp_bond.value_order 
_chem_comp_bond.pdbx_aromatic_flag 
_chem_comp_bond.pdbx_stereo_config 
_chem_comp_bond.pdbx_ordinal 
ALA N   CA   sing N N 1   
ALA N   H    sing N N 2   
ALA N   H2   sing N N 3   
ALA CA  C    sing N N 4   
ALA CA  CB   sing N N 5   
ALA CA  HA   sing N N 6   
ALA C   O    doub N N 7   
ALA C   OXT  sing N N 8   
ALA CB  HB1  sing N N 9   
ALA CB  HB2  sing N N 10  
ALA CB  HB3  sing N N 11  
ALA OXT HXT  sing N N 12  
ARG N   CA   sing N N 13  
ARG N   H    sing N N 14  
ARG N   H2   sing N N 15  
ARG CA  C    sing N N 16  
ARG CA  CB   sing N N 17  
ARG CA  HA   sing N N 18  
ARG C   O    doub N N 19  
ARG C   OXT  sing N N 20  
ARG CB  CG   sing N N 21  
ARG CB  HB2  sing N N 22  
ARG CB  HB3  sing N N 23  
ARG CG  CD   sing N N 24  
ARG CG  HG2  sing N N 25  
ARG CG  HG3  sing N N 26  
ARG CD  NE   sing N N 27  
ARG CD  HD2  sing N N 28  
ARG CD  HD3  sing N N 29  
ARG NE  CZ   sing N N 30  
ARG NE  HE   sing N N 31  
ARG CZ  NH1  sing N N 32  
ARG CZ  NH2  doub N N 33  
ARG NH1 HH11 sing N N 34  
ARG NH1 HH12 sing N N 35  
ARG NH2 HH21 sing N N 36  
ARG NH2 HH22 sing N N 37  
ARG OXT HXT  sing N N 38  
ASP N   CA   sing N N 39  
ASP N   H    sing N N 40  
ASP N   H2   sing N N 41  
ASP CA  C    sing N N 42  
ASP CA  CB   sing N N 43  
ASP CA  HA   sing N N 44  
ASP C   O    doub N N 45  
ASP C   OXT  sing N N 46  
ASP CB  CG   sing N N 47  
ASP CB  HB2  sing N N 48  
ASP CB  HB3  sing N N 49  
ASP CG  OD1  doub N N 50  
ASP CG  OD2  sing N N 51  
ASP OD2 HD2  sing N N 52  
ASP OXT HXT  sing N N 53  
GLU N   CA   sing N N 54  
GLU N   H    sing N N 55  
GLU N   H2   sing N N 56  
GLU CA  C    sing N N 57  
GLU CA  CB   sing N N 58  
GLU CA  HA   sing N N 59  
GLU C   O    doub N N 60  
GLU C   OXT  sing N N 61  
GLU CB  CG   sing N N 62  
GLU CB  HB2  sing N N 63  
GLU CB  HB3  sing N N 64  
GLU CG  CD   sing N N 65  
GLU CG  HG2  sing N N 66  
GLU CG  HG3  sing N N 67  
GLU CD  OE1  doub N N 68  
GLU CD  OE2  sing N N 69  
GLU OE2 HE2  sing N N 70  
GLU OXT HXT  sing N N 71  
GLY N   CA   sing N N 72  
GLY N   H    sing N N 73  
GLY N   H2   sing N N 74  
GLY CA  C    sing N N 75  
GLY CA  HA2  sing N N 76  
GLY CA  HA3  sing N N 77  
GLY C   O    doub N N 78  
GLY C   OXT  sing N N 79  
GLY OXT HXT  sing N N 80  
HOH O   H1   sing N N 81  
HOH O   H2   sing N N 82  
LMR C1  O1A  doub N N 83  
LMR C1  O1B  sing N N 84  
LMR C1  C2   sing N N 85  
LMR C2  O2   sing N N 86  
LMR C2  C3   sing N N 87  
LMR C3  C4   sing N N 88  
LMR C4  O4A  sing N N 89  
LMR C4  O4B  doub N N 90  
LMR C2  H2   sing N N 91  
LMR O2  HO2  sing N N 92  
LMR C3  H3   sing N N 93  
LMR C3  H3A  sing N N 94  
LMR O1B H4   sing N N 95  
LMR O4A H5   sing N N 96  
LYS N   CA   sing N N 97  
LYS N   H    sing N N 98  
LYS N   H2   sing N N 99  
LYS CA  C    sing N N 100 
LYS CA  CB   sing N N 101 
LYS CA  HA   sing N N 102 
LYS C   O    doub N N 103 
LYS C   OXT  sing N N 104 
LYS CB  CG   sing N N 105 
LYS CB  HB2  sing N N 106 
LYS CB  HB3  sing N N 107 
LYS CG  CD   sing N N 108 
LYS CG  HG2  sing N N 109 
LYS CG  HG3  sing N N 110 
LYS CD  CE   sing N N 111 
LYS CD  HD2  sing N N 112 
LYS CD  HD3  sing N N 113 
LYS CE  NZ   sing N N 114 
LYS CE  HE2  sing N N 115 
LYS CE  HE3  sing N N 116 
LYS NZ  HZ1  sing N N 117 
LYS NZ  HZ2  sing N N 118 
LYS NZ  HZ3  sing N N 119 
LYS OXT HXT  sing N N 120 
MET N   CA   sing N N 121 
MET N   H    sing N N 122 
MET N   H2   sing N N 123 
MET CA  C    sing N N 124 
MET CA  CB   sing N N 125 
MET CA  HA   sing N N 126 
MET C   O    doub N N 127 
MET C   OXT  sing N N 128 
MET CB  CG   sing N N 129 
MET CB  HB2  sing N N 130 
MET CB  HB3  sing N N 131 
MET CG  SD   sing N N 132 
MET CG  HG2  sing N N 133 
MET CG  HG3  sing N N 134 
MET SD  CE   sing N N 135 
MET CE  HE1  sing N N 136 
MET CE  HE2  sing N N 137 
MET CE  HE3  sing N N 138 
MET OXT HXT  sing N N 139 
MLT C1  O1   doub N N 140 
MLT C1  O2   sing N N 141 
MLT C1  C2   sing N N 142 
MLT C2  O3   sing N N 143 
MLT C2  C3   sing N N 144 
MLT C2  H2   sing N N 145 
MLT O3  HO3  sing N N 146 
MLT C3  C4   sing N N 147 
MLT C3  H31  sing N N 148 
MLT C3  H32  sing N N 149 
MLT C4  O4   doub N N 150 
MLT C4  O5   sing N N 151 
MLT O5  HO5  sing N N 152 
MLT O2  H6   sing N N 153 
PRO N   CA   sing N N 154 
PRO N   CD   sing N N 155 
PRO N   H    sing N N 156 
PRO CA  C    sing N N 157 
PRO CA  CB   sing N N 158 
PRO CA  HA   sing N N 159 
PRO C   O    doub N N 160 
PRO C   OXT  sing N N 161 
PRO CB  CG   sing N N 162 
PRO CB  HB2  sing N N 163 
PRO CB  HB3  sing N N 164 
PRO CG  CD   sing N N 165 
PRO CG  HG2  sing N N 166 
PRO CG  HG3  sing N N 167 
PRO CD  HD2  sing N N 168 
PRO CD  HD3  sing N N 169 
PRO OXT HXT  sing N N 170 
VAL N   CA   sing N N 171 
VAL N   H    sing N N 172 
VAL N   H2   sing N N 173 
VAL CA  C    sing N N 174 
VAL CA  CB   sing N N 175 
VAL CA  HA   sing N N 176 
VAL C   O    doub N N 177 
VAL C   OXT  sing N N 178 
VAL CB  CG1  sing N N 179 
VAL CB  CG2  sing N N 180 
VAL CB  HB   sing N N 181 
VAL CG1 HG11 sing N N 182 
VAL CG1 HG12 sing N N 183 
VAL CG1 HG13 sing N N 184 
VAL CG2 HG21 sing N N 185 
VAL CG2 HG22 sing N N 186 
VAL CG2 HG23 sing N N 187 
VAL OXT HXT  sing N N 188 
# 
_pdbx_audit_support.funding_organization   'Japan Society for the Promotion of Science (JSPS)' 
_pdbx_audit_support.country                Japan 
_pdbx_audit_support.grant_number           18H01328 
_pdbx_audit_support.ordinal                1 
# 
loop_
_pdbx_entity_nonpoly.entity_id 
_pdbx_entity_nonpoly.name 
_pdbx_entity_nonpoly.comp_id 
2 D-MALATE                         MLT 
3 '(2S)-2-hydroxybutanedioic acid' LMR 
4 water                            HOH 
# 
_pdbx_initial_refinement_model.id               1 
_pdbx_initial_refinement_model.entity_id_list   ? 
_pdbx_initial_refinement_model.type             'experimental model' 
_pdbx_initial_refinement_model.source_name      PDB 
_pdbx_initial_refinement_model.accession_code   7DXZ 
_pdbx_initial_refinement_model.details          ? 
# 
_pdbx_struct_assembly_auth_evidence.id                     1 
_pdbx_struct_assembly_auth_evidence.assembly_id            1 
_pdbx_struct_assembly_auth_evidence.experimental_support   none 
_pdbx_struct_assembly_auth_evidence.details                ? 
# 
